data_2LKH
#
_entry.id   2LKH
#
_entity_poly.entity_id   1
_entity_poly.type   'polypeptide(L)'
_entity_poly.pdbx_seq_one_letter_code
;MAHHHHHHAMVIDHILKCVFDKICKIGTESVEAGRLIELSQEGGGGGGPLYFVVNVIEPCKKFSELTGLVFYLPTDSGEK
MTESKSVLKSLTEKLKKIVELIPSTSSAVPLIGKYMLFTKEFVESSIKITEEVINTHHRS
;
_entity_poly.pdbx_strand_id   A
#
# COMPACT_ATOMS: atom_id res chain seq x y z
N MET A 1 21.37 13.18 12.96
CA MET A 1 20.29 13.34 13.93
C MET A 1 20.20 14.78 14.41
N ALA A 2 19.00 15.35 14.35
CA ALA A 2 18.78 16.73 14.77
C ALA A 2 18.85 16.85 16.29
N HIS A 3 19.42 17.95 16.78
CA HIS A 3 19.54 18.18 18.21
C HIS A 3 18.55 19.24 18.68
N HIS A 4 18.83 20.49 18.35
CA HIS A 4 17.95 21.59 18.74
C HIS A 4 16.73 21.66 17.84
N HIS A 5 16.89 21.25 16.58
CA HIS A 5 15.81 21.27 15.62
C HIS A 5 14.59 20.49 16.15
N HIS A 6 13.58 21.23 16.58
CA HIS A 6 12.36 20.62 17.12
C HIS A 6 11.24 20.67 16.09
N HIS A 7 11.29 21.64 15.19
CA HIS A 7 10.28 21.79 14.16
C HIS A 7 10.37 20.66 13.15
N HIS A 8 9.25 20.37 12.49
CA HIS A 8 9.19 19.31 11.49
C HIS A 8 8.32 19.71 10.31
N ALA A 9 8.95 19.95 9.16
CA ALA A 9 8.23 20.35 7.96
C ALA A 9 9.12 20.28 6.73
N MET A 10 10.32 20.85 6.85
CA MET A 10 11.28 20.85 5.76
C MET A 10 12.01 19.51 5.66
N VAL A 11 12.44 19.00 6.81
CA VAL A 11 13.15 17.73 6.85
C VAL A 11 12.17 16.56 7.03
N ILE A 12 10.97 16.87 7.51
CA ILE A 12 9.95 15.85 7.72
C ILE A 12 9.21 15.54 6.43
N ASP A 13 9.13 16.52 5.54
CA ASP A 13 8.44 16.35 4.27
C ASP A 13 9.32 15.58 3.28
N HIS A 14 10.62 15.54 3.56
CA HIS A 14 11.56 14.84 2.70
C HIS A 14 11.53 13.34 2.94
N ILE A 15 11.30 12.97 4.20
CA ILE A 15 11.24 11.56 4.58
C ILE A 15 10.20 10.81 3.75
N LEU A 16 9.21 11.54 3.27
CA LEU A 16 8.15 10.95 2.46
C LEU A 16 8.73 10.22 1.25
N LYS A 17 9.79 10.77 0.68
CA LYS A 17 10.44 10.18 -0.48
C LYS A 17 10.97 8.79 -0.14
N CYS A 18 11.12 8.51 1.15
CA CYS A 18 11.63 7.22 1.59
C CYS A 18 10.54 6.15 1.51
N VAL A 19 9.31 6.53 1.85
CA VAL A 19 8.18 5.61 1.80
C VAL A 19 7.53 5.61 0.44
N PHE A 20 7.63 6.74 -0.27
CA PHE A 20 7.04 6.87 -1.59
C PHE A 20 7.94 6.24 -2.66
N ASP A 21 9.21 6.06 -2.30
CA ASP A 21 10.18 5.47 -3.22
C ASP A 21 9.88 3.99 -3.45
N LYS A 22 9.79 3.23 -2.36
CA LYS A 22 9.51 1.80 -2.45
C LYS A 22 8.12 1.56 -3.02
N ILE A 23 7.18 2.44 -2.69
CA ILE A 23 5.81 2.33 -3.17
C ILE A 23 5.77 2.18 -4.69
N CYS A 24 6.72 2.82 -5.36
CA CYS A 24 6.80 2.76 -6.83
C CYS A 24 7.46 1.46 -7.28
N LYS A 25 8.35 0.93 -6.44
CA LYS A 25 9.06 -0.31 -6.76
C LYS A 25 8.15 -1.52 -6.57
N ILE A 26 7.63 -1.69 -5.36
CA ILE A 26 6.74 -2.80 -5.06
C ILE A 26 5.50 -2.77 -5.94
N GLY A 27 5.13 -1.57 -6.39
CA GLY A 27 3.97 -1.43 -7.24
C GLY A 27 4.08 -2.21 -8.53
N THR A 28 5.28 -2.23 -9.10
CA THR A 28 5.53 -2.94 -10.35
C THR A 28 5.99 -4.37 -10.09
N GLU A 29 6.56 -4.59 -8.90
CA GLU A 29 7.05 -5.91 -8.53
C GLU A 29 5.89 -6.86 -8.25
N SER A 30 4.79 -6.31 -7.74
CA SER A 30 3.61 -7.11 -7.42
C SER A 30 2.88 -7.52 -8.69
N VAL A 31 2.90 -6.65 -9.69
CA VAL A 31 2.23 -6.91 -10.96
C VAL A 31 2.84 -8.13 -11.65
N GLU A 32 4.07 -8.48 -11.27
CA GLU A 32 4.76 -9.62 -11.84
C GLU A 32 4.39 -10.90 -11.12
N ALA A 33 4.66 -10.95 -9.82
CA ALA A 33 4.36 -12.11 -9.00
C ALA A 33 2.87 -12.47 -9.09
N GLY A 34 2.05 -11.49 -9.45
CA GLY A 34 0.62 -11.71 -9.56
C GLY A 34 0.25 -12.43 -10.84
N ARG A 35 0.92 -12.09 -11.94
CA ARG A 35 0.65 -12.71 -13.23
C ARG A 35 1.49 -13.97 -13.41
N LEU A 36 2.61 -14.03 -12.70
CA LEU A 36 3.51 -15.17 -12.79
C LEU A 36 2.96 -16.36 -12.01
N ILE A 37 2.37 -16.08 -10.85
CA ILE A 37 1.81 -17.12 -10.01
C ILE A 37 0.50 -17.65 -10.59
N GLU A 38 -0.32 -16.73 -11.12
CA GLU A 38 -1.60 -17.11 -11.71
C GLU A 38 -1.40 -17.97 -12.94
N LEU A 39 -0.69 -17.42 -13.93
CA LEU A 39 -0.42 -18.13 -15.17
C LEU A 39 0.14 -19.53 -14.89
N SER A 40 0.96 -19.63 -13.84
CA SER A 40 1.56 -20.91 -13.46
C SER A 40 0.49 -21.95 -13.19
N GLN A 41 -0.61 -21.52 -12.56
CA GLN A 41 -1.71 -22.42 -12.25
C GLN A 41 -2.63 -22.60 -13.44
N GLU A 42 -2.88 -21.52 -14.16
CA GLU A 42 -3.74 -21.55 -15.34
C GLU A 42 -3.85 -20.18 -15.99
N GLY A 43 -3.82 -19.14 -15.16
CA GLY A 43 -3.91 -17.78 -15.67
C GLY A 43 -5.30 -17.43 -16.15
N GLY A 44 -6.26 -18.30 -15.86
CA GLY A 44 -7.63 -18.07 -16.28
C GLY A 44 -8.14 -16.71 -15.86
N GLY A 45 -9.08 -16.16 -16.63
CA GLY A 45 -9.62 -14.86 -16.32
C GLY A 45 -10.23 -14.17 -17.52
N GLY A 46 -11.28 -13.38 -17.31
CA GLY A 46 -11.93 -12.69 -18.40
C GLY A 46 -11.14 -11.47 -18.86
N GLY A 47 -11.26 -10.38 -18.10
CA GLY A 47 -10.56 -9.16 -18.45
C GLY A 47 -9.07 -9.39 -18.67
N GLY A 48 -8.38 -8.36 -19.15
CA GLY A 48 -6.96 -8.48 -19.39
C GLY A 48 -6.12 -8.08 -18.19
N PRO A 49 -4.79 -8.14 -18.33
CA PRO A 49 -3.86 -7.80 -17.25
C PRO A 49 -3.86 -6.30 -16.94
N LEU A 50 -4.51 -5.52 -17.80
CA LEU A 50 -4.59 -4.07 -17.62
C LEU A 50 -5.68 -3.72 -16.61
N TYR A 51 -6.64 -4.61 -16.44
CA TYR A 51 -7.73 -4.39 -15.51
C TYR A 51 -7.28 -4.58 -14.07
N PHE A 52 -6.31 -5.47 -13.87
CA PHE A 52 -5.79 -5.74 -12.54
C PHE A 52 -5.11 -4.50 -11.95
N VAL A 53 -4.47 -3.71 -12.81
CA VAL A 53 -3.79 -2.50 -12.38
C VAL A 53 -4.75 -1.31 -12.39
N VAL A 54 -5.77 -1.39 -13.22
CA VAL A 54 -6.76 -0.32 -13.32
C VAL A 54 -7.76 -0.39 -12.18
N ASN A 55 -8.02 -1.60 -11.70
CA ASN A 55 -8.95 -1.80 -10.60
C ASN A 55 -8.25 -1.70 -9.25
N VAL A 56 -6.95 -1.98 -9.25
CA VAL A 56 -6.15 -1.92 -8.03
C VAL A 56 -5.65 -0.51 -7.77
N ILE A 57 -5.15 0.14 -8.82
CA ILE A 57 -4.62 1.50 -8.70
C ILE A 57 -5.76 2.51 -8.59
N GLU A 58 -6.94 2.13 -9.07
CA GLU A 58 -8.10 3.01 -9.03
C GLU A 58 -8.32 3.53 -7.60
N PRO A 59 -8.55 2.61 -6.67
CA PRO A 59 -8.79 2.96 -5.25
C PRO A 59 -7.53 3.49 -4.57
N CYS A 60 -6.37 2.98 -4.99
CA CYS A 60 -5.11 3.40 -4.42
C CYS A 60 -4.84 4.88 -4.71
N LYS A 61 -5.36 5.36 -5.83
CA LYS A 61 -5.19 6.76 -6.23
C LYS A 61 -5.71 7.69 -5.15
N LYS A 62 -6.99 7.57 -4.82
CA LYS A 62 -7.61 8.41 -3.79
C LYS A 62 -6.85 8.30 -2.48
N PHE A 63 -6.18 7.16 -2.28
CA PHE A 63 -5.41 6.94 -1.06
C PHE A 63 -4.02 7.58 -1.16
N SER A 64 -3.54 7.75 -2.38
CA SER A 64 -2.23 8.34 -2.62
C SER A 64 -2.13 9.71 -1.93
N GLU A 65 -3.24 10.44 -1.91
CA GLU A 65 -3.27 11.76 -1.29
C GLU A 65 -2.99 11.66 0.21
N LEU A 66 -3.24 10.49 0.78
CA LEU A 66 -3.01 10.27 2.20
C LEU A 66 -1.53 10.34 2.54
N THR A 67 -0.70 9.87 1.61
CA THR A 67 0.76 9.88 1.81
C THR A 67 1.27 11.30 1.95
N GLY A 68 0.47 12.27 1.53
CA GLY A 68 0.87 13.67 1.61
C GLY A 68 0.23 14.38 2.79
N LEU A 69 -0.80 13.77 3.37
CA LEU A 69 -1.49 14.35 4.51
C LEU A 69 -0.87 13.89 5.83
N VAL A 70 0.01 12.89 5.75
CA VAL A 70 0.68 12.36 6.92
C VAL A 70 2.04 13.02 7.13
N PHE A 71 2.69 13.39 6.03
CA PHE A 71 4.00 14.03 6.08
C PHE A 71 3.86 15.54 6.00
N TYR A 72 2.63 16.03 5.92
CA TYR A 72 2.36 17.46 5.84
C TYR A 72 1.43 17.90 6.96
N LEU A 73 0.26 17.27 7.02
CA LEU A 73 -0.73 17.60 8.05
C LEU A 73 -0.93 16.44 9.01
N PRO A 74 0.07 16.21 9.87
CA PRO A 74 0.03 15.12 10.86
C PRO A 74 -1.00 15.38 11.97
N THR A 75 -1.86 14.40 12.22
CA THR A 75 -2.88 14.52 13.24
C THR A 75 -2.60 13.59 14.42
N ASP A 76 -1.71 12.63 14.20
CA ASP A 76 -1.36 11.67 15.24
C ASP A 76 -0.29 10.70 14.75
N SER A 77 0.01 9.68 15.55
CA SER A 77 1.01 8.69 15.20
C SER A 77 0.61 7.93 13.94
N GLY A 78 -0.67 8.02 13.59
CA GLY A 78 -1.17 7.33 12.41
C GLY A 78 -2.64 7.57 12.18
N GLU A 79 -3.08 8.81 12.41
CA GLU A 79 -4.48 9.17 12.22
C GLU A 79 -4.90 8.98 10.76
N LYS A 80 -4.15 9.58 9.86
CA LYS A 80 -4.43 9.49 8.44
C LYS A 80 -3.90 8.18 7.86
N MET A 81 -2.95 7.57 8.56
CA MET A 81 -2.37 6.32 8.12
C MET A 81 -3.30 5.15 8.39
N THR A 82 -3.96 5.18 9.55
CA THR A 82 -4.87 4.12 9.94
C THR A 82 -5.98 3.96 8.89
N GLU A 83 -6.27 5.02 8.17
CA GLU A 83 -7.31 5.00 7.14
C GLU A 83 -6.78 4.35 5.86
N SER A 84 -5.46 4.32 5.72
CA SER A 84 -4.83 3.75 4.53
C SER A 84 -4.92 2.23 4.56
N LYS A 85 -5.02 1.66 5.76
CA LYS A 85 -5.11 0.22 5.92
C LYS A 85 -6.55 -0.26 5.71
N SER A 86 -7.51 0.67 5.86
CA SER A 86 -8.91 0.34 5.70
C SER A 86 -9.33 0.46 4.23
N VAL A 87 -8.52 1.17 3.45
CA VAL A 87 -8.80 1.37 2.03
C VAL A 87 -8.38 0.15 1.22
N LEU A 88 -7.35 -0.54 1.69
CA LEU A 88 -6.84 -1.72 1.00
C LEU A 88 -7.61 -2.97 1.42
N LYS A 89 -8.06 -2.99 2.67
CA LYS A 89 -8.81 -4.12 3.20
C LYS A 89 -10.26 -4.07 2.74
N SER A 90 -10.80 -2.86 2.62
CA SER A 90 -12.18 -2.68 2.20
C SER A 90 -12.29 -2.76 0.67
N LEU A 91 -11.16 -2.58 -0.01
CA LEU A 91 -11.13 -2.63 -1.47
C LEU A 91 -11.26 -4.08 -1.96
N THR A 92 -10.48 -4.97 -1.36
CA THR A 92 -10.50 -6.38 -1.73
C THR A 92 -11.91 -6.94 -1.67
N GLU A 93 -12.74 -6.35 -0.81
CA GLU A 93 -14.11 -6.79 -0.66
C GLU A 93 -14.83 -6.86 -2.00
N LYS A 94 -14.54 -5.88 -2.86
CA LYS A 94 -15.15 -5.83 -4.19
C LYS A 94 -14.39 -6.71 -5.16
N LEU A 95 -13.12 -6.97 -4.86
CA LEU A 95 -12.28 -7.81 -5.72
C LEU A 95 -12.58 -9.29 -5.50
N LYS A 96 -13.12 -9.60 -4.33
CA LYS A 96 -13.47 -10.99 -4.00
C LYS A 96 -14.68 -11.45 -4.79
N LYS A 97 -15.61 -10.54 -5.04
CA LYS A 97 -16.82 -10.84 -5.78
C LYS A 97 -16.50 -11.16 -7.24
N ILE A 98 -15.28 -10.85 -7.65
CA ILE A 98 -14.84 -11.09 -9.02
C ILE A 98 -15.11 -12.54 -9.43
N VAL A 99 -15.19 -13.42 -8.45
CA VAL A 99 -15.45 -14.83 -8.70
C VAL A 99 -16.77 -15.02 -9.45
N GLU A 100 -17.63 -14.02 -9.38
CA GLU A 100 -18.94 -14.08 -10.04
C GLU A 100 -18.83 -13.56 -11.47
N LEU A 101 -17.75 -12.85 -11.76
CA LEU A 101 -17.53 -12.29 -13.09
C LEU A 101 -16.82 -13.31 -13.99
N ILE A 102 -15.58 -13.63 -13.66
CA ILE A 102 -14.79 -14.58 -14.43
C ILE A 102 -13.90 -15.41 -13.53
N PRO A 103 -14.50 -16.36 -12.80
CA PRO A 103 -13.77 -17.25 -11.89
C PRO A 103 -12.89 -18.24 -12.64
N SER A 104 -11.73 -18.55 -12.06
CA SER A 104 -10.79 -19.49 -12.67
C SER A 104 -9.73 -19.91 -11.67
N THR A 105 -9.41 -21.20 -11.65
CA THR A 105 -8.40 -21.74 -10.74
C THR A 105 -8.77 -21.47 -9.29
N SER A 106 -9.36 -22.47 -8.64
CA SER A 106 -9.76 -22.35 -7.24
C SER A 106 -8.58 -22.55 -6.30
N SER A 107 -7.47 -23.03 -6.86
CA SER A 107 -6.26 -23.28 -6.08
C SER A 107 -5.43 -22.01 -5.95
N ALA A 108 -5.49 -21.16 -6.97
CA ALA A 108 -4.74 -19.91 -6.97
C ALA A 108 -5.46 -18.85 -6.15
N VAL A 109 -6.75 -19.07 -5.89
CA VAL A 109 -7.55 -18.14 -5.11
C VAL A 109 -6.93 -17.87 -3.74
N PRO A 110 -6.73 -18.96 -2.97
CA PRO A 110 -6.14 -18.87 -1.63
C PRO A 110 -4.66 -18.51 -1.67
N LEU A 111 -4.03 -18.71 -2.83
CA LEU A 111 -2.62 -18.41 -3.00
C LEU A 111 -2.39 -16.90 -3.08
N ILE A 112 -3.09 -16.24 -3.99
CA ILE A 112 -2.96 -14.81 -4.17
C ILE A 112 -3.27 -14.08 -2.86
N GLY A 113 -4.05 -14.71 -1.99
CA GLY A 113 -4.40 -14.11 -0.72
C GLY A 113 -3.19 -13.64 0.05
N LYS A 114 -2.08 -14.35 -0.10
CA LYS A 114 -0.84 -14.00 0.58
C LYS A 114 -0.14 -12.83 -0.10
N TYR A 115 -0.35 -12.71 -1.41
CA TYR A 115 0.26 -11.63 -2.18
C TYR A 115 -0.52 -10.34 -2.03
N MET A 116 -1.84 -10.46 -1.88
CA MET A 116 -2.70 -9.30 -1.73
C MET A 116 -2.41 -8.57 -0.41
N LEU A 117 -2.48 -9.31 0.69
CA LEU A 117 -2.22 -8.73 2.01
C LEU A 117 -0.77 -8.23 2.11
N PHE A 118 0.11 -8.84 1.33
CA PHE A 118 1.52 -8.46 1.33
C PHE A 118 1.68 -6.96 1.11
N THR A 119 1.08 -6.46 0.03
CA THR A 119 1.16 -5.04 -0.29
C THR A 119 0.51 -4.20 0.81
N LYS A 120 -0.51 -4.75 1.46
CA LYS A 120 -1.22 -4.05 2.52
C LYS A 120 -0.34 -3.96 3.78
N GLU A 121 0.45 -5.00 4.02
CA GLU A 121 1.33 -5.03 5.18
C GLU A 121 2.46 -4.02 5.04
N PHE A 122 3.05 -3.97 3.84
CA PHE A 122 4.15 -3.06 3.57
C PHE A 122 3.75 -1.62 3.89
N VAL A 123 2.47 -1.32 3.72
CA VAL A 123 1.96 0.03 3.99
C VAL A 123 2.28 0.45 5.42
N GLU A 124 2.46 -0.52 6.30
CA GLU A 124 2.76 -0.25 7.70
C GLU A 124 4.07 0.53 7.82
N SER A 125 4.89 0.46 6.79
CA SER A 125 6.18 1.15 6.79
C SER A 125 6.00 2.63 7.14
N SER A 126 4.85 3.17 6.78
CA SER A 126 4.55 4.58 7.05
C SER A 126 4.74 4.90 8.53
N ILE A 127 4.31 3.98 9.39
CA ILE A 127 4.42 4.15 10.83
C ILE A 127 5.80 3.73 11.32
N LYS A 128 6.31 2.64 10.77
CA LYS A 128 7.62 2.13 11.16
C LYS A 128 8.69 3.19 10.98
N ILE A 129 8.50 4.06 9.99
CA ILE A 129 9.44 5.13 9.71
C ILE A 129 9.28 6.28 10.69
N THR A 130 8.05 6.75 10.85
CA THR A 130 7.75 7.84 11.76
C THR A 130 8.15 7.49 13.19
N GLU A 131 8.23 6.20 13.47
CA GLU A 131 8.60 5.73 14.81
C GLU A 131 9.99 6.24 15.20
N GLU A 132 10.76 6.65 14.20
CA GLU A 132 12.10 7.16 14.43
C GLU A 132 12.08 8.64 14.79
N VAL A 133 10.98 9.30 14.45
CA VAL A 133 10.82 10.73 14.74
C VAL A 133 10.26 10.94 16.14
N ILE A 134 9.53 9.95 16.64
CA ILE A 134 8.93 10.03 17.96
C ILE A 134 9.97 9.76 19.05
N ASN A 135 11.05 9.07 18.68
CA ASN A 135 12.11 8.74 19.62
C ASN A 135 13.09 9.91 19.75
N THR A 136 13.13 10.76 18.73
CA THR A 136 14.03 11.91 18.72
C THR A 136 13.30 13.17 19.20
N HIS A 137 12.02 13.27 18.87
CA HIS A 137 11.22 14.42 19.26
C HIS A 137 10.96 14.42 20.76
N HIS A 138 10.60 13.26 21.30
CA HIS A 138 10.32 13.13 22.72
C HIS A 138 11.62 13.18 23.52
N ARG A 139 12.74 12.97 22.85
CA ARG A 139 14.04 12.98 23.51
C ARG A 139 14.66 14.37 23.43
N SER A 140 14.40 15.07 22.33
CA SER A 140 14.95 16.42 22.14
C SER A 140 14.12 17.45 22.90
N MET A 1 19.88 8.51 13.69
CA MET A 1 19.31 9.61 12.93
C MET A 1 18.55 10.58 13.85
N ALA A 2 19.30 11.26 14.71
CA ALA A 2 18.71 12.21 15.64
C ALA A 2 18.59 13.60 15.02
N HIS A 3 19.70 14.12 14.52
CA HIS A 3 19.73 15.43 13.88
C HIS A 3 19.33 16.51 14.88
N HIS A 4 19.59 17.76 14.52
CA HIS A 4 19.26 18.90 15.38
C HIS A 4 17.99 19.59 14.91
N HIS A 5 16.87 19.28 15.56
CA HIS A 5 15.60 19.88 15.21
C HIS A 5 14.63 19.87 16.39
N HIS A 6 13.39 20.28 16.16
CA HIS A 6 12.39 20.31 17.21
C HIS A 6 11.02 19.91 16.66
N HIS A 7 10.68 20.44 15.49
CA HIS A 7 9.40 20.14 14.85
C HIS A 7 9.58 19.13 13.72
N HIS A 8 8.48 18.82 13.04
CA HIS A 8 8.51 17.88 11.92
C HIS A 8 7.94 18.51 10.65
N ALA A 9 8.83 18.84 9.72
CA ALA A 9 8.41 19.45 8.46
C ALA A 9 9.59 19.56 7.49
N MET A 10 10.72 20.06 7.99
CA MET A 10 11.91 20.22 7.16
C MET A 10 12.65 18.89 7.03
N VAL A 11 12.79 18.17 8.13
CA VAL A 11 13.48 16.88 8.13
C VAL A 11 12.51 15.74 7.87
N ILE A 12 11.22 16.01 8.09
CA ILE A 12 10.19 15.00 7.88
C ILE A 12 9.78 14.93 6.41
N ASP A 13 9.91 16.06 5.71
CA ASP A 13 9.54 16.12 4.30
C ASP A 13 10.56 15.37 3.44
N HIS A 14 11.76 15.18 3.99
CA HIS A 14 12.82 14.47 3.29
C HIS A 14 12.57 12.96 3.30
N ILE A 15 12.27 12.43 4.49
CA ILE A 15 12.02 11.00 4.63
C ILE A 15 10.90 10.54 3.70
N LEU A 16 10.03 11.47 3.32
CA LEU A 16 8.91 11.17 2.43
C LEU A 16 9.41 10.50 1.15
N LYS A 17 10.48 11.06 0.57
CA LYS A 17 11.05 10.51 -0.65
C LYS A 17 11.64 9.13 -0.41
N CYS A 18 11.88 8.80 0.86
CA CYS A 18 12.44 7.50 1.22
C CYS A 18 11.37 6.42 1.15
N VAL A 19 10.17 6.75 1.62
CA VAL A 19 9.06 5.81 1.62
C VAL A 19 8.29 5.87 0.31
N PHE A 20 8.32 7.02 -0.34
CA PHE A 20 7.62 7.21 -1.61
C PHE A 20 8.44 6.64 -2.77
N ASP A 21 9.74 6.47 -2.53
CA ASP A 21 10.63 5.94 -3.55
C ASP A 21 10.32 4.48 -3.85
N LYS A 22 10.27 3.67 -2.80
CA LYS A 22 9.97 2.25 -2.95
C LYS A 22 8.55 2.03 -3.46
N ILE A 23 7.64 2.92 -3.08
CA ILE A 23 6.25 2.84 -3.50
C ILE A 23 6.15 2.79 -5.02
N CYS A 24 7.05 3.48 -5.70
CA CYS A 24 7.06 3.52 -7.15
C CYS A 24 7.73 2.27 -7.73
N LYS A 25 8.99 2.07 -7.39
CA LYS A 25 9.75 0.92 -7.87
C LYS A 25 9.00 -0.38 -7.58
N ILE A 26 8.72 -0.62 -6.31
CA ILE A 26 8.00 -1.83 -5.90
C ILE A 26 6.65 -1.93 -6.61
N GLY A 27 6.12 -0.79 -7.03
CA GLY A 27 4.84 -0.76 -7.72
C GLY A 27 4.81 -1.71 -8.91
N THR A 28 5.97 -1.92 -9.53
CA THR A 28 6.07 -2.80 -10.69
C THR A 28 6.42 -4.22 -10.26
N GLU A 29 6.99 -4.36 -9.07
CA GLU A 29 7.36 -5.66 -8.55
C GLU A 29 6.13 -6.50 -8.22
N SER A 30 5.08 -5.83 -7.76
CA SER A 30 3.84 -6.52 -7.42
C SER A 30 3.01 -6.83 -8.66
N VAL A 31 3.26 -6.08 -9.73
CA VAL A 31 2.55 -6.27 -10.98
C VAL A 31 2.99 -7.55 -11.68
N GLU A 32 4.18 -8.03 -11.31
CA GLU A 32 4.73 -9.25 -11.91
C GLU A 32 4.24 -10.49 -11.16
N ALA A 33 4.46 -10.50 -9.85
CA ALA A 33 4.04 -11.62 -9.01
C ALA A 33 2.55 -11.88 -9.15
N GLY A 34 1.82 -10.86 -9.58
CA GLY A 34 0.38 -11.00 -9.74
C GLY A 34 0.01 -11.76 -10.99
N ARG A 35 0.73 -11.51 -12.08
CA ARG A 35 0.46 -12.18 -13.35
C ARG A 35 1.26 -13.47 -13.45
N LEU A 36 2.31 -13.59 -12.65
CA LEU A 36 3.15 -14.78 -12.64
C LEU A 36 2.51 -15.88 -11.81
N ILE A 37 1.90 -15.51 -10.70
CA ILE A 37 1.25 -16.47 -9.82
C ILE A 37 -0.05 -17.00 -10.44
N GLU A 38 -0.83 -16.08 -10.99
CA GLU A 38 -2.11 -16.45 -11.61
C GLU A 38 -1.88 -17.39 -12.80
N LEU A 39 -1.11 -16.92 -13.77
CA LEU A 39 -0.81 -17.72 -14.96
C LEU A 39 -0.30 -19.10 -14.57
N SER A 40 0.47 -19.17 -13.49
CA SER A 40 1.03 -20.42 -13.01
C SER A 40 -0.08 -21.43 -12.72
N GLN A 41 -1.18 -20.93 -12.16
CA GLN A 41 -2.31 -21.77 -11.81
C GLN A 41 -3.22 -22.00 -13.01
N GLU A 42 -3.41 -20.93 -13.80
CA GLU A 42 -4.25 -21.01 -14.99
C GLU A 42 -4.29 -19.67 -15.72
N GLY A 43 -4.24 -18.58 -14.95
CA GLY A 43 -4.26 -17.26 -15.54
C GLY A 43 -5.66 -16.82 -15.93
N GLY A 44 -6.65 -17.65 -15.59
CA GLY A 44 -8.03 -17.33 -15.93
C GLY A 44 -8.53 -16.12 -15.17
N GLY A 45 -8.96 -15.10 -15.91
CA GLY A 45 -9.47 -13.88 -15.28
C GLY A 45 -10.23 -13.02 -16.25
N GLY A 46 -10.86 -11.96 -15.73
CA GLY A 46 -11.62 -11.06 -16.56
C GLY A 46 -10.75 -10.09 -17.33
N GLY A 47 -11.16 -9.76 -18.56
CA GLY A 47 -10.39 -8.85 -19.37
C GLY A 47 -8.94 -9.25 -19.49
N GLY A 48 -8.05 -8.27 -19.51
CA GLY A 48 -6.63 -8.56 -19.61
C GLY A 48 -5.89 -8.35 -18.31
N PRO A 49 -4.56 -8.57 -18.33
CA PRO A 49 -3.71 -8.41 -17.15
C PRO A 49 -3.56 -6.96 -16.73
N LEU A 50 -4.01 -6.05 -17.58
CA LEU A 50 -3.93 -4.62 -17.30
C LEU A 50 -5.07 -4.18 -16.39
N TYR A 51 -6.15 -4.96 -16.36
CA TYR A 51 -7.30 -4.66 -15.53
C TYR A 51 -6.94 -4.79 -14.05
N PHE A 52 -6.03 -5.71 -13.74
CA PHE A 52 -5.60 -5.94 -12.37
C PHE A 52 -5.00 -4.67 -11.76
N VAL A 53 -4.02 -4.10 -12.46
CA VAL A 53 -3.37 -2.89 -11.99
C VAL A 53 -4.32 -1.70 -12.01
N VAL A 54 -5.25 -1.71 -12.96
CA VAL A 54 -6.23 -0.64 -13.08
C VAL A 54 -7.24 -0.67 -11.94
N ASN A 55 -7.69 -1.88 -11.60
CA ASN A 55 -8.67 -2.05 -10.53
C ASN A 55 -7.98 -2.02 -9.17
N VAL A 56 -6.69 -2.35 -9.15
CA VAL A 56 -5.92 -2.36 -7.91
C VAL A 56 -5.40 -0.96 -7.58
N ILE A 57 -4.85 -0.29 -8.59
CA ILE A 57 -4.31 1.05 -8.40
C ILE A 57 -5.43 2.09 -8.32
N GLU A 58 -6.60 1.73 -8.85
CA GLU A 58 -7.75 2.63 -8.84
C GLU A 58 -8.00 3.16 -7.43
N PRO A 59 -8.26 2.25 -6.48
CA PRO A 59 -8.53 2.59 -5.09
C PRO A 59 -7.27 3.12 -4.38
N CYS A 60 -6.12 2.62 -4.79
CA CYS A 60 -4.85 3.03 -4.18
C CYS A 60 -4.58 4.51 -4.46
N LYS A 61 -5.04 4.99 -5.60
CA LYS A 61 -4.85 6.39 -5.98
C LYS A 61 -5.42 7.32 -4.90
N LYS A 62 -6.71 7.20 -4.64
CA LYS A 62 -7.37 8.03 -3.63
C LYS A 62 -6.68 7.90 -2.28
N PHE A 63 -6.02 6.77 -2.07
CA PHE A 63 -5.32 6.52 -0.82
C PHE A 63 -3.93 7.15 -0.83
N SER A 64 -3.39 7.36 -2.03
CA SER A 64 -2.07 7.95 -2.19
C SER A 64 -2.00 9.28 -1.45
N GLU A 65 -3.11 10.00 -1.40
CA GLU A 65 -3.17 11.29 -0.73
C GLU A 65 -2.78 11.16 0.74
N LEU A 66 -2.92 9.95 1.28
CA LEU A 66 -2.59 9.69 2.67
C LEU A 66 -1.08 9.77 2.88
N THR A 67 -0.32 9.37 1.87
CA THR A 67 1.14 9.40 1.94
C THR A 67 1.66 10.82 1.95
N GLY A 68 0.78 11.78 1.66
CA GLY A 68 1.17 13.18 1.64
C GLY A 68 0.67 13.94 2.85
N LEU A 69 -0.31 13.36 3.55
CA LEU A 69 -0.89 13.99 4.73
C LEU A 69 -0.14 13.56 5.99
N VAL A 70 0.73 12.56 5.85
CA VAL A 70 1.50 12.06 6.98
C VAL A 70 2.88 12.72 7.04
N PHE A 71 3.52 12.83 5.88
CA PHE A 71 4.85 13.44 5.80
C PHE A 71 4.74 14.96 5.74
N TYR A 72 3.51 15.47 5.77
CA TYR A 72 3.28 16.91 5.71
C TYR A 72 2.55 17.39 6.96
N LEU A 73 1.30 16.97 7.10
CA LEU A 73 0.49 17.36 8.26
C LEU A 73 -0.05 16.14 8.99
N PRO A 74 0.84 15.45 9.73
CA PRO A 74 0.48 14.25 10.49
C PRO A 74 -0.41 14.58 11.68
N THR A 75 -1.53 13.85 11.80
CA THR A 75 -2.46 14.06 12.89
C THR A 75 -2.16 13.12 14.06
N ASP A 76 -1.38 12.09 13.79
CA ASP A 76 -1.00 11.13 14.83
C ASP A 76 -0.06 10.07 14.27
N SER A 77 0.23 9.06 15.07
CA SER A 77 1.13 7.98 14.67
C SER A 77 0.57 7.23 13.47
N GLY A 78 -0.73 7.39 13.22
CA GLY A 78 -1.37 6.72 12.11
C GLY A 78 -2.85 7.08 12.00
N GLU A 79 -3.17 8.34 12.23
CA GLU A 79 -4.55 8.81 12.15
C GLU A 79 -5.10 8.60 10.75
N LYS A 80 -4.41 9.15 9.75
CA LYS A 80 -4.84 9.03 8.36
C LYS A 80 -4.43 7.68 7.79
N MET A 81 -3.45 7.04 8.41
CA MET A 81 -2.96 5.74 7.97
C MET A 81 -3.94 4.63 8.34
N THR A 82 -4.52 4.74 9.53
CA THR A 82 -5.47 3.74 10.01
C THR A 82 -6.67 3.64 9.08
N GLU A 83 -6.89 4.68 8.28
CA GLU A 83 -7.99 4.69 7.33
C GLU A 83 -7.67 3.87 6.09
N SER A 84 -6.38 3.68 5.84
CA SER A 84 -5.93 2.91 4.68
C SER A 84 -6.15 1.42 4.90
N LYS A 85 -6.16 1.00 6.16
CA LYS A 85 -6.36 -0.40 6.50
C LYS A 85 -7.75 -0.87 6.07
N SER A 86 -8.71 0.05 6.08
CA SER A 86 -10.08 -0.27 5.68
C SER A 86 -10.26 -0.11 4.18
N VAL A 87 -9.34 0.61 3.55
CA VAL A 87 -9.39 0.84 2.11
C VAL A 87 -8.93 -0.39 1.34
N LEU A 88 -8.01 -1.14 1.93
CA LEU A 88 -7.48 -2.35 1.31
C LEU A 88 -8.36 -3.55 1.62
N LYS A 89 -8.93 -3.56 2.81
CA LYS A 89 -9.81 -4.65 3.24
C LYS A 89 -11.18 -4.55 2.57
N SER A 90 -11.65 -3.33 2.40
CA SER A 90 -12.95 -3.09 1.78
C SER A 90 -12.85 -3.16 0.26
N LEU A 91 -11.63 -3.00 -0.25
CA LEU A 91 -11.40 -3.05 -1.69
C LEU A 91 -11.44 -4.48 -2.21
N THR A 92 -10.73 -5.37 -1.52
CA THR A 92 -10.69 -6.78 -1.91
C THR A 92 -12.09 -7.35 -2.03
N GLU A 93 -13.03 -6.78 -1.28
CA GLU A 93 -14.41 -7.25 -1.30
C GLU A 93 -14.94 -7.27 -2.73
N LYS A 94 -14.51 -6.32 -3.54
CA LYS A 94 -14.94 -6.23 -4.93
C LYS A 94 -14.11 -7.15 -5.82
N LEU A 95 -12.91 -7.49 -5.36
CA LEU A 95 -12.02 -8.37 -6.11
C LEU A 95 -12.37 -9.82 -5.87
N LYS A 96 -13.02 -10.09 -4.74
CA LYS A 96 -13.41 -11.46 -4.39
C LYS A 96 -14.68 -11.87 -5.15
N LYS A 97 -15.58 -10.91 -5.36
CA LYS A 97 -16.82 -11.18 -6.06
C LYS A 97 -16.56 -11.40 -7.55
N ILE A 98 -15.36 -11.07 -7.99
CA ILE A 98 -14.98 -11.23 -9.39
C ILE A 98 -15.28 -12.64 -9.88
N VAL A 99 -15.33 -13.59 -8.95
CA VAL A 99 -15.62 -14.99 -9.28
C VAL A 99 -16.97 -15.11 -9.99
N GLU A 100 -17.82 -14.11 -9.82
CA GLU A 100 -19.13 -14.11 -10.44
C GLU A 100 -19.08 -13.52 -11.84
N LEU A 101 -18.00 -12.81 -12.13
CA LEU A 101 -17.81 -12.19 -13.45
C LEU A 101 -17.01 -13.10 -14.37
N ILE A 102 -15.73 -13.28 -14.05
CA ILE A 102 -14.86 -14.12 -14.85
C ILE A 102 -14.00 -15.02 -13.98
N PRO A 103 -14.62 -16.06 -13.40
CA PRO A 103 -13.94 -17.00 -12.52
C PRO A 103 -12.96 -17.90 -13.29
N SER A 104 -12.06 -18.55 -12.55
CA SER A 104 -11.08 -19.43 -13.16
C SER A 104 -10.83 -20.66 -12.29
N THR A 105 -10.11 -20.46 -11.19
CA THR A 105 -9.80 -21.55 -10.27
C THR A 105 -10.01 -21.12 -8.83
N SER A 106 -10.33 -22.09 -7.97
CA SER A 106 -10.56 -21.81 -6.56
C SER A 106 -9.28 -22.03 -5.74
N SER A 107 -8.26 -22.56 -6.39
CA SER A 107 -6.99 -22.82 -5.74
C SER A 107 -6.17 -21.54 -5.61
N ALA A 108 -6.34 -20.63 -6.56
CA ALA A 108 -5.63 -19.36 -6.55
C ALA A 108 -6.29 -18.37 -5.60
N VAL A 109 -7.54 -18.65 -5.23
CA VAL A 109 -8.28 -17.78 -4.32
C VAL A 109 -7.50 -17.55 -3.02
N PRO A 110 -7.17 -18.65 -2.33
CA PRO A 110 -6.42 -18.59 -1.06
C PRO A 110 -4.97 -18.16 -1.27
N LEU A 111 -4.41 -18.51 -2.42
CA LEU A 111 -3.03 -18.16 -2.74
C LEU A 111 -2.88 -16.65 -2.93
N ILE A 112 -3.60 -16.12 -3.91
CA ILE A 112 -3.56 -14.69 -4.21
C ILE A 112 -3.89 -13.86 -2.97
N GLY A 113 -4.66 -14.46 -2.05
CA GLY A 113 -5.03 -13.78 -0.84
C GLY A 113 -3.84 -13.44 0.03
N LYS A 114 -2.74 -14.16 -0.16
CA LYS A 114 -1.54 -13.93 0.62
C LYS A 114 -0.71 -12.79 0.02
N TYR A 115 -0.75 -12.66 -1.30
CA TYR A 115 -0.02 -11.62 -2.00
C TYR A 115 -0.68 -10.26 -1.79
N MET A 116 -1.98 -10.27 -1.57
CA MET A 116 -2.73 -9.03 -1.35
C MET A 116 -2.24 -8.32 -0.09
N LEU A 117 -2.22 -9.04 1.02
CA LEU A 117 -1.78 -8.48 2.29
C LEU A 117 -0.37 -7.91 2.17
N PHE A 118 0.40 -8.43 1.22
CA PHE A 118 1.76 -7.96 1.00
C PHE A 118 1.79 -6.44 0.85
N THR A 119 0.71 -5.87 0.33
CA THR A 119 0.62 -4.44 0.12
C THR A 119 0.13 -3.74 1.39
N LYS A 120 -0.68 -4.43 2.18
CA LYS A 120 -1.22 -3.88 3.41
C LYS A 120 -0.10 -3.61 4.41
N GLU A 121 0.79 -4.60 4.59
CA GLU A 121 1.89 -4.46 5.52
C GLU A 121 2.94 -3.50 4.98
N PHE A 122 2.88 -3.22 3.68
CA PHE A 122 3.81 -2.31 3.04
C PHE A 122 3.62 -0.88 3.53
N VAL A 123 2.41 -0.58 3.97
CA VAL A 123 2.08 0.75 4.46
C VAL A 123 2.44 0.89 5.94
N GLU A 124 2.52 -0.24 6.64
CA GLU A 124 2.85 -0.25 8.06
C GLU A 124 4.16 0.50 8.31
N SER A 125 5.03 0.52 7.30
CA SER A 125 6.32 1.20 7.42
C SER A 125 6.12 2.69 7.69
N SER A 126 4.93 3.19 7.38
CA SER A 126 4.61 4.60 7.58
C SER A 126 4.71 4.96 9.06
N ILE A 127 4.33 4.03 9.92
CA ILE A 127 4.37 4.25 11.36
C ILE A 127 5.78 4.03 11.91
N LYS A 128 6.36 2.89 11.58
CA LYS A 128 7.70 2.55 12.04
C LYS A 128 8.69 3.68 11.72
N ILE A 129 8.41 4.41 10.64
CA ILE A 129 9.26 5.51 10.23
C ILE A 129 9.02 6.75 11.09
N THR A 130 7.75 7.03 11.35
CA THR A 130 7.38 8.19 12.17
C THR A 130 7.74 7.95 13.64
N GLU A 131 7.87 6.69 14.02
CA GLU A 131 8.20 6.34 15.40
C GLU A 131 9.55 6.93 15.79
N GLU A 132 10.35 7.30 14.78
CA GLU A 132 11.66 7.88 15.04
C GLU A 132 11.56 9.38 15.30
N VAL A 133 10.57 10.02 14.68
CA VAL A 133 10.36 11.45 14.85
C VAL A 133 10.08 11.80 16.30
N ILE A 134 9.67 10.79 17.07
CA ILE A 134 9.36 10.99 18.48
C ILE A 134 10.57 11.51 19.24
N ASN A 135 11.77 11.27 18.70
CA ASN A 135 13.00 11.73 19.32
C ASN A 135 12.99 13.24 19.51
N THR A 136 12.34 13.94 18.58
CA THR A 136 12.26 15.39 18.64
C THR A 136 11.08 15.85 19.49
N HIS A 137 9.93 15.20 19.30
CA HIS A 137 8.73 15.52 20.05
C HIS A 137 8.96 15.32 21.55
N HIS A 138 9.82 14.38 21.88
CA HIS A 138 10.12 14.08 23.29
C HIS A 138 11.05 15.15 23.87
N ARG A 139 12.04 15.56 23.09
CA ARG A 139 12.99 16.57 23.54
C ARG A 139 12.27 17.81 24.05
N SER A 140 11.71 18.58 23.13
CA SER A 140 10.99 19.80 23.50
C SER A 140 9.49 19.56 23.55
N MET A 1 8.25 8.69 28.18
CA MET A 1 9.42 8.91 29.02
C MET A 1 10.48 9.74 28.29
N ALA A 2 10.85 9.28 27.10
CA ALA A 2 11.85 9.98 26.30
C ALA A 2 11.23 10.54 25.02
N HIS A 3 9.90 10.63 25.00
CA HIS A 3 9.20 11.16 23.84
C HIS A 3 9.54 12.62 23.61
N HIS A 4 9.31 13.09 22.39
CA HIS A 4 9.59 14.48 22.04
C HIS A 4 8.57 15.01 21.03
N HIS A 5 8.72 16.28 20.66
CA HIS A 5 7.81 16.90 19.71
C HIS A 5 8.44 18.13 19.08
N HIS A 6 8.01 18.46 17.86
CA HIS A 6 8.54 19.62 17.15
C HIS A 6 7.81 19.83 15.83
N HIS A 7 8.32 20.74 15.01
CA HIS A 7 7.71 21.04 13.71
C HIS A 7 8.19 20.06 12.64
N HIS A 8 7.48 20.01 11.52
CA HIS A 8 7.84 19.11 10.43
C HIS A 8 7.06 19.47 9.16
N ALA A 9 7.78 19.88 8.14
CA ALA A 9 7.17 20.26 6.87
C ALA A 9 8.22 20.46 5.78
N MET A 10 9.27 21.21 6.11
CA MET A 10 10.35 21.49 5.17
C MET A 10 11.31 20.30 5.09
N VAL A 11 11.67 19.77 6.25
CA VAL A 11 12.59 18.64 6.31
C VAL A 11 11.84 17.31 6.27
N ILE A 12 10.54 17.37 6.58
CA ILE A 12 9.71 16.17 6.58
C ILE A 12 9.22 15.86 5.17
N ASP A 13 9.07 16.89 4.35
CA ASP A 13 8.60 16.72 2.98
C ASP A 13 9.55 15.84 2.18
N HIS A 14 10.85 15.99 2.44
CA HIS A 14 11.87 15.21 1.75
C HIS A 14 11.81 13.75 2.17
N ILE A 15 11.28 13.50 3.36
CA ILE A 15 11.16 12.14 3.88
C ILE A 15 10.10 11.36 3.12
N LEU A 16 9.14 12.07 2.53
CA LEU A 16 8.07 11.44 1.77
C LEU A 16 8.64 10.55 0.67
N LYS A 17 9.73 10.99 0.06
CA LYS A 17 10.37 10.23 -1.00
C LYS A 17 10.92 8.91 -0.49
N CYS A 18 11.10 8.84 0.83
CA CYS A 18 11.62 7.63 1.46
C CYS A 18 10.54 6.56 1.56
N VAL A 19 9.32 6.97 1.87
CA VAL A 19 8.20 6.04 2.00
C VAL A 19 7.51 5.84 0.66
N PHE A 20 7.59 6.85 -0.22
CA PHE A 20 6.97 6.78 -1.53
C PHE A 20 7.85 6.00 -2.50
N ASP A 21 9.12 5.87 -2.15
CA ASP A 21 10.08 5.15 -3.00
C ASP A 21 9.78 3.66 -2.99
N LYS A 22 9.62 3.11 -1.80
CA LYS A 22 9.34 1.67 -1.65
C LYS A 22 8.16 1.27 -2.52
N ILE A 23 7.11 2.07 -2.50
CA ILE A 23 5.91 1.78 -3.30
C ILE A 23 6.27 1.56 -4.76
N CYS A 24 7.24 2.33 -5.24
CA CYS A 24 7.67 2.21 -6.63
C CYS A 24 8.64 1.05 -6.80
N LYS A 25 9.27 0.64 -5.71
CA LYS A 25 10.23 -0.46 -5.74
C LYS A 25 9.51 -1.81 -5.72
N ILE A 26 8.71 -2.03 -4.68
CA ILE A 26 7.97 -3.27 -4.54
C ILE A 26 7.08 -3.51 -5.76
N GLY A 27 6.72 -2.44 -6.44
CA GLY A 27 5.87 -2.55 -7.61
C GLY A 27 6.59 -3.17 -8.80
N THR A 28 7.93 -3.21 -8.72
CA THR A 28 8.74 -3.77 -9.78
C THR A 28 8.86 -5.29 -9.64
N GLU A 29 8.71 -5.78 -8.42
CA GLU A 29 8.79 -7.20 -8.15
C GLU A 29 7.46 -7.89 -8.43
N SER A 30 6.37 -7.24 -8.04
CA SER A 30 5.04 -7.79 -8.24
C SER A 30 4.75 -7.98 -9.73
N VAL A 31 5.52 -7.30 -10.57
CA VAL A 31 5.35 -7.38 -12.02
C VAL A 31 5.53 -8.81 -12.50
N GLU A 32 6.20 -9.63 -11.70
CA GLU A 32 6.43 -11.02 -12.05
C GLU A 32 5.26 -11.90 -11.61
N ALA A 33 4.95 -11.86 -10.32
CA ALA A 33 3.85 -12.64 -9.78
C ALA A 33 2.54 -12.35 -10.51
N GLY A 34 2.46 -11.18 -11.12
CA GLY A 34 1.27 -10.79 -11.85
C GLY A 34 1.12 -11.52 -13.16
N ARG A 35 2.24 -11.69 -13.88
CA ARG A 35 2.22 -12.38 -15.16
C ARG A 35 2.43 -13.88 -14.97
N LEU A 36 3.01 -14.25 -13.83
CA LEU A 36 3.26 -15.66 -13.53
C LEU A 36 1.99 -16.35 -13.04
N ILE A 37 1.18 -15.62 -12.30
CA ILE A 37 -0.08 -16.16 -11.77
C ILE A 37 -1.12 -16.30 -12.89
N GLU A 38 -1.17 -15.31 -13.77
CA GLU A 38 -2.12 -15.32 -14.87
C GLU A 38 -1.74 -16.38 -15.91
N LEU A 39 -0.46 -16.42 -16.26
CA LEU A 39 0.04 -17.37 -17.24
C LEU A 39 -0.38 -18.80 -16.87
N SER A 40 -0.51 -19.05 -15.57
CA SER A 40 -0.91 -20.37 -15.09
C SER A 40 -2.41 -20.59 -15.25
N GLN A 41 -3.18 -19.51 -15.08
CA GLN A 41 -4.63 -19.57 -15.22
C GLN A 41 -5.02 -20.23 -16.53
N GLU A 42 -5.45 -21.50 -16.45
CA GLU A 42 -5.86 -22.24 -17.64
C GLU A 42 -7.15 -23.01 -17.38
N GLY A 43 -7.83 -22.67 -16.29
CA GLY A 43 -9.07 -23.33 -15.95
C GLY A 43 -10.28 -22.68 -16.61
N GLY A 44 -10.21 -21.37 -16.80
CA GLY A 44 -11.31 -20.65 -17.41
C GLY A 44 -10.84 -19.68 -18.47
N GLY A 45 -10.87 -18.39 -18.16
CA GLY A 45 -10.45 -17.38 -19.11
C GLY A 45 -11.26 -16.11 -19.00
N GLY A 46 -10.60 -15.01 -18.64
CA GLY A 46 -11.29 -13.74 -18.51
C GLY A 46 -10.52 -12.60 -19.13
N GLY A 47 -10.52 -11.45 -18.45
CA GLY A 47 -9.81 -10.29 -18.95
C GLY A 47 -8.33 -10.55 -19.14
N GLY A 48 -7.58 -9.49 -19.42
CA GLY A 48 -6.14 -9.63 -19.62
C GLY A 48 -5.34 -9.20 -18.41
N PRO A 49 -4.03 -9.00 -18.59
CA PRO A 49 -3.13 -8.58 -17.52
C PRO A 49 -3.38 -7.14 -17.08
N LEU A 50 -4.21 -6.43 -17.84
CA LEU A 50 -4.54 -5.04 -17.52
C LEU A 50 -5.48 -4.96 -16.33
N TYR A 51 -6.25 -6.02 -16.12
CA TYR A 51 -7.19 -6.08 -15.01
C TYR A 51 -6.46 -6.18 -13.67
N PHE A 52 -5.31 -6.86 -13.69
CA PHE A 52 -4.51 -7.02 -12.48
C PHE A 52 -3.99 -5.68 -11.97
N VAL A 53 -3.44 -4.89 -12.90
CA VAL A 53 -2.91 -3.58 -12.54
C VAL A 53 -4.02 -2.56 -12.34
N VAL A 54 -5.15 -2.77 -13.02
CA VAL A 54 -6.29 -1.88 -12.92
C VAL A 54 -7.05 -2.12 -11.62
N ASN A 55 -7.05 -3.37 -11.15
CA ASN A 55 -7.74 -3.73 -9.92
C ASN A 55 -6.83 -3.55 -8.72
N VAL A 56 -5.53 -3.63 -8.94
CA VAL A 56 -4.55 -3.48 -7.88
C VAL A 56 -4.22 -2.00 -7.63
N ILE A 57 -4.01 -1.27 -8.72
CA ILE A 57 -3.69 0.15 -8.62
C ILE A 57 -4.94 0.98 -8.28
N GLU A 58 -6.10 0.41 -8.57
CA GLU A 58 -7.37 1.10 -8.29
C GLU A 58 -7.42 1.56 -6.84
N PRO A 59 -7.34 0.61 -5.91
CA PRO A 59 -7.37 0.89 -4.47
C PRO A 59 -6.12 1.61 -4.00
N CYS A 60 -5.01 1.40 -4.70
CA CYS A 60 -3.74 2.02 -4.34
C CYS A 60 -3.78 3.53 -4.60
N LYS A 61 -4.38 3.91 -5.74
CA LYS A 61 -4.49 5.31 -6.10
C LYS A 61 -5.09 6.13 -4.97
N LYS A 62 -6.30 5.75 -4.56
CA LYS A 62 -6.99 6.45 -3.47
C LYS A 62 -6.12 6.49 -2.21
N PHE A 63 -5.22 5.53 -2.09
CA PHE A 63 -4.34 5.45 -0.93
C PHE A 63 -3.12 6.34 -1.12
N SER A 64 -2.78 6.61 -2.38
CA SER A 64 -1.63 7.45 -2.70
C SER A 64 -1.76 8.82 -2.04
N GLU A 65 -2.97 9.37 -2.07
CA GLU A 65 -3.22 10.68 -1.48
C GLU A 65 -2.93 10.67 0.02
N LEU A 66 -3.06 9.50 0.63
CA LEU A 66 -2.79 9.36 2.06
C LEU A 66 -1.31 9.55 2.37
N THR A 67 -0.46 9.04 1.48
CA THR A 67 0.98 9.15 1.66
C THR A 67 1.42 10.60 1.63
N GLY A 68 0.55 11.47 1.14
CA GLY A 68 0.87 12.89 1.07
C GLY A 68 0.25 13.68 2.20
N LEU A 69 -0.70 13.06 2.90
CA LEU A 69 -1.37 13.72 4.02
C LEU A 69 -0.65 13.45 5.33
N VAL A 70 0.29 12.50 5.30
CA VAL A 70 1.06 12.16 6.49
C VAL A 70 2.39 12.91 6.53
N PHE A 71 2.93 13.19 5.35
CA PHE A 71 4.20 13.90 5.25
C PHE A 71 3.97 15.39 5.01
N TYR A 72 2.70 15.78 4.97
CA TYR A 72 2.34 17.18 4.75
C TYR A 72 1.39 17.67 5.83
N LEU A 73 0.35 16.89 6.10
CA LEU A 73 -0.62 17.25 7.12
C LEU A 73 -0.64 16.22 8.25
N PRO A 74 0.46 16.18 9.02
CA PRO A 74 0.59 15.25 10.15
C PRO A 74 -0.34 15.60 11.31
N THR A 75 -1.09 14.61 11.79
CA THR A 75 -2.01 14.81 12.90
C THR A 75 -1.51 14.13 14.16
N ASP A 76 -0.54 13.24 14.01
CA ASP A 76 0.03 12.53 15.14
C ASP A 76 1.18 11.62 14.70
N SER A 77 1.65 10.77 15.61
CA SER A 77 2.73 9.85 15.30
C SER A 77 2.32 8.86 14.22
N GLY A 78 1.01 8.75 13.98
CA GLY A 78 0.51 7.85 12.97
C GLY A 78 -0.99 7.90 12.84
N GLU A 79 -1.56 9.09 12.95
CA GLU A 79 -3.00 9.26 12.86
C GLU A 79 -3.50 8.91 11.45
N LYS A 80 -3.16 9.76 10.48
CA LYS A 80 -3.56 9.54 9.10
C LYS A 80 -3.09 8.17 8.60
N MET A 81 -1.99 7.69 9.17
CA MET A 81 -1.45 6.39 8.78
C MET A 81 -2.32 5.26 9.31
N THR A 82 -2.45 5.18 10.63
CA THR A 82 -3.27 4.14 11.26
C THR A 82 -4.72 4.25 10.83
N GLU A 83 -5.14 5.46 10.48
CA GLU A 83 -6.51 5.68 10.05
C GLU A 83 -6.73 5.22 8.60
N SER A 84 -5.63 5.11 7.86
CA SER A 84 -5.68 4.69 6.47
C SER A 84 -5.72 3.16 6.36
N LYS A 85 -5.14 2.49 7.37
CA LYS A 85 -5.10 1.04 7.38
C LYS A 85 -6.51 0.46 7.52
N SER A 86 -7.44 1.28 7.99
CA SER A 86 -8.83 0.85 8.15
C SER A 86 -9.58 0.91 6.82
N VAL A 87 -9.03 1.65 5.87
CA VAL A 87 -9.65 1.78 4.56
C VAL A 87 -9.36 0.56 3.69
N LEU A 88 -8.18 -0.02 3.86
CA LEU A 88 -7.79 -1.19 3.09
C LEU A 88 -8.60 -2.41 3.51
N LYS A 89 -9.19 -2.34 4.69
CA LYS A 89 -10.01 -3.44 5.21
C LYS A 89 -11.43 -3.37 4.67
N SER A 90 -11.95 -2.16 4.54
CA SER A 90 -13.30 -1.96 4.04
C SER A 90 -13.30 -1.86 2.51
N LEU A 91 -12.14 -1.56 1.95
CA LEU A 91 -12.00 -1.43 0.50
C LEU A 91 -11.95 -2.80 -0.16
N THR A 92 -11.17 -3.71 0.44
CA THR A 92 -11.03 -5.06 -0.09
C THR A 92 -12.39 -5.73 -0.28
N GLU A 93 -13.37 -5.30 0.52
CA GLU A 93 -14.72 -5.86 0.44
C GLU A 93 -15.27 -5.74 -0.98
N LYS A 94 -14.77 -4.76 -1.72
CA LYS A 94 -15.21 -4.54 -3.09
C LYS A 94 -14.47 -5.46 -4.06
N LEU A 95 -13.27 -5.88 -3.67
CA LEU A 95 -12.46 -6.76 -4.50
C LEU A 95 -12.88 -8.22 -4.31
N LYS A 96 -13.41 -8.52 -3.13
CA LYS A 96 -13.85 -9.87 -2.81
C LYS A 96 -15.03 -10.28 -3.69
N LYS A 97 -15.86 -9.30 -4.06
CA LYS A 97 -17.02 -9.55 -4.89
C LYS A 97 -16.61 -9.96 -6.30
N ILE A 98 -15.33 -9.77 -6.61
CA ILE A 98 -14.80 -10.13 -7.92
C ILE A 98 -15.16 -11.56 -8.29
N VAL A 99 -15.40 -12.39 -7.27
CA VAL A 99 -15.76 -13.79 -7.49
C VAL A 99 -17.01 -13.90 -8.34
N GLU A 100 -17.79 -12.83 -8.40
CA GLU A 100 -19.03 -12.81 -9.18
C GLU A 100 -18.75 -12.42 -10.62
N LEU A 101 -17.57 -11.83 -10.85
CA LEU A 101 -17.18 -11.40 -12.19
C LEU A 101 -16.40 -12.50 -12.91
N ILE A 102 -15.20 -12.78 -12.41
CA ILE A 102 -14.35 -13.81 -12.99
C ILE A 102 -13.67 -14.65 -11.91
N PRO A 103 -14.45 -15.53 -11.28
CA PRO A 103 -13.95 -16.41 -10.22
C PRO A 103 -13.01 -17.48 -10.76
N SER A 104 -11.73 -17.16 -10.82
CA SER A 104 -10.72 -18.09 -11.32
C SER A 104 -10.71 -19.37 -10.49
N THR A 105 -9.78 -20.28 -10.81
CA THR A 105 -9.67 -21.54 -10.10
C THR A 105 -9.33 -21.31 -8.63
N SER A 106 -9.04 -22.40 -7.92
CA SER A 106 -8.70 -22.32 -6.50
C SER A 106 -7.20 -22.10 -6.31
N SER A 107 -6.50 -21.88 -7.42
CA SER A 107 -5.05 -21.66 -7.38
C SER A 107 -4.74 -20.17 -7.39
N ALA A 108 -5.47 -19.42 -8.20
CA ALA A 108 -5.27 -17.98 -8.30
C ALA A 108 -5.92 -17.24 -7.14
N VAL A 109 -6.94 -17.87 -6.55
CA VAL A 109 -7.66 -17.27 -5.43
C VAL A 109 -6.72 -17.01 -4.27
N PRO A 110 -6.05 -18.06 -3.78
CA PRO A 110 -5.12 -17.95 -2.66
C PRO A 110 -3.84 -17.20 -3.03
N LEU A 111 -3.58 -17.10 -4.33
CA LEU A 111 -2.40 -16.40 -4.82
C LEU A 111 -2.60 -14.89 -4.79
N ILE A 112 -3.63 -14.42 -5.49
CA ILE A 112 -3.93 -13.00 -5.53
C ILE A 112 -4.20 -12.45 -4.13
N GLY A 113 -4.61 -13.33 -3.23
CA GLY A 113 -4.88 -12.92 -1.86
C GLY A 113 -3.63 -12.55 -1.10
N LYS A 114 -2.52 -13.19 -1.47
CA LYS A 114 -1.24 -12.93 -0.80
C LYS A 114 -0.70 -11.55 -1.17
N TYR A 115 -0.79 -11.21 -2.45
CA TYR A 115 -0.31 -9.92 -2.93
C TYR A 115 -1.29 -8.81 -2.57
N MET A 116 -2.53 -9.19 -2.27
CA MET A 116 -3.56 -8.23 -1.91
C MET A 116 -3.29 -7.62 -0.54
N LEU A 117 -2.88 -8.46 0.41
CA LEU A 117 -2.58 -7.99 1.75
C LEU A 117 -1.18 -7.39 1.83
N PHE A 118 -0.31 -7.82 0.92
CA PHE A 118 1.06 -7.32 0.88
C PHE A 118 1.08 -5.79 0.86
N THR A 119 0.22 -5.20 0.04
CA THR A 119 0.14 -3.75 -0.07
C THR A 119 -0.42 -3.13 1.20
N LYS A 120 -1.20 -3.92 1.94
CA LYS A 120 -1.80 -3.44 3.18
C LYS A 120 -0.80 -3.52 4.34
N GLU A 121 0.04 -4.55 4.32
CA GLU A 121 1.04 -4.73 5.36
C GLU A 121 2.15 -3.70 5.23
N PHE A 122 2.59 -3.46 4.00
CA PHE A 122 3.65 -2.49 3.74
C PHE A 122 3.26 -1.10 4.22
N VAL A 123 1.95 -0.88 4.37
CA VAL A 123 1.44 0.40 4.84
C VAL A 123 2.06 0.79 6.18
N GLU A 124 2.48 -0.22 6.93
CA GLU A 124 3.08 0.02 8.24
C GLU A 124 4.44 0.73 8.10
N SER A 125 5.02 0.65 6.90
CA SER A 125 6.30 1.28 6.63
C SER A 125 6.24 2.78 6.94
N SER A 126 5.04 3.35 6.87
CA SER A 126 4.85 4.77 7.13
C SER A 126 5.35 5.13 8.53
N ILE A 127 4.83 4.45 9.54
CA ILE A 127 5.24 4.72 10.92
C ILE A 127 6.67 4.25 11.16
N LYS A 128 7.12 3.27 10.38
CA LYS A 128 8.46 2.74 10.52
C LYS A 128 9.50 3.77 10.07
N ILE A 129 9.39 4.21 8.83
CA ILE A 129 10.31 5.20 8.28
C ILE A 129 10.25 6.50 9.07
N THR A 130 9.04 7.00 9.29
CA THR A 130 8.85 8.24 10.04
C THR A 130 9.45 8.14 11.43
N GLU A 131 9.60 6.91 11.92
CA GLU A 131 10.17 6.69 13.24
C GLU A 131 11.58 7.26 13.35
N GLU A 132 12.20 7.49 12.19
CA GLU A 132 13.55 8.03 12.15
C GLU A 132 13.54 9.55 12.30
N VAL A 133 12.39 10.16 12.02
CA VAL A 133 12.24 11.60 12.13
C VAL A 133 12.57 12.08 13.53
N ILE A 134 12.45 11.18 14.50
CA ILE A 134 12.73 11.52 15.90
C ILE A 134 14.18 11.99 16.06
N ASN A 135 15.03 11.58 15.14
CA ASN A 135 16.44 11.96 15.18
C ASN A 135 16.59 13.48 15.21
N THR A 136 15.68 14.17 14.53
CA THR A 136 15.72 15.63 14.47
C THR A 136 15.08 16.24 15.72
N HIS A 137 14.05 15.59 16.23
CA HIS A 137 13.35 16.07 17.42
C HIS A 137 14.22 15.87 18.66
N HIS A 138 15.22 15.02 18.55
CA HIS A 138 16.12 14.74 19.67
C HIS A 138 17.29 15.73 19.68
N ARG A 139 17.84 16.00 18.51
CA ARG A 139 18.96 16.92 18.38
C ARG A 139 18.65 18.25 19.05
N SER A 140 17.73 19.00 18.46
CA SER A 140 17.34 20.31 19.00
C SER A 140 15.92 20.26 19.55
N MET A 1 7.80 8.02 23.82
CA MET A 1 6.34 8.09 23.69
C MET A 1 5.94 9.39 23.00
N ALA A 2 4.69 9.43 22.52
CA ALA A 2 4.17 10.61 21.85
C ALA A 2 3.98 11.77 22.82
N HIS A 3 4.93 12.69 22.83
CA HIS A 3 4.87 13.85 23.72
C HIS A 3 4.34 15.07 22.99
N HIS A 4 5.07 15.50 21.96
CA HIS A 4 4.68 16.67 21.17
C HIS A 4 4.82 16.39 19.68
N HIS A 5 4.00 17.06 18.87
CA HIS A 5 4.04 16.88 17.44
C HIS A 5 3.68 18.18 16.71
N HIS A 6 4.71 18.91 16.29
CA HIS A 6 4.51 20.18 15.60
C HIS A 6 5.75 20.55 14.78
N HIS A 7 6.37 19.54 14.18
CA HIS A 7 7.57 19.77 13.37
C HIS A 7 7.63 18.79 12.20
N HIS A 8 8.77 18.75 11.51
CA HIS A 8 8.94 17.85 10.38
C HIS A 8 7.97 18.20 9.26
N ALA A 9 8.49 18.81 8.19
CA ALA A 9 7.68 19.20 7.06
C ALA A 9 8.54 19.72 5.91
N MET A 10 9.47 20.60 6.22
CA MET A 10 10.36 21.17 5.22
C MET A 10 11.49 20.20 4.90
N VAL A 11 12.09 19.61 5.93
CA VAL A 11 13.19 18.67 5.75
C VAL A 11 12.67 17.25 5.63
N ILE A 12 11.43 17.03 6.07
CA ILE A 12 10.82 15.71 5.99
C ILE A 12 10.22 15.46 4.61
N ASP A 13 9.80 16.53 3.94
CA ASP A 13 9.21 16.43 2.62
C ASP A 13 10.11 15.64 1.68
N HIS A 14 11.42 15.71 1.92
CA HIS A 14 12.38 15.00 1.09
C HIS A 14 12.37 13.50 1.40
N ILE A 15 12.15 13.18 2.67
CA ILE A 15 12.12 11.78 3.10
C ILE A 15 10.98 11.02 2.41
N LEU A 16 9.95 11.76 2.01
CA LEU A 16 8.80 11.16 1.34
C LEU A 16 9.23 10.40 0.09
N LYS A 17 10.30 10.87 -0.55
CA LYS A 17 10.82 10.23 -1.76
C LYS A 17 11.39 8.86 -1.44
N CYS A 18 11.68 8.62 -0.17
CA CYS A 18 12.23 7.35 0.28
C CYS A 18 11.14 6.27 0.35
N VAL A 19 9.97 6.67 0.84
CA VAL A 19 8.85 5.74 0.95
C VAL A 19 8.03 5.72 -0.33
N PHE A 20 8.03 6.82 -1.06
CA PHE A 20 7.29 6.93 -2.31
C PHE A 20 8.05 6.28 -3.45
N ASP A 21 9.35 6.10 -3.26
CA ASP A 21 10.20 5.48 -4.28
C ASP A 21 9.82 4.01 -4.49
N LYS A 22 9.84 3.24 -3.39
CA LYS A 22 9.51 1.83 -3.45
C LYS A 22 8.12 1.62 -4.06
N ILE A 23 7.18 2.50 -3.71
CA ILE A 23 5.83 2.40 -4.23
C ILE A 23 5.82 2.35 -5.75
N CYS A 24 6.77 3.05 -6.37
CA CYS A 24 6.87 3.07 -7.82
C CYS A 24 7.59 1.83 -8.34
N LYS A 25 8.41 1.23 -7.49
CA LYS A 25 9.15 0.02 -7.85
C LYS A 25 8.26 -1.22 -7.76
N ILE A 26 7.73 -1.45 -6.57
CA ILE A 26 6.86 -2.61 -6.34
C ILE A 26 5.73 -2.66 -7.37
N GLY A 27 5.33 -1.49 -7.86
CA GLY A 27 4.27 -1.43 -8.84
C GLY A 27 4.60 -2.18 -10.11
N THR A 28 5.86 -2.10 -10.54
CA THR A 28 6.31 -2.78 -11.74
C THR A 28 6.86 -4.16 -11.42
N GLU A 29 7.35 -4.33 -10.19
CA GLU A 29 7.90 -5.61 -9.75
C GLU A 29 6.79 -6.63 -9.52
N SER A 30 5.64 -6.15 -9.05
CA SER A 30 4.50 -7.02 -8.78
C SER A 30 3.89 -7.53 -10.08
N VAL A 31 4.20 -6.85 -11.18
CA VAL A 31 3.67 -7.23 -12.48
C VAL A 31 4.10 -8.65 -12.86
N GLU A 32 5.17 -9.13 -12.21
CA GLU A 32 5.67 -10.46 -12.47
C GLU A 32 4.96 -11.50 -11.61
N ALA A 33 4.99 -11.29 -10.30
CA ALA A 33 4.34 -12.20 -9.36
C ALA A 33 2.85 -12.38 -9.71
N GLY A 34 2.30 -11.40 -10.41
CA GLY A 34 0.90 -11.46 -10.79
C GLY A 34 0.65 -12.43 -11.93
N ARG A 35 1.54 -12.44 -12.90
CA ARG A 35 1.41 -13.32 -14.06
C ARG A 35 2.08 -14.67 -13.78
N LEU A 36 2.99 -14.69 -12.81
CA LEU A 36 3.69 -15.91 -12.45
C LEU A 36 2.83 -16.80 -11.57
N ILE A 37 2.09 -16.17 -10.65
CA ILE A 37 1.22 -16.91 -9.75
C ILE A 37 -0.01 -17.45 -10.47
N GLU A 38 -0.66 -16.58 -11.25
CA GLU A 38 -1.84 -16.98 -12.00
C GLU A 38 -1.55 -18.14 -12.93
N LEU A 39 -0.58 -17.94 -13.82
CA LEU A 39 -0.20 -18.97 -14.78
C LEU A 39 0.09 -20.29 -14.07
N SER A 40 0.67 -20.20 -12.87
CA SER A 40 1.00 -21.38 -12.09
C SER A 40 -0.24 -22.25 -11.87
N GLN A 41 -1.38 -21.60 -11.66
CA GLN A 41 -2.63 -22.31 -11.44
C GLN A 41 -3.29 -22.68 -12.76
N GLU A 42 -3.23 -21.76 -13.72
CA GLU A 42 -3.82 -21.99 -15.04
C GLU A 42 -3.60 -20.79 -15.94
N GLY A 43 -3.61 -19.59 -15.36
CA GLY A 43 -3.42 -18.38 -16.13
C GLY A 43 -4.69 -17.92 -16.83
N GLY A 44 -5.77 -18.69 -16.66
CA GLY A 44 -7.03 -18.35 -17.29
C GLY A 44 -7.68 -17.15 -16.63
N GLY A 45 -8.67 -16.57 -17.32
CA GLY A 45 -9.37 -15.43 -16.78
C GLY A 45 -10.38 -14.85 -17.75
N GLY A 46 -11.01 -13.74 -17.36
CA GLY A 46 -11.99 -13.10 -18.22
C GLY A 46 -11.45 -11.86 -18.90
N GLY A 47 -11.26 -10.80 -18.13
CA GLY A 47 -10.75 -9.56 -18.68
C GLY A 47 -9.36 -9.72 -19.27
N GLY A 48 -8.69 -8.59 -19.51
CA GLY A 48 -7.36 -8.62 -20.07
C GLY A 48 -6.28 -8.56 -19.00
N PRO A 49 -5.02 -8.54 -19.44
CA PRO A 49 -3.87 -8.48 -18.53
C PRO A 49 -3.75 -7.12 -17.84
N LEU A 50 -4.53 -6.16 -18.31
CA LEU A 50 -4.51 -4.82 -17.73
C LEU A 50 -5.37 -4.75 -16.47
N TYR A 51 -6.29 -5.69 -16.35
CA TYR A 51 -7.17 -5.74 -15.18
C TYR A 51 -6.38 -5.97 -13.90
N PHE A 52 -5.23 -6.63 -14.05
CA PHE A 52 -4.37 -6.92 -12.91
C PHE A 52 -3.87 -5.63 -12.25
N VAL A 53 -3.28 -4.76 -13.07
CA VAL A 53 -2.76 -3.49 -12.58
C VAL A 53 -3.88 -2.47 -12.37
N VAL A 54 -4.97 -2.64 -13.13
CA VAL A 54 -6.11 -1.74 -13.03
C VAL A 54 -6.87 -1.96 -11.72
N ASN A 55 -6.85 -3.19 -11.23
CA ASN A 55 -7.54 -3.53 -9.99
C ASN A 55 -6.60 -3.35 -8.79
N VAL A 56 -5.31 -3.42 -9.05
CA VAL A 56 -4.31 -3.26 -7.99
C VAL A 56 -3.94 -1.79 -7.81
N ILE A 57 -4.06 -1.03 -8.87
CA ILE A 57 -3.74 0.40 -8.83
C ILE A 57 -4.96 1.24 -8.49
N GLU A 58 -6.15 0.70 -8.81
CA GLU A 58 -7.40 1.40 -8.54
C GLU A 58 -7.45 1.87 -7.08
N PRO A 59 -7.39 0.90 -6.15
CA PRO A 59 -7.43 1.19 -4.71
C PRO A 59 -6.17 1.88 -4.23
N CYS A 60 -5.03 1.54 -4.82
CA CYS A 60 -3.75 2.14 -4.44
C CYS A 60 -3.75 3.64 -4.75
N LYS A 61 -4.45 4.02 -5.81
CA LYS A 61 -4.52 5.43 -6.20
C LYS A 61 -5.04 6.29 -5.06
N LYS A 62 -6.23 5.98 -4.58
CA LYS A 62 -6.83 6.74 -3.48
C LYS A 62 -5.91 6.75 -2.26
N PHE A 63 -5.06 5.73 -2.16
CA PHE A 63 -4.12 5.62 -1.05
C PHE A 63 -2.87 6.46 -1.31
N SER A 64 -2.58 6.69 -2.58
CA SER A 64 -1.40 7.46 -2.97
C SER A 64 -1.43 8.83 -2.30
N GLU A 65 -2.60 9.45 -2.26
CA GLU A 65 -2.76 10.77 -1.65
C GLU A 65 -2.43 10.73 -0.17
N LEU A 66 -2.61 9.56 0.44
CA LEU A 66 -2.33 9.39 1.87
C LEU A 66 -0.84 9.53 2.15
N THR A 67 -0.02 9.04 1.23
CA THR A 67 1.42 9.11 1.37
C THR A 67 1.90 10.56 1.41
N GLY A 68 1.04 11.48 0.98
CA GLY A 68 1.39 12.88 0.97
C GLY A 68 0.82 13.63 2.17
N LEU A 69 -0.11 12.99 2.87
CA LEU A 69 -0.73 13.60 4.04
C LEU A 69 0.03 13.25 5.32
N VAL A 70 0.93 12.28 5.21
CA VAL A 70 1.73 11.85 6.34
C VAL A 70 3.08 12.57 6.38
N PHE A 71 3.61 12.88 5.19
CA PHE A 71 4.89 13.56 5.07
C PHE A 71 4.69 15.07 4.93
N TYR A 72 3.43 15.50 4.95
CA TYR A 72 3.11 16.92 4.83
C TYR A 72 2.21 17.37 5.97
N LEU A 73 1.16 16.60 6.24
CA LEU A 73 0.23 16.93 7.31
C LEU A 73 0.23 15.85 8.38
N PRO A 74 1.35 15.75 9.11
CA PRO A 74 1.50 14.75 10.19
C PRO A 74 0.63 15.07 11.39
N THR A 75 -0.13 14.07 11.85
CA THR A 75 -1.02 14.24 12.99
C THR A 75 -0.47 13.51 14.21
N ASP A 76 0.45 12.59 13.98
CA ASP A 76 1.05 11.81 15.07
C ASP A 76 2.12 10.87 14.53
N SER A 77 2.61 9.97 15.39
CA SER A 77 3.63 9.02 15.01
C SER A 77 3.12 8.08 13.93
N GLY A 78 1.80 8.03 13.76
CA GLY A 78 1.21 7.18 12.76
C GLY A 78 -0.30 7.30 12.72
N GLU A 79 -0.81 8.52 12.88
CA GLU A 79 -2.25 8.75 12.86
C GLU A 79 -2.82 8.52 11.46
N LYS A 80 -2.48 9.39 10.53
CA LYS A 80 -2.96 9.27 9.16
C LYS A 80 -2.61 7.91 8.57
N MET A 81 -1.50 7.34 9.04
CA MET A 81 -1.05 6.03 8.56
C MET A 81 -1.94 4.92 9.12
N THR A 82 -1.97 4.80 10.45
CA THR A 82 -2.77 3.77 11.11
C THR A 82 -4.25 3.94 10.77
N GLU A 83 -4.65 5.16 10.44
CA GLU A 83 -6.03 5.44 10.09
C GLU A 83 -6.33 5.06 8.64
N SER A 84 -5.27 5.01 7.83
CA SER A 84 -5.41 4.65 6.42
C SER A 84 -5.44 3.14 6.24
N LYS A 85 -4.79 2.43 7.15
CA LYS A 85 -4.74 0.98 7.09
C LYS A 85 -6.13 0.37 7.22
N SER A 86 -7.06 1.16 7.77
CA SER A 86 -8.44 0.70 7.96
C SER A 86 -9.22 0.81 6.66
N VAL A 87 -8.71 1.61 5.73
CA VAL A 87 -9.37 1.80 4.44
C VAL A 87 -9.08 0.64 3.50
N LEU A 88 -7.87 0.08 3.61
CA LEU A 88 -7.47 -1.04 2.76
C LEU A 88 -8.23 -2.31 3.13
N LYS A 89 -8.57 -2.43 4.41
CA LYS A 89 -9.31 -3.60 4.89
C LYS A 89 -10.78 -3.49 4.53
N SER A 90 -11.30 -2.27 4.50
CA SER A 90 -12.70 -2.03 4.16
C SER A 90 -12.89 -1.90 2.66
N LEU A 91 -11.80 -1.61 1.95
CA LEU A 91 -11.84 -1.46 0.50
C LEU A 91 -11.82 -2.82 -0.19
N THR A 92 -10.92 -3.70 0.25
CA THR A 92 -10.80 -5.03 -0.32
C THR A 92 -12.14 -5.76 -0.30
N GLU A 93 -12.99 -5.40 0.66
CA GLU A 93 -14.31 -6.02 0.78
C GLU A 93 -15.08 -5.93 -0.53
N LYS A 94 -14.82 -4.86 -1.28
CA LYS A 94 -15.49 -4.63 -2.55
C LYS A 94 -14.79 -5.40 -3.67
N LEU A 95 -13.51 -5.69 -3.48
CA LEU A 95 -12.72 -6.41 -4.47
C LEU A 95 -12.94 -7.91 -4.34
N LYS A 96 -13.27 -8.36 -3.14
CA LYS A 96 -13.51 -9.78 -2.88
C LYS A 96 -14.73 -10.27 -3.65
N LYS A 97 -15.69 -9.38 -3.87
CA LYS A 97 -16.91 -9.72 -4.60
C LYS A 97 -16.60 -10.00 -6.06
N ILE A 98 -15.40 -9.64 -6.49
CA ILE A 98 -14.98 -9.85 -7.88
C ILE A 98 -15.21 -11.30 -8.29
N VAL A 99 -15.23 -12.20 -7.31
CA VAL A 99 -15.43 -13.62 -7.58
C VAL A 99 -16.76 -13.85 -8.29
N GLU A 100 -17.66 -12.89 -8.19
CA GLU A 100 -18.97 -13.00 -8.82
C GLU A 100 -18.93 -12.47 -10.25
N LEU A 101 -17.86 -11.75 -10.57
CA LEU A 101 -17.69 -11.17 -11.91
C LEU A 101 -16.79 -12.05 -12.76
N ILE A 102 -15.50 -12.09 -12.41
CA ILE A 102 -14.53 -12.88 -13.14
C ILE A 102 -13.66 -13.69 -12.19
N PRO A 103 -14.24 -14.75 -11.60
CA PRO A 103 -13.53 -15.63 -10.67
C PRO A 103 -12.46 -16.47 -11.35
N SER A 104 -11.22 -16.03 -11.25
CA SER A 104 -10.09 -16.75 -11.86
C SER A 104 -10.11 -18.22 -11.46
N THR A 105 -9.72 -18.50 -10.23
CA THR A 105 -9.69 -19.87 -9.73
C THR A 105 -10.08 -19.92 -8.25
N SER A 106 -10.06 -21.13 -7.68
CA SER A 106 -10.42 -21.31 -6.28
C SER A 106 -9.18 -21.59 -5.44
N SER A 107 -8.03 -21.69 -6.11
CA SER A 107 -6.77 -21.97 -5.43
C SER A 107 -5.92 -20.71 -5.34
N ALA A 108 -6.03 -19.84 -6.34
CA ALA A 108 -5.27 -18.61 -6.38
C ALA A 108 -5.93 -17.54 -5.51
N VAL A 109 -7.20 -17.75 -5.17
CA VAL A 109 -7.94 -16.81 -4.35
C VAL A 109 -7.18 -16.47 -3.08
N PRO A 110 -6.87 -17.52 -2.28
CA PRO A 110 -6.14 -17.36 -1.02
C PRO A 110 -4.68 -16.96 -1.25
N LEU A 111 -4.17 -17.23 -2.45
CA LEU A 111 -2.79 -16.90 -2.77
C LEU A 111 -2.63 -15.40 -3.03
N ILE A 112 -3.38 -14.89 -4.01
CA ILE A 112 -3.33 -13.48 -4.35
C ILE A 112 -3.68 -12.61 -3.14
N GLY A 113 -4.47 -13.17 -2.22
CA GLY A 113 -4.87 -12.43 -1.04
C GLY A 113 -3.68 -11.88 -0.27
N LYS A 114 -2.56 -12.60 -0.33
CA LYS A 114 -1.35 -12.19 0.37
C LYS A 114 -0.63 -11.09 -0.41
N TYR A 115 -0.61 -11.24 -1.73
CA TYR A 115 0.06 -10.27 -2.59
C TYR A 115 -0.68 -8.93 -2.57
N MET A 116 -1.97 -8.96 -2.87
CA MET A 116 -2.79 -7.75 -2.88
C MET A 116 -2.66 -7.00 -1.57
N LEU A 117 -2.55 -7.74 -0.47
CA LEU A 117 -2.41 -7.14 0.85
C LEU A 117 -0.98 -6.67 1.10
N PHE A 118 -0.03 -7.33 0.45
CA PHE A 118 1.38 -6.98 0.60
C PHE A 118 1.60 -5.49 0.36
N THR A 119 0.96 -4.98 -0.69
CA THR A 119 1.10 -3.56 -1.04
C THR A 119 0.35 -2.68 -0.04
N LYS A 120 -0.74 -3.20 0.51
CA LYS A 120 -1.53 -2.47 1.48
C LYS A 120 -0.81 -2.39 2.82
N GLU A 121 0.01 -3.39 3.11
CA GLU A 121 0.76 -3.43 4.37
C GLU A 121 2.07 -2.66 4.24
N PHE A 122 2.56 -2.54 3.01
CA PHE A 122 3.81 -1.82 2.76
C PHE A 122 3.78 -0.43 3.39
N VAL A 123 2.59 0.16 3.46
CA VAL A 123 2.43 1.48 4.03
C VAL A 123 3.04 1.55 5.43
N GLU A 124 3.05 0.43 6.12
CA GLU A 124 3.62 0.36 7.46
C GLU A 124 5.06 0.83 7.47
N SER A 125 5.74 0.67 6.34
CA SER A 125 7.13 1.07 6.21
C SER A 125 7.29 2.56 6.48
N SER A 126 6.19 3.31 6.34
CA SER A 126 6.22 4.75 6.56
C SER A 126 6.44 5.07 8.04
N ILE A 127 6.16 4.09 8.90
CA ILE A 127 6.33 4.26 10.33
C ILE A 127 7.79 4.09 10.74
N LYS A 128 8.38 2.96 10.34
CA LYS A 128 9.77 2.68 10.65
C LYS A 128 10.68 3.83 10.23
N ILE A 129 10.35 4.44 9.09
CA ILE A 129 11.13 5.55 8.57
C ILE A 129 11.05 6.77 9.50
N THR A 130 9.88 6.97 10.09
CA THR A 130 9.67 8.09 11.01
C THR A 130 10.35 7.84 12.34
N GLU A 131 10.60 6.56 12.65
CA GLU A 131 11.24 6.19 13.91
C GLU A 131 12.64 6.82 14.01
N GLU A 132 13.17 7.24 12.87
CA GLU A 132 14.49 7.85 12.82
C GLU A 132 14.41 9.34 13.13
N VAL A 133 13.22 9.91 12.97
CA VAL A 133 13.01 11.33 13.23
C VAL A 133 12.70 11.57 14.71
N ILE A 134 12.15 10.55 15.37
CA ILE A 134 11.80 10.66 16.78
C ILE A 134 13.03 10.54 17.67
N ASN A 135 14.08 9.90 17.12
CA ASN A 135 15.32 9.71 17.87
C ASN A 135 16.20 10.96 17.77
N THR A 136 16.00 11.74 16.72
CA THR A 136 16.79 12.96 16.51
C THR A 136 16.04 14.18 17.02
N HIS A 137 14.75 14.25 16.73
CA HIS A 137 13.91 15.36 17.16
C HIS A 137 13.87 15.45 18.69
N HIS A 138 14.01 14.30 19.34
CA HIS A 138 13.98 14.24 20.79
C HIS A 138 15.32 14.70 21.38
N ARG A 139 16.40 14.12 20.90
CA ARG A 139 17.73 14.48 21.37
C ARG A 139 17.95 15.98 21.31
N SER A 140 18.15 16.49 20.10
CA SER A 140 18.38 17.92 19.91
C SER A 140 17.19 18.73 20.42
N MET A 1 18.68 7.40 10.37
CA MET A 1 18.26 7.72 11.72
C MET A 1 18.42 9.21 12.00
N ALA A 2 17.50 9.77 12.77
CA ALA A 2 17.53 11.19 13.12
C ALA A 2 17.70 11.38 14.62
N HIS A 3 18.04 12.60 15.02
CA HIS A 3 18.23 12.92 16.43
C HIS A 3 18.38 14.42 16.63
N HIS A 4 18.07 14.89 17.83
CA HIS A 4 18.18 16.31 18.15
C HIS A 4 17.39 17.15 17.16
N HIS A 5 16.07 16.94 17.12
CA HIS A 5 15.20 17.68 16.21
C HIS A 5 13.83 17.92 16.86
N HIS A 6 13.09 18.88 16.29
CA HIS A 6 11.76 19.21 16.81
C HIS A 6 10.75 19.32 15.67
N HIS A 7 10.85 20.41 14.91
CA HIS A 7 9.95 20.64 13.79
C HIS A 7 10.14 19.59 12.70
N HIS A 8 9.07 19.30 11.97
CA HIS A 8 9.12 18.30 10.90
C HIS A 8 8.57 18.88 9.60
N ALA A 9 9.48 19.17 8.66
CA ALA A 9 9.09 19.73 7.38
C ALA A 9 10.25 19.73 6.40
N MET A 10 11.40 20.20 6.87
CA MET A 10 12.59 20.27 6.03
C MET A 10 13.28 18.91 5.96
N VAL A 11 13.40 18.25 7.12
CA VAL A 11 14.04 16.94 7.19
C VAL A 11 13.01 15.83 7.00
N ILE A 12 11.74 16.16 7.20
CA ILE A 12 10.66 15.19 7.05
C ILE A 12 10.24 15.05 5.59
N ASP A 13 10.42 16.12 4.83
CA ASP A 13 10.06 16.12 3.41
C ASP A 13 11.07 15.32 2.59
N HIS A 14 12.28 15.20 3.12
CA HIS A 14 13.33 14.45 2.44
C HIS A 14 13.12 12.95 2.59
N ILE A 15 13.04 12.49 3.83
CA ILE A 15 12.84 11.07 4.12
C ILE A 15 11.63 10.53 3.35
N LEU A 16 10.66 11.40 3.09
CA LEU A 16 9.46 11.00 2.36
C LEU A 16 9.81 10.35 1.03
N LYS A 17 10.78 10.94 0.33
CA LYS A 17 11.22 10.41 -0.96
C LYS A 17 11.89 9.05 -0.79
N CYS A 18 12.31 8.75 0.44
CA CYS A 18 12.97 7.48 0.73
C CYS A 18 11.96 6.35 0.81
N VAL A 19 10.81 6.64 1.44
CA VAL A 19 9.76 5.64 1.59
C VAL A 19 8.82 5.64 0.39
N PHE A 20 8.71 6.80 -0.26
CA PHE A 20 7.84 6.94 -1.43
C PHE A 20 8.53 6.40 -2.68
N ASP A 21 9.85 6.28 -2.62
CA ASP A 21 10.63 5.78 -3.75
C ASP A 21 10.33 4.31 -3.99
N LYS A 22 10.46 3.50 -2.95
CA LYS A 22 10.21 2.06 -3.05
C LYS A 22 8.73 1.79 -3.32
N ILE A 23 7.87 2.65 -2.78
CA ILE A 23 6.43 2.49 -2.97
C ILE A 23 6.08 2.40 -4.45
N CYS A 24 6.82 3.13 -5.27
CA CYS A 24 6.59 3.13 -6.72
C CYS A 24 7.20 1.91 -7.38
N LYS A 25 8.18 1.31 -6.69
CA LYS A 25 8.86 0.12 -7.21
C LYS A 25 8.08 -1.14 -6.87
N ILE A 26 7.88 -1.37 -5.58
CA ILE A 26 7.15 -2.55 -5.11
C ILE A 26 5.80 -2.66 -5.81
N GLY A 27 5.23 -1.52 -6.19
CA GLY A 27 3.95 -1.52 -6.86
C GLY A 27 4.00 -2.19 -8.22
N THR A 28 5.11 -2.00 -8.92
CA THR A 28 5.28 -2.59 -10.25
C THR A 28 5.96 -3.96 -10.16
N GLU A 29 6.66 -4.19 -9.04
CA GLU A 29 7.36 -5.46 -8.84
C GLU A 29 6.37 -6.60 -8.63
N SER A 30 5.21 -6.26 -8.07
CA SER A 30 4.18 -7.26 -7.82
C SER A 30 3.37 -7.55 -9.08
N VAL A 31 3.44 -6.64 -10.05
CA VAL A 31 2.72 -6.79 -11.29
C VAL A 31 3.23 -7.99 -12.08
N GLU A 32 4.44 -8.43 -11.76
CA GLU A 32 5.04 -9.57 -12.45
C GLU A 32 4.62 -10.88 -11.79
N ALA A 33 4.94 -11.01 -10.50
CA ALA A 33 4.60 -12.22 -9.75
C ALA A 33 3.09 -12.47 -9.78
N GLY A 34 2.32 -11.41 -10.02
CA GLY A 34 0.88 -11.54 -10.07
C GLY A 34 0.40 -12.21 -11.35
N ARG A 35 1.03 -11.86 -12.47
CA ARG A 35 0.67 -12.44 -13.76
C ARG A 35 1.44 -13.72 -14.03
N LEU A 36 2.62 -13.84 -13.42
CA LEU A 36 3.45 -15.01 -13.59
C LEU A 36 2.86 -16.22 -12.85
N ILE A 37 2.29 -15.96 -11.68
CA ILE A 37 1.69 -17.02 -10.87
C ILE A 37 0.31 -17.38 -11.40
N GLU A 38 -0.43 -16.38 -11.84
CA GLU A 38 -1.77 -16.60 -12.38
C GLU A 38 -1.72 -17.46 -13.64
N LEU A 39 -0.81 -17.12 -14.54
CA LEU A 39 -0.65 -17.87 -15.79
C LEU A 39 -0.52 -19.36 -15.53
N SER A 40 0.35 -19.71 -14.58
CA SER A 40 0.57 -21.11 -14.23
C SER A 40 -0.74 -21.80 -13.88
N GLN A 41 -1.64 -21.05 -13.26
CA GLN A 41 -2.95 -21.59 -12.87
C GLN A 41 -3.68 -22.17 -14.07
N GLU A 42 -3.53 -21.52 -15.22
CA GLU A 42 -4.18 -21.97 -16.44
C GLU A 42 -3.83 -21.06 -17.61
N GLY A 43 -3.69 -19.76 -17.32
CA GLY A 43 -3.36 -18.81 -18.36
C GLY A 43 -4.61 -18.20 -19.00
N GLY A 44 -5.77 -18.75 -18.67
CA GLY A 44 -7.01 -18.25 -19.22
C GLY A 44 -7.84 -17.49 -18.21
N GLY A 45 -8.85 -16.78 -18.68
CA GLY A 45 -9.71 -16.01 -17.79
C GLY A 45 -10.44 -14.90 -18.51
N GLY A 46 -11.49 -14.38 -17.87
CA GLY A 46 -12.26 -13.31 -18.48
C GLY A 46 -11.44 -12.06 -18.71
N GLY A 47 -11.61 -11.08 -17.83
CA GLY A 47 -10.87 -9.83 -17.97
C GLY A 47 -9.37 -10.06 -18.06
N GLY A 48 -8.62 -8.98 -18.30
CA GLY A 48 -7.18 -9.09 -18.41
C GLY A 48 -6.47 -8.67 -17.14
N PRO A 49 -5.12 -8.70 -17.17
CA PRO A 49 -4.30 -8.33 -16.02
C PRO A 49 -4.33 -6.83 -15.75
N LEU A 50 -4.90 -6.07 -16.68
CA LEU A 50 -5.02 -4.63 -16.53
C LEU A 50 -6.20 -4.26 -15.66
N TYR A 51 -7.28 -5.03 -15.75
CA TYR A 51 -8.47 -4.78 -14.96
C TYR A 51 -8.17 -4.87 -13.46
N PHE A 52 -7.28 -5.79 -13.11
CA PHE A 52 -6.91 -5.99 -11.72
C PHE A 52 -6.20 -4.76 -11.16
N VAL A 53 -5.19 -4.30 -11.87
CA VAL A 53 -4.43 -3.12 -11.46
C VAL A 53 -5.27 -1.85 -11.58
N VAL A 54 -6.17 -1.83 -12.56
CA VAL A 54 -7.04 -0.69 -12.78
C VAL A 54 -8.11 -0.60 -11.71
N ASN A 55 -8.61 -1.75 -11.28
CA ASN A 55 -9.64 -1.80 -10.25
C ASN A 55 -9.04 -1.74 -8.86
N VAL A 56 -7.78 -2.15 -8.76
CA VAL A 56 -7.07 -2.16 -7.47
C VAL A 56 -6.44 -0.79 -7.21
N ILE A 57 -5.79 -0.23 -8.22
CA ILE A 57 -5.14 1.07 -8.09
C ILE A 57 -6.18 2.20 -8.10
N GLU A 58 -7.35 1.91 -8.66
CA GLU A 58 -8.41 2.90 -8.73
C GLU A 58 -8.69 3.52 -7.36
N PRO A 59 -9.07 2.67 -6.40
CA PRO A 59 -9.37 3.10 -5.03
C PRO A 59 -8.12 3.53 -4.27
N CYS A 60 -6.99 2.89 -4.58
CA CYS A 60 -5.73 3.22 -3.94
C CYS A 60 -5.30 4.64 -4.27
N LYS A 61 -5.65 5.10 -5.46
CA LYS A 61 -5.30 6.45 -5.89
C LYS A 61 -5.74 7.49 -4.86
N LYS A 62 -7.02 7.45 -4.50
CA LYS A 62 -7.57 8.38 -3.51
C LYS A 62 -6.77 8.32 -2.21
N PHE A 63 -6.13 7.18 -1.95
CA PHE A 63 -5.35 6.99 -0.75
C PHE A 63 -3.94 7.56 -0.93
N SER A 64 -3.49 7.62 -2.17
CA SER A 64 -2.16 8.13 -2.48
C SER A 64 -1.95 9.51 -1.88
N GLU A 65 -3.00 10.33 -1.93
CA GLU A 65 -2.94 11.69 -1.39
C GLU A 65 -2.68 11.67 0.12
N LEU A 66 -3.07 10.57 0.76
CA LEU A 66 -2.87 10.41 2.20
C LEU A 66 -1.39 10.32 2.54
N THR A 67 -0.61 9.75 1.64
CA THR A 67 0.83 9.60 1.85
C THR A 67 1.50 10.97 1.95
N GLY A 68 0.85 12.00 1.44
CA GLY A 68 1.40 13.33 1.49
C GLY A 68 0.82 14.16 2.62
N LEU A 69 -0.27 13.68 3.21
CA LEU A 69 -0.92 14.37 4.31
C LEU A 69 -0.37 13.91 5.66
N VAL A 70 0.40 12.83 5.63
CA VAL A 70 0.99 12.28 6.84
C VAL A 70 2.41 12.81 7.05
N PHE A 71 3.10 13.06 5.94
CA PHE A 71 4.47 13.57 6.00
C PHE A 71 4.50 15.08 5.87
N TYR A 72 3.32 15.68 5.77
CA TYR A 72 3.20 17.13 5.63
C TYR A 72 2.39 17.72 6.78
N LEU A 73 1.13 17.31 6.89
CA LEU A 73 0.25 17.79 7.94
C LEU A 73 -0.61 16.67 8.49
N PRO A 74 0.00 15.78 9.28
CA PRO A 74 -0.70 14.64 9.89
C PRO A 74 -1.69 15.07 10.97
N THR A 75 -2.93 14.59 10.86
CA THR A 75 -3.96 14.92 11.83
C THR A 75 -3.63 14.36 13.20
N ASP A 76 -2.66 13.45 13.25
CA ASP A 76 -2.26 12.83 14.51
C ASP A 76 -1.09 11.86 14.29
N SER A 77 -0.76 11.11 15.33
CA SER A 77 0.33 10.14 15.25
C SER A 77 0.02 9.05 14.22
N GLY A 78 -1.26 8.95 13.84
CA GLY A 78 -1.66 7.95 12.88
C GLY A 78 -3.12 8.10 12.47
N GLU A 79 -3.63 9.32 12.51
CA GLU A 79 -5.01 9.59 12.16
C GLU A 79 -5.22 9.44 10.65
N LYS A 80 -4.29 9.98 9.87
CA LYS A 80 -4.37 9.91 8.42
C LYS A 80 -3.87 8.56 7.91
N MET A 81 -3.06 7.89 8.72
CA MET A 81 -2.52 6.58 8.36
C MET A 81 -3.50 5.48 8.70
N THR A 82 -4.09 5.54 9.89
CA THR A 82 -5.04 4.55 10.33
C THR A 82 -6.22 4.44 9.37
N GLU A 83 -6.45 5.50 8.60
CA GLU A 83 -7.54 5.54 7.63
C GLU A 83 -7.14 4.82 6.35
N SER A 84 -5.84 4.68 6.14
CA SER A 84 -5.33 4.02 4.94
C SER A 84 -5.51 2.50 5.03
N LYS A 85 -5.55 2.00 6.26
CA LYS A 85 -5.72 0.56 6.48
C LYS A 85 -7.15 0.14 6.23
N SER A 86 -8.08 1.10 6.30
CA SER A 86 -9.49 0.83 6.07
C SER A 86 -9.83 0.92 4.59
N VAL A 87 -8.96 1.57 3.83
CA VAL A 87 -9.17 1.72 2.39
C VAL A 87 -8.72 0.48 1.64
N LEU A 88 -7.67 -0.17 2.13
CA LEU A 88 -7.14 -1.37 1.50
C LEU A 88 -7.88 -2.61 1.99
N LYS A 89 -8.29 -2.58 3.26
CA LYS A 89 -9.01 -3.70 3.85
C LYS A 89 -10.45 -3.76 3.34
N SER A 90 -11.06 -2.59 3.16
CA SER A 90 -12.44 -2.50 2.68
C SER A 90 -12.49 -2.66 1.17
N LEU A 91 -11.35 -2.42 0.51
CA LEU A 91 -11.28 -2.54 -0.95
C LEU A 91 -11.21 -4.00 -1.38
N THR A 92 -10.33 -4.75 -0.73
CA THR A 92 -10.17 -6.17 -1.05
C THR A 92 -11.50 -6.90 -0.97
N GLU A 93 -12.41 -6.39 -0.15
CA GLU A 93 -13.72 -7.00 0.02
C GLU A 93 -14.41 -7.19 -1.32
N LYS A 94 -14.20 -6.25 -2.23
CA LYS A 94 -14.79 -6.31 -3.56
C LYS A 94 -13.95 -7.18 -4.49
N LEU A 95 -12.67 -7.33 -4.16
CA LEU A 95 -11.77 -8.13 -4.97
C LEU A 95 -11.90 -9.62 -4.63
N LYS A 96 -12.39 -9.89 -3.43
CA LYS A 96 -12.58 -11.28 -2.97
C LYS A 96 -13.85 -11.87 -3.56
N LYS A 97 -14.89 -11.04 -3.69
CA LYS A 97 -16.16 -11.49 -4.24
C LYS A 97 -16.06 -11.73 -5.74
N ILE A 98 -14.96 -11.28 -6.32
CA ILE A 98 -14.73 -11.45 -7.75
C ILE A 98 -14.90 -12.91 -8.16
N VAL A 99 -14.72 -13.81 -7.21
CA VAL A 99 -14.84 -15.24 -7.47
C VAL A 99 -16.23 -15.57 -8.01
N GLU A 100 -17.19 -14.68 -7.76
CA GLU A 100 -18.56 -14.88 -8.22
C GLU A 100 -18.74 -14.34 -9.63
N LEU A 101 -17.83 -13.47 -10.05
CA LEU A 101 -17.89 -12.89 -11.38
C LEU A 101 -17.16 -13.75 -12.40
N ILE A 102 -15.84 -13.83 -12.27
CA ILE A 102 -15.03 -14.63 -13.18
C ILE A 102 -13.93 -15.37 -12.42
N PRO A 103 -14.31 -16.43 -11.68
CA PRO A 103 -13.37 -17.24 -10.90
C PRO A 103 -12.45 -18.06 -11.79
N SER A 104 -11.39 -17.44 -12.28
CA SER A 104 -10.43 -18.13 -13.14
C SER A 104 -9.95 -19.43 -12.49
N THR A 105 -9.20 -19.31 -11.42
CA THR A 105 -8.68 -20.47 -10.71
C THR A 105 -8.68 -20.24 -9.19
N SER A 106 -9.21 -21.22 -8.46
CA SER A 106 -9.28 -21.13 -7.00
C SER A 106 -7.93 -21.46 -6.37
N SER A 107 -6.99 -21.89 -7.21
CA SER A 107 -5.66 -22.25 -6.73
C SER A 107 -4.82 -21.02 -6.46
N ALA A 108 -5.07 -19.96 -7.23
CA ALA A 108 -4.35 -18.71 -7.07
C ALA A 108 -4.91 -17.89 -5.93
N VAL A 109 -6.13 -18.21 -5.50
CA VAL A 109 -6.78 -17.51 -4.42
C VAL A 109 -5.89 -17.43 -3.18
N PRO A 110 -5.47 -18.60 -2.69
CA PRO A 110 -4.60 -18.70 -1.52
C PRO A 110 -3.18 -18.20 -1.80
N LEU A 111 -2.80 -18.22 -3.07
CA LEU A 111 -1.47 -17.77 -3.47
C LEU A 111 -1.37 -16.25 -3.40
N ILE A 112 -2.24 -15.57 -4.14
CA ILE A 112 -2.25 -14.12 -4.16
C ILE A 112 -2.41 -13.55 -2.75
N GLY A 113 -3.01 -14.34 -1.86
CA GLY A 113 -3.22 -13.89 -0.50
C GLY A 113 -1.93 -13.41 0.15
N LYS A 114 -0.81 -14.01 -0.24
CA LYS A 114 0.48 -13.64 0.31
C LYS A 114 1.06 -12.42 -0.41
N TYR A 115 0.76 -12.32 -1.71
CA TYR A 115 1.25 -11.20 -2.52
C TYR A 115 0.50 -9.92 -2.18
N MET A 116 -0.75 -10.07 -1.77
CA MET A 116 -1.58 -8.92 -1.42
C MET A 116 -1.05 -8.23 -0.17
N LEU A 117 -0.89 -9.00 0.90
CA LEU A 117 -0.39 -8.46 2.16
C LEU A 117 0.97 -7.79 1.96
N PHE A 118 1.70 -8.23 0.95
CA PHE A 118 3.02 -7.68 0.65
C PHE A 118 2.95 -6.16 0.52
N THR A 119 1.87 -5.67 -0.11
CA THR A 119 1.69 -4.24 -0.30
C THR A 119 1.36 -3.55 1.01
N LYS A 120 0.46 -4.14 1.78
CA LYS A 120 0.05 -3.58 3.07
C LYS A 120 1.22 -3.60 4.05
N GLU A 121 2.16 -4.50 3.84
CA GLU A 121 3.33 -4.62 4.71
C GLU A 121 4.32 -3.50 4.44
N PHE A 122 4.38 -3.06 3.19
CA PHE A 122 5.28 -1.99 2.80
C PHE A 122 4.85 -0.66 3.37
N VAL A 123 3.58 -0.31 3.16
CA VAL A 123 3.03 0.94 3.66
C VAL A 123 3.16 1.04 5.17
N GLU A 124 3.29 -0.11 5.83
CA GLU A 124 3.43 -0.16 7.28
C GLU A 124 4.74 0.48 7.72
N SER A 125 5.69 0.57 6.79
CA SER A 125 7.00 1.16 7.08
C SER A 125 6.91 2.67 7.12
N SER A 126 6.26 3.26 6.12
CA SER A 126 6.12 4.71 6.04
C SER A 126 5.42 5.25 7.28
N ILE A 127 4.46 4.48 7.79
CA ILE A 127 3.72 4.88 8.98
C ILE A 127 4.53 4.64 10.25
N LYS A 128 5.46 3.70 10.17
CA LYS A 128 6.30 3.36 11.31
C LYS A 128 7.47 4.34 11.44
N ILE A 129 7.90 4.88 10.30
CA ILE A 129 9.00 5.84 10.28
C ILE A 129 8.63 7.12 11.02
N THR A 130 7.37 7.52 10.90
CA THR A 130 6.89 8.72 11.56
C THR A 130 6.93 8.59 13.08
N GLU A 131 6.92 7.35 13.55
CA GLU A 131 6.96 7.08 14.98
C GLU A 131 8.23 7.65 15.61
N GLU A 132 9.22 7.93 14.77
CA GLU A 132 10.49 8.49 15.24
C GLU A 132 10.40 10.01 15.36
N VAL A 133 9.43 10.60 14.66
CA VAL A 133 9.25 12.04 14.69
C VAL A 133 8.36 12.47 15.86
N ILE A 134 7.50 11.55 16.30
CA ILE A 134 6.59 11.83 17.40
C ILE A 134 7.34 11.81 18.74
N ASN A 135 8.39 10.99 18.81
CA ASN A 135 9.18 10.87 20.03
C ASN A 135 10.07 12.09 20.21
N THR A 136 10.34 12.80 19.10
CA THR A 136 11.19 13.98 19.14
C THR A 136 10.43 15.18 19.71
N HIS A 137 9.19 15.36 19.27
CA HIS A 137 8.36 16.46 19.74
C HIS A 137 7.83 16.18 21.15
N HIS A 138 8.04 14.96 21.62
CA HIS A 138 7.58 14.57 22.95
C HIS A 138 8.75 14.50 23.93
N ARG A 139 9.95 14.28 23.39
CA ARG A 139 11.15 14.20 24.23
C ARG A 139 11.26 15.41 25.14
N SER A 140 11.65 16.54 24.57
CA SER A 140 11.79 17.77 25.34
C SER A 140 11.68 18.99 24.45
N MET A 1 8.04 10.31 18.96
CA MET A 1 7.61 9.91 20.29
C MET A 1 7.69 11.09 21.26
N ALA A 2 6.57 11.36 21.93
CA ALA A 2 6.52 12.46 22.89
C ALA A 2 6.87 13.79 22.23
N HIS A 3 6.96 14.84 23.04
CA HIS A 3 7.29 16.17 22.53
C HIS A 3 6.23 16.66 21.56
N HIS A 4 6.26 17.96 21.25
CA HIS A 4 5.29 18.56 20.34
C HIS A 4 5.58 20.04 20.15
N HIS A 5 5.72 20.45 18.89
CA HIS A 5 6.00 21.84 18.56
C HIS A 5 6.08 22.04 17.05
N HIS A 6 6.26 23.29 16.63
CA HIS A 6 6.35 23.62 15.21
C HIS A 6 7.72 23.25 14.66
N HIS A 7 7.74 22.27 13.76
CA HIS A 7 9.00 21.82 13.15
C HIS A 7 8.74 20.72 12.13
N HIS A 8 9.81 20.08 11.67
CA HIS A 8 9.70 19.01 10.69
C HIS A 8 9.12 19.52 9.38
N ALA A 9 9.97 19.65 8.37
CA ALA A 9 9.54 20.14 7.06
C ALA A 9 10.67 20.02 6.04
N MET A 10 11.85 20.47 6.42
CA MET A 10 13.01 20.42 5.54
C MET A 10 13.63 19.03 5.53
N VAL A 11 13.77 18.44 6.71
CA VAL A 11 14.35 17.11 6.85
C VAL A 11 13.27 16.04 6.79
N ILE A 12 12.03 16.44 7.02
CA ILE A 12 10.91 15.51 6.99
C ILE A 12 10.41 15.30 5.55
N ASP A 13 10.60 16.31 4.71
CA ASP A 13 10.18 16.23 3.32
C ASP A 13 11.09 15.31 2.53
N HIS A 14 12.30 15.08 3.06
CA HIS A 14 13.27 14.23 2.39
C HIS A 14 13.02 12.76 2.72
N ILE A 15 12.29 12.52 3.81
CA ILE A 15 11.98 11.15 4.22
C ILE A 15 10.89 10.54 3.36
N LEU A 16 10.07 11.40 2.76
CA LEU A 16 8.97 10.95 1.90
C LEU A 16 9.50 10.02 0.80
N LYS A 17 10.60 10.42 0.18
CA LYS A 17 11.21 9.64 -0.89
C LYS A 17 11.75 8.31 -0.34
N CYS A 18 11.94 8.25 0.98
CA CYS A 18 12.43 7.03 1.62
C CYS A 18 11.34 5.99 1.74
N VAL A 19 10.13 6.44 2.07
CA VAL A 19 9.00 5.53 2.22
C VAL A 19 8.28 5.34 0.89
N PHE A 20 8.36 6.34 0.02
CA PHE A 20 7.72 6.27 -1.29
C PHE A 20 8.57 5.47 -2.27
N ASP A 21 9.85 5.31 -1.95
CA ASP A 21 10.77 4.56 -2.80
C ASP A 21 10.41 3.08 -2.81
N LYS A 22 10.38 2.48 -1.62
CA LYS A 22 10.05 1.06 -1.49
C LYS A 22 8.76 0.73 -2.22
N ILE A 23 7.77 1.61 -2.10
CA ILE A 23 6.49 1.41 -2.75
C ILE A 23 6.66 1.17 -4.25
N CYS A 24 7.65 1.83 -4.83
CA CYS A 24 7.92 1.69 -6.26
C CYS A 24 8.73 0.43 -6.54
N LYS A 25 9.41 -0.07 -5.51
CA LYS A 25 10.22 -1.26 -5.65
C LYS A 25 9.37 -2.51 -5.48
N ILE A 26 8.73 -2.65 -4.32
CA ILE A 26 7.88 -3.79 -4.04
C ILE A 26 6.86 -4.01 -5.15
N GLY A 27 6.47 -2.93 -5.81
CA GLY A 27 5.51 -3.03 -6.90
C GLY A 27 6.01 -3.88 -8.05
N THR A 28 7.24 -3.62 -8.48
CA THR A 28 7.83 -4.37 -9.59
C THR A 28 7.75 -5.87 -9.34
N GLU A 29 7.75 -6.26 -8.07
CA GLU A 29 7.68 -7.67 -7.70
C GLU A 29 6.28 -8.23 -7.97
N SER A 30 5.27 -7.40 -7.72
CA SER A 30 3.89 -7.81 -7.93
C SER A 30 3.49 -7.66 -9.39
N VAL A 31 4.12 -6.72 -10.08
CA VAL A 31 3.84 -6.47 -11.49
C VAL A 31 4.11 -7.71 -12.33
N GLU A 32 4.92 -8.63 -11.80
CA GLU A 32 5.26 -9.86 -12.49
C GLU A 32 4.23 -10.94 -12.20
N ALA A 33 3.99 -11.19 -10.91
CA ALA A 33 3.03 -12.20 -10.50
C ALA A 33 1.66 -11.95 -11.13
N GLY A 34 1.40 -10.69 -11.50
CA GLY A 34 0.13 -10.34 -12.10
C GLY A 34 -0.01 -10.90 -13.51
N ARG A 35 1.06 -10.82 -14.28
CA ARG A 35 1.04 -11.31 -15.66
C ARG A 35 1.46 -12.78 -15.71
N LEU A 36 2.14 -13.23 -14.66
CA LEU A 36 2.59 -14.62 -14.60
C LEU A 36 1.45 -15.54 -14.19
N ILE A 37 0.58 -15.05 -13.32
CA ILE A 37 -0.55 -15.84 -12.85
C ILE A 37 -1.66 -15.89 -13.91
N GLU A 38 -2.06 -14.71 -14.38
CA GLU A 38 -3.11 -14.63 -15.40
C GLU A 38 -2.77 -15.48 -16.61
N LEU A 39 -1.57 -15.29 -17.14
CA LEU A 39 -1.12 -16.04 -18.30
C LEU A 39 -1.31 -17.54 -18.09
N SER A 40 -1.10 -17.99 -16.86
CA SER A 40 -1.26 -19.40 -16.52
C SER A 40 -2.72 -19.75 -16.28
N GLN A 41 -3.50 -18.76 -15.83
CA GLN A 41 -4.91 -18.97 -15.56
C GLN A 41 -5.66 -19.32 -16.84
N GLU A 42 -5.83 -20.62 -17.10
CA GLU A 42 -6.53 -21.08 -18.29
C GLU A 42 -7.40 -22.29 -17.98
N GLY A 43 -7.58 -22.56 -16.69
CA GLY A 43 -8.39 -23.70 -16.27
C GLY A 43 -9.87 -23.40 -16.32
N GLY A 44 -10.23 -22.13 -16.14
CA GLY A 44 -11.62 -21.74 -16.16
C GLY A 44 -11.88 -20.53 -17.06
N GLY A 45 -10.93 -19.60 -17.07
CA GLY A 45 -11.08 -18.41 -17.87
C GLY A 45 -11.23 -17.15 -17.04
N GLY A 46 -10.72 -16.04 -17.55
CA GLY A 46 -10.82 -14.78 -16.83
C GLY A 46 -10.32 -13.61 -17.65
N GLY A 47 -10.41 -12.41 -17.08
CA GLY A 47 -9.96 -11.21 -17.77
C GLY A 47 -8.49 -11.28 -18.14
N GLY A 48 -7.95 -10.17 -18.63
CA GLY A 48 -6.55 -10.13 -19.02
C GLY A 48 -5.65 -9.66 -17.89
N PRO A 49 -4.34 -9.60 -18.16
CA PRO A 49 -3.35 -9.16 -17.18
C PRO A 49 -3.46 -7.67 -16.85
N LEU A 50 -4.24 -6.96 -17.66
CA LEU A 50 -4.43 -5.53 -17.46
C LEU A 50 -5.43 -5.25 -16.34
N TYR A 51 -6.35 -6.19 -16.14
CA TYR A 51 -7.36 -6.06 -15.09
C TYR A 51 -6.73 -6.17 -13.71
N PHE A 52 -5.65 -6.93 -13.61
CA PHE A 52 -4.95 -7.12 -12.34
C PHE A 52 -4.34 -5.80 -11.87
N VAL A 53 -3.65 -5.12 -12.77
CA VAL A 53 -3.01 -3.86 -12.43
C VAL A 53 -4.03 -2.72 -12.37
N VAL A 54 -5.13 -2.89 -13.11
CA VAL A 54 -6.19 -1.88 -13.14
C VAL A 54 -7.06 -1.97 -11.90
N ASN A 55 -7.21 -3.19 -11.37
CA ASN A 55 -8.03 -3.40 -10.19
C ASN A 55 -7.20 -3.26 -8.92
N VAL A 56 -5.89 -3.46 -9.05
CA VAL A 56 -4.98 -3.36 -7.91
C VAL A 56 -4.53 -1.92 -7.71
N ILE A 57 -4.16 -1.26 -8.80
CA ILE A 57 -3.70 0.13 -8.74
C ILE A 57 -4.88 1.08 -8.55
N GLU A 58 -6.08 0.62 -8.90
CA GLU A 58 -7.27 1.44 -8.76
C GLU A 58 -7.39 1.99 -7.34
N PRO A 59 -7.47 1.08 -6.36
CA PRO A 59 -7.59 1.44 -4.94
C PRO A 59 -6.31 2.06 -4.39
N CYS A 60 -5.18 1.70 -5.00
CA CYS A 60 -3.88 2.21 -4.58
C CYS A 60 -3.78 3.72 -4.84
N LYS A 61 -4.43 4.17 -5.91
CA LYS A 61 -4.41 5.58 -6.27
C LYS A 61 -4.91 6.44 -5.12
N LYS A 62 -6.13 6.20 -4.67
CA LYS A 62 -6.71 6.95 -3.58
C LYS A 62 -5.81 6.90 -2.34
N PHE A 63 -5.01 5.83 -2.24
CA PHE A 63 -4.11 5.66 -1.11
C PHE A 63 -2.80 6.42 -1.33
N SER A 64 -2.48 6.66 -2.60
CA SER A 64 -1.26 7.38 -2.95
C SER A 64 -1.23 8.75 -2.30
N GLU A 65 -2.38 9.43 -2.31
CA GLU A 65 -2.48 10.76 -1.73
C GLU A 65 -2.26 10.71 -0.22
N LEU A 66 -2.57 9.56 0.38
CA LEU A 66 -2.40 9.38 1.82
C LEU A 66 -0.93 9.40 2.21
N THR A 67 -0.09 8.81 1.36
CA THR A 67 1.34 8.76 1.60
C THR A 67 1.95 10.15 1.64
N GLY A 68 1.21 11.12 1.12
CA GLY A 68 1.69 12.50 1.10
C GLY A 68 1.10 13.33 2.22
N LEU A 69 0.06 12.80 2.87
CA LEU A 69 -0.59 13.52 3.96
C LEU A 69 0.03 13.14 5.29
N VAL A 70 0.88 12.12 5.28
CA VAL A 70 1.55 11.66 6.50
C VAL A 70 2.92 12.29 6.63
N PHE A 71 3.56 12.54 5.50
CA PHE A 71 4.89 13.15 5.48
C PHE A 71 4.81 14.65 5.28
N TYR A 72 3.59 15.16 5.16
CA TYR A 72 3.37 16.59 4.95
C TYR A 72 2.47 17.17 6.04
N LEU A 73 1.27 16.59 6.17
CA LEU A 73 0.32 17.04 7.17
C LEU A 73 0.08 15.97 8.23
N PRO A 74 1.08 15.77 9.10
CA PRO A 74 1.01 14.78 10.18
C PRO A 74 0.00 15.17 11.26
N THR A 75 -0.89 14.24 11.60
CA THR A 75 -1.90 14.49 12.62
C THR A 75 -1.53 13.81 13.94
N ASP A 76 -0.60 12.87 13.87
CA ASP A 76 -0.16 12.14 15.06
C ASP A 76 0.94 11.15 14.70
N SER A 77 1.29 10.29 15.66
CA SER A 77 2.33 9.29 15.46
C SER A 77 1.92 8.31 14.37
N GLY A 78 0.64 8.29 14.05
CA GLY A 78 0.14 7.39 13.02
C GLY A 78 -1.35 7.54 12.79
N GLU A 79 -1.83 8.78 12.82
CA GLU A 79 -3.25 9.05 12.60
C GLU A 79 -3.65 8.77 11.17
N LYS A 80 -3.17 9.61 10.25
CA LYS A 80 -3.48 9.46 8.83
C LYS A 80 -3.11 8.06 8.35
N MET A 81 -2.12 7.45 9.00
CA MET A 81 -1.68 6.11 8.63
C MET A 81 -2.66 5.06 9.13
N THR A 82 -2.84 5.00 10.45
CA THR A 82 -3.75 4.03 11.06
C THR A 82 -5.16 4.21 10.53
N GLU A 83 -5.48 5.43 10.11
CA GLU A 83 -6.81 5.73 9.57
C GLU A 83 -6.97 5.19 8.16
N SER A 84 -5.85 5.09 7.44
CA SER A 84 -5.88 4.58 6.07
C SER A 84 -5.81 3.06 6.05
N LYS A 85 -5.23 2.48 7.09
CA LYS A 85 -5.12 1.03 7.20
C LYS A 85 -6.48 0.37 7.29
N SER A 86 -7.43 1.07 7.92
CA SER A 86 -8.78 0.56 8.08
C SER A 86 -9.48 0.42 6.72
N VAL A 87 -8.93 1.10 5.71
CA VAL A 87 -9.50 1.05 4.37
C VAL A 87 -8.93 -0.13 3.58
N LEU A 88 -7.75 -0.60 3.99
CA LEU A 88 -7.11 -1.72 3.32
C LEU A 88 -7.88 -3.01 3.56
N LYS A 89 -8.44 -3.16 4.75
CA LYS A 89 -9.22 -4.34 5.10
C LYS A 89 -10.62 -4.27 4.52
N SER A 90 -11.17 -3.06 4.45
CA SER A 90 -12.52 -2.86 3.93
C SER A 90 -12.49 -2.81 2.41
N LEU A 91 -11.32 -2.56 1.83
CA LEU A 91 -11.16 -2.49 0.39
C LEU A 91 -11.28 -3.87 -0.23
N THR A 92 -10.60 -4.85 0.36
CA THR A 92 -10.63 -6.21 -0.14
C THR A 92 -12.07 -6.72 -0.27
N GLU A 93 -12.97 -6.16 0.54
CA GLU A 93 -14.37 -6.56 0.50
C GLU A 93 -14.94 -6.42 -0.91
N LYS A 94 -14.42 -5.45 -1.65
CA LYS A 94 -14.88 -5.20 -3.01
C LYS A 94 -14.16 -6.12 -4.00
N LEU A 95 -12.99 -6.60 -3.61
CA LEU A 95 -12.20 -7.49 -4.45
C LEU A 95 -12.69 -8.93 -4.33
N LYS A 96 -13.09 -9.31 -3.12
CA LYS A 96 -13.58 -10.67 -2.87
C LYS A 96 -14.88 -10.92 -3.63
N LYS A 97 -15.66 -9.86 -3.84
CA LYS A 97 -16.93 -9.96 -4.55
C LYS A 97 -16.70 -10.25 -6.03
N ILE A 98 -15.45 -10.09 -6.47
CA ILE A 98 -15.10 -10.33 -7.87
C ILE A 98 -15.58 -11.70 -8.33
N VAL A 99 -15.74 -12.62 -7.37
CA VAL A 99 -16.20 -13.96 -7.68
C VAL A 99 -17.55 -13.94 -8.39
N GLU A 100 -18.28 -12.83 -8.23
CA GLU A 100 -19.58 -12.69 -8.86
C GLU A 100 -19.45 -12.13 -10.27
N LEU A 101 -18.30 -11.52 -10.55
CA LEU A 101 -18.04 -10.94 -11.86
C LEU A 101 -17.42 -11.97 -12.81
N ILE A 102 -16.18 -12.34 -12.53
CA ILE A 102 -15.47 -13.32 -13.34
C ILE A 102 -14.69 -14.31 -12.48
N PRO A 103 -15.42 -15.22 -11.83
CA PRO A 103 -14.83 -16.24 -10.96
C PRO A 103 -14.03 -17.27 -11.75
N SER A 104 -12.82 -16.91 -12.14
CA SER A 104 -11.96 -17.81 -12.91
C SER A 104 -11.78 -19.14 -12.18
N THR A 105 -10.99 -19.13 -11.12
CA THR A 105 -10.74 -20.34 -10.34
C THR A 105 -10.24 -20.00 -8.94
N SER A 106 -10.06 -21.03 -8.12
CA SER A 106 -9.59 -20.83 -6.75
C SER A 106 -8.06 -20.92 -6.68
N SER A 107 -7.43 -21.01 -7.85
CA SER A 107 -5.98 -21.11 -7.92
C SER A 107 -5.33 -19.74 -7.74
N ALA A 108 -5.91 -18.72 -8.37
CA ALA A 108 -5.39 -17.37 -8.28
C ALA A 108 -5.83 -16.70 -6.99
N VAL A 109 -6.84 -17.27 -6.35
CA VAL A 109 -7.36 -16.73 -5.09
C VAL A 109 -6.23 -16.54 -4.08
N PRO A 110 -5.52 -17.63 -3.77
CA PRO A 110 -4.41 -17.62 -2.82
C PRO A 110 -3.20 -16.86 -3.34
N LEU A 111 -2.97 -16.95 -4.66
CA LEU A 111 -1.84 -16.29 -5.29
C LEU A 111 -1.97 -14.78 -5.17
N ILE A 112 -3.10 -14.24 -5.62
CA ILE A 112 -3.35 -12.80 -5.56
C ILE A 112 -3.52 -12.34 -4.11
N GLY A 113 -3.95 -13.27 -3.25
CA GLY A 113 -4.15 -12.94 -1.85
C GLY A 113 -2.84 -12.66 -1.13
N LYS A 114 -1.78 -13.37 -1.52
CA LYS A 114 -0.48 -13.20 -0.89
C LYS A 114 0.07 -11.80 -1.17
N TYR A 115 -0.25 -11.26 -2.34
CA TYR A 115 0.22 -9.93 -2.71
C TYR A 115 -0.70 -8.85 -2.17
N MET A 116 -1.92 -9.25 -1.82
CA MET A 116 -2.90 -8.32 -1.28
C MET A 116 -2.47 -7.80 0.09
N LEU A 117 -2.17 -8.73 1.00
CA LEU A 117 -1.74 -8.37 2.35
C LEU A 117 -0.29 -7.87 2.34
N PHE A 118 0.47 -8.30 1.35
CA PHE A 118 1.87 -7.90 1.23
C PHE A 118 2.01 -6.38 1.30
N THR A 119 0.99 -5.69 0.81
CA THR A 119 0.99 -4.22 0.80
C THR A 119 0.46 -3.67 2.12
N LYS A 120 -0.41 -4.44 2.77
CA LYS A 120 -0.99 -4.03 4.04
C LYS A 120 0.06 -4.03 5.15
N GLU A 121 0.95 -5.01 5.10
CA GLU A 121 2.01 -5.13 6.10
C GLU A 121 3.09 -4.08 5.87
N PHE A 122 3.31 -3.73 4.60
CA PHE A 122 4.32 -2.75 4.25
C PHE A 122 3.93 -1.35 4.73
N VAL A 123 2.63 -1.14 4.92
CA VAL A 123 2.12 0.14 5.38
C VAL A 123 2.75 0.54 6.71
N GLU A 124 3.14 -0.47 7.49
CA GLU A 124 3.77 -0.22 8.78
C GLU A 124 5.10 0.50 8.62
N SER A 125 5.68 0.40 7.42
CA SER A 125 6.96 1.03 7.13
C SER A 125 6.90 2.54 7.39
N SER A 126 5.68 3.08 7.35
CA SER A 126 5.49 4.52 7.57
C SER A 126 5.87 4.89 8.99
N ILE A 127 5.29 4.19 9.97
CA ILE A 127 5.57 4.45 11.38
C ILE A 127 6.98 3.98 11.75
N LYS A 128 7.49 3.01 11.01
CA LYS A 128 8.82 2.47 11.26
C LYS A 128 9.90 3.48 10.87
N ILE A 129 9.85 3.94 9.62
CA ILE A 129 10.82 4.90 9.13
C ILE A 129 10.72 6.22 9.90
N THR A 130 9.50 6.71 10.07
CA THR A 130 9.28 7.96 10.79
C THR A 130 9.75 7.85 12.24
N GLU A 131 9.84 6.62 12.74
CA GLU A 131 10.27 6.39 14.11
C GLU A 131 11.69 6.92 14.33
N GLU A 132 12.40 7.14 13.23
CA GLU A 132 13.77 7.65 13.30
C GLU A 132 13.78 9.17 13.43
N VAL A 133 12.71 9.80 12.95
CA VAL A 133 12.59 11.25 13.00
C VAL A 133 12.65 11.75 14.44
N ILE A 134 12.38 10.86 15.38
CA ILE A 134 12.40 11.22 16.80
C ILE A 134 13.74 11.86 17.18
N ASN A 135 14.79 11.49 16.46
CA ASN A 135 16.12 12.03 16.72
C ASN A 135 16.11 13.55 16.76
N THR A 136 15.25 14.14 15.93
CA THR A 136 15.13 15.59 15.86
C THR A 136 13.99 16.09 16.76
N HIS A 137 12.87 15.38 16.74
CA HIS A 137 11.72 15.75 17.55
C HIS A 137 12.08 15.74 19.03
N HIS A 138 13.15 15.03 19.38
CA HIS A 138 13.59 14.94 20.76
C HIS A 138 14.46 16.14 21.14
N ARG A 139 15.48 16.39 20.34
CA ARG A 139 16.39 17.51 20.59
C ARG A 139 15.61 18.81 20.75
N SER A 140 14.99 19.27 19.67
CA SER A 140 14.21 20.50 19.69
C SER A 140 13.36 20.63 18.43
N MET A 1 18.99 7.61 12.17
CA MET A 1 20.22 7.51 11.38
C MET A 1 20.61 8.85 10.80
N ALA A 2 21.51 9.56 11.48
CA ALA A 2 21.97 10.86 11.03
C ALA A 2 20.83 11.87 11.01
N HIS A 3 20.41 12.30 12.19
CA HIS A 3 19.32 13.27 12.32
C HIS A 3 19.69 14.39 13.28
N HIS A 4 19.43 15.63 12.88
CA HIS A 4 19.73 16.78 13.72
C HIS A 4 18.76 17.92 13.45
N HIS A 5 17.57 17.83 14.02
CA HIS A 5 16.55 18.86 13.85
C HIS A 5 15.68 18.99 15.09
N HIS A 6 14.75 19.93 15.06
CA HIS A 6 13.85 20.17 16.19
C HIS A 6 12.40 19.91 15.80
N HIS A 7 11.99 20.50 14.67
CA HIS A 7 10.63 20.33 14.18
C HIS A 7 10.57 19.33 13.03
N HIS A 8 9.39 19.13 12.48
CA HIS A 8 9.20 18.19 11.38
C HIS A 8 8.79 18.94 10.11
N ALA A 9 9.71 19.04 9.16
CA ALA A 9 9.44 19.73 7.90
C ALA A 9 10.56 19.46 6.89
N MET A 10 11.80 19.63 7.33
CA MET A 10 12.96 19.42 6.47
C MET A 10 13.28 17.94 6.35
N VAL A 11 13.25 17.23 7.47
CA VAL A 11 13.54 15.79 7.48
C VAL A 11 12.27 14.98 7.29
N ILE A 12 11.12 15.61 7.54
CA ILE A 12 9.83 14.94 7.38
C ILE A 12 9.37 14.97 5.93
N ASP A 13 9.78 15.99 5.20
CA ASP A 13 9.42 16.14 3.79
C ASP A 13 10.30 15.27 2.91
N HIS A 14 11.47 14.91 3.42
CA HIS A 14 12.41 14.08 2.67
C HIS A 14 12.04 12.60 2.79
N ILE A 15 11.82 12.15 4.02
CA ILE A 15 11.46 10.76 4.27
C ILE A 15 10.22 10.36 3.48
N LEU A 16 9.39 11.35 3.15
CA LEU A 16 8.17 11.10 2.39
C LEU A 16 8.47 10.31 1.12
N LYS A 17 9.46 10.78 0.36
CA LYS A 17 9.84 10.11 -0.88
C LYS A 17 10.42 8.73 -0.60
N CYS A 18 10.85 8.51 0.65
CA CYS A 18 11.42 7.23 1.05
C CYS A 18 10.33 6.18 1.24
N VAL A 19 9.21 6.60 1.84
CA VAL A 19 8.09 5.70 2.07
C VAL A 19 7.15 5.65 0.89
N PHE A 20 7.10 6.75 0.14
CA PHE A 20 6.24 6.85 -1.03
C PHE A 20 6.88 6.15 -2.24
N ASP A 21 8.19 5.95 -2.18
CA ASP A 21 8.91 5.30 -3.25
C ASP A 21 8.53 3.83 -3.37
N LYS A 22 8.63 3.11 -2.26
CA LYS A 22 8.30 1.70 -2.23
C LYS A 22 6.83 1.48 -2.60
N ILE A 23 5.97 2.38 -2.13
CA ILE A 23 4.54 2.28 -2.42
C ILE A 23 4.29 2.14 -3.91
N CYS A 24 5.12 2.79 -4.71
CA CYS A 24 4.99 2.74 -6.17
C CYS A 24 5.61 1.47 -6.72
N LYS A 25 6.59 0.93 -6.00
CA LYS A 25 7.27 -0.29 -6.43
C LYS A 25 6.41 -1.52 -6.13
N ILE A 26 6.06 -1.69 -4.86
CA ILE A 26 5.24 -2.82 -4.46
C ILE A 26 3.98 -2.94 -5.31
N GLY A 27 3.50 -1.79 -5.80
CA GLY A 27 2.31 -1.78 -6.62
C GLY A 27 2.53 -2.45 -7.97
N THR A 28 3.73 -2.29 -8.52
CA THR A 28 4.06 -2.89 -9.80
C THR A 28 4.69 -4.26 -9.63
N GLU A 29 5.22 -4.53 -8.43
CA GLU A 29 5.86 -5.81 -8.14
C GLU A 29 4.80 -6.91 -8.01
N SER A 30 3.69 -6.58 -7.36
CA SER A 30 2.61 -7.55 -7.17
C SER A 30 1.96 -7.91 -8.50
N VAL A 31 2.18 -7.07 -9.51
CA VAL A 31 1.62 -7.31 -10.83
C VAL A 31 2.30 -8.50 -11.52
N GLU A 32 3.49 -8.84 -11.05
CA GLU A 32 4.24 -9.95 -11.62
C GLU A 32 3.82 -11.27 -10.96
N ALA A 33 4.00 -11.35 -9.64
CA ALA A 33 3.65 -12.56 -8.90
C ALA A 33 2.18 -12.93 -9.12
N GLY A 34 1.39 -11.95 -9.53
CA GLY A 34 -0.02 -12.19 -9.77
C GLY A 34 -0.28 -12.87 -11.09
N ARG A 35 0.48 -12.49 -12.11
CA ARG A 35 0.34 -13.06 -13.43
C ARG A 35 1.21 -14.31 -13.59
N LEU A 36 2.27 -14.39 -12.80
CA LEU A 36 3.18 -15.53 -12.85
C LEU A 36 2.57 -16.73 -12.15
N ILE A 37 1.90 -16.49 -11.03
CA ILE A 37 1.27 -17.56 -10.26
C ILE A 37 0.03 -18.09 -10.98
N GLU A 38 -0.84 -17.18 -11.42
CA GLU A 38 -2.05 -17.55 -12.12
C GLU A 38 -1.74 -18.46 -13.31
N LEU A 39 -0.94 -17.94 -14.25
CA LEU A 39 -0.57 -18.69 -15.44
C LEU A 39 -0.03 -20.06 -15.06
N SER A 40 0.70 -20.13 -13.94
CA SER A 40 1.27 -21.37 -13.48
C SER A 40 0.20 -22.44 -13.31
N GLN A 41 -0.98 -22.02 -12.88
CA GLN A 41 -2.09 -22.94 -12.68
C GLN A 41 -2.93 -23.06 -13.94
N GLU A 42 -3.12 -21.95 -14.63
CA GLU A 42 -3.91 -21.93 -15.87
C GLU A 42 -3.93 -20.54 -16.48
N GLY A 43 -3.94 -19.52 -15.62
CA GLY A 43 -3.96 -18.15 -16.10
C GLY A 43 -5.37 -17.59 -16.19
N GLY A 44 -6.35 -18.47 -16.38
CA GLY A 44 -7.73 -18.03 -16.48
C GLY A 44 -8.03 -17.36 -17.80
N GLY A 45 -8.15 -16.03 -17.78
CA GLY A 45 -8.45 -15.29 -19.00
C GLY A 45 -9.21 -14.01 -18.72
N GLY A 46 -10.02 -13.60 -19.69
CA GLY A 46 -10.79 -12.37 -19.52
C GLY A 46 -9.93 -11.13 -19.61
N GLY A 47 -10.19 -10.18 -18.72
CA GLY A 47 -9.42 -8.94 -18.71
C GLY A 47 -7.92 -9.19 -18.68
N GLY A 48 -7.14 -8.14 -18.93
CA GLY A 48 -5.70 -8.27 -18.93
C GLY A 48 -5.08 -7.88 -17.60
N PRO A 49 -3.74 -7.95 -17.52
CA PRO A 49 -3.00 -7.61 -16.30
C PRO A 49 -3.05 -6.11 -16.00
N LEU A 50 -3.53 -5.33 -16.96
CA LEU A 50 -3.63 -3.88 -16.80
C LEU A 50 -4.87 -3.51 -16.00
N TYR A 51 -5.94 -4.28 -16.18
CA TYR A 51 -7.19 -4.02 -15.48
C TYR A 51 -7.02 -4.23 -13.97
N PHE A 52 -6.30 -5.29 -13.60
CA PHE A 52 -6.06 -5.60 -12.20
C PHE A 52 -5.28 -4.48 -11.52
N VAL A 53 -4.44 -3.80 -12.29
CA VAL A 53 -3.63 -2.71 -11.75
C VAL A 53 -4.38 -1.38 -11.84
N VAL A 54 -5.27 -1.28 -12.83
CA VAL A 54 -6.04 -0.07 -13.02
C VAL A 54 -7.24 -0.01 -12.06
N ASN A 55 -7.73 -1.19 -11.67
CA ASN A 55 -8.86 -1.27 -10.77
C ASN A 55 -8.39 -1.28 -9.31
N VAL A 56 -7.15 -1.72 -9.09
CA VAL A 56 -6.58 -1.77 -7.76
C VAL A 56 -5.90 -0.46 -7.40
N ILE A 57 -5.41 0.25 -8.41
CA ILE A 57 -4.74 1.53 -8.19
C ILE A 57 -5.72 2.69 -8.27
N GLU A 58 -6.82 2.48 -9.00
CA GLU A 58 -7.84 3.52 -9.14
C GLU A 58 -8.27 4.06 -7.79
N PRO A 59 -8.79 3.16 -6.93
CA PRO A 59 -9.25 3.53 -5.59
C PRO A 59 -8.09 3.88 -4.66
N CYS A 60 -6.97 3.22 -4.85
CA CYS A 60 -5.79 3.45 -4.02
C CYS A 60 -5.27 4.88 -4.21
N LYS A 61 -5.45 5.40 -5.42
CA LYS A 61 -5.00 6.75 -5.73
C LYS A 61 -5.53 7.76 -4.71
N LYS A 62 -6.84 7.74 -4.50
CA LYS A 62 -7.47 8.64 -3.54
C LYS A 62 -6.84 8.50 -2.16
N PHE A 63 -6.28 7.33 -1.89
CA PHE A 63 -5.64 7.06 -0.60
C PHE A 63 -4.23 7.62 -0.57
N SER A 64 -3.62 7.77 -1.75
CA SER A 64 -2.26 8.29 -1.86
C SER A 64 -2.17 9.68 -1.24
N GLU A 65 -3.20 10.49 -1.45
CA GLU A 65 -3.24 11.84 -0.92
C GLU A 65 -3.07 11.83 0.60
N LEU A 66 -3.49 10.75 1.22
CA LEU A 66 -3.38 10.61 2.67
C LEU A 66 -1.93 10.53 3.11
N THR A 67 -1.09 9.94 2.27
CA THR A 67 0.32 9.79 2.58
C THR A 67 1.00 11.16 2.71
N GLY A 68 0.38 12.17 2.12
CA GLY A 68 0.93 13.52 2.18
C GLY A 68 0.31 14.34 3.29
N LEU A 69 -0.76 13.84 3.87
CA LEU A 69 -1.45 14.54 4.96
C LEU A 69 -0.90 14.12 6.32
N VAL A 70 -0.11 13.05 6.32
CA VAL A 70 0.49 12.54 7.56
C VAL A 70 1.89 13.09 7.75
N PHE A 71 2.59 13.32 6.64
CA PHE A 71 3.95 13.85 6.69
C PHE A 71 3.94 15.38 6.75
N TYR A 72 2.74 15.96 6.78
CA TYR A 72 2.59 17.40 6.84
C TYR A 72 1.85 17.82 8.10
N LEU A 73 0.56 17.54 8.15
CA LEU A 73 -0.26 17.88 9.30
C LEU A 73 -1.17 16.73 9.69
N PRO A 74 -0.58 15.70 10.33
CA PRO A 74 -1.32 14.52 10.77
C PRO A 74 -2.27 14.82 11.93
N THR A 75 -3.50 14.32 11.83
CA THR A 75 -4.50 14.54 12.87
C THR A 75 -4.05 13.94 14.19
N ASP A 76 -3.07 13.04 14.14
CA ASP A 76 -2.55 12.40 15.34
C ASP A 76 -1.39 11.47 15.01
N SER A 77 -0.94 10.71 15.99
CA SER A 77 0.17 9.78 15.80
C SER A 77 -0.20 8.71 14.78
N GLY A 78 -1.49 8.57 14.51
CA GLY A 78 -1.95 7.58 13.55
C GLY A 78 -3.44 7.70 13.26
N GLU A 79 -3.92 8.93 13.18
CA GLU A 79 -5.33 9.18 12.89
C GLU A 79 -5.60 9.19 11.40
N LYS A 80 -4.70 9.80 10.64
CA LYS A 80 -4.84 9.88 9.19
C LYS A 80 -4.36 8.59 8.53
N MET A 81 -3.43 7.90 9.18
CA MET A 81 -2.89 6.66 8.65
C MET A 81 -3.87 5.51 8.89
N THR A 82 -4.37 5.40 10.11
CA THR A 82 -5.30 4.34 10.46
C THR A 82 -6.51 4.35 9.53
N GLU A 83 -6.87 5.54 9.04
CA GLU A 83 -8.00 5.67 8.14
C GLU A 83 -7.59 5.45 6.69
N SER A 84 -6.29 5.57 6.43
CA SER A 84 -5.75 5.38 5.09
C SER A 84 -5.51 3.91 4.81
N LYS A 85 -5.27 3.14 5.87
CA LYS A 85 -5.02 1.71 5.74
C LYS A 85 -6.33 0.92 5.68
N SER A 86 -7.33 1.41 6.38
CA SER A 86 -8.64 0.75 6.41
C SER A 86 -9.26 0.75 5.02
N VAL A 87 -8.76 1.60 4.14
CA VAL A 87 -9.26 1.68 2.78
C VAL A 87 -8.61 0.65 1.87
N LEU A 88 -7.42 0.18 2.28
CA LEU A 88 -6.70 -0.82 1.51
C LEU A 88 -7.23 -2.22 1.80
N LYS A 89 -7.62 -2.46 3.06
CA LYS A 89 -8.15 -3.74 3.46
C LYS A 89 -9.61 -3.89 3.04
N SER A 90 -10.35 -2.78 3.06
CA SER A 90 -11.76 -2.79 2.70
C SER A 90 -11.92 -2.74 1.17
N LEU A 91 -10.87 -2.31 0.49
CA LEU A 91 -10.89 -2.22 -0.97
C LEU A 91 -10.86 -3.61 -1.60
N THR A 92 -9.98 -4.46 -1.09
CA THR A 92 -9.86 -5.83 -1.61
C THR A 92 -11.21 -6.54 -1.60
N GLU A 93 -12.08 -6.14 -0.68
CA GLU A 93 -13.40 -6.74 -0.57
C GLU A 93 -14.14 -6.68 -1.89
N LYS A 94 -13.86 -5.65 -2.68
CA LYS A 94 -14.51 -5.47 -3.98
C LYS A 94 -13.78 -6.28 -5.05
N LEU A 95 -12.52 -6.59 -4.81
CA LEU A 95 -11.72 -7.36 -5.75
C LEU A 95 -11.97 -8.86 -5.57
N LYS A 96 -12.43 -9.24 -4.39
CA LYS A 96 -12.71 -10.64 -4.09
C LYS A 96 -13.89 -11.14 -4.91
N LYS A 97 -14.83 -10.26 -5.19
CA LYS A 97 -16.01 -10.61 -5.98
C LYS A 97 -15.63 -10.91 -7.42
N ILE A 98 -14.41 -10.56 -7.80
CA ILE A 98 -13.92 -10.79 -9.14
C ILE A 98 -14.13 -12.24 -9.56
N VAL A 99 -14.21 -13.13 -8.57
CA VAL A 99 -14.41 -14.55 -8.83
C VAL A 99 -15.69 -14.79 -9.63
N GLU A 100 -16.59 -13.82 -9.58
CA GLU A 100 -17.86 -13.93 -10.31
C GLU A 100 -17.72 -13.41 -11.74
N LEU A 101 -16.67 -12.64 -11.99
CA LEU A 101 -16.41 -12.08 -13.30
C LEU A 101 -15.56 -13.03 -14.13
N ILE A 102 -14.30 -13.18 -13.74
CA ILE A 102 -13.37 -14.06 -14.45
C ILE A 102 -12.51 -14.85 -13.47
N PRO A 103 -13.12 -15.85 -12.82
CA PRO A 103 -12.43 -16.70 -11.85
C PRO A 103 -11.41 -17.62 -12.51
N SER A 104 -10.68 -18.38 -11.70
CA SER A 104 -9.66 -19.30 -12.20
C SER A 104 -9.50 -20.48 -11.26
N THR A 105 -8.46 -21.28 -11.51
CA THR A 105 -8.19 -22.46 -10.69
C THR A 105 -8.14 -22.09 -9.22
N SER A 106 -8.29 -23.10 -8.35
CA SER A 106 -8.27 -22.88 -6.92
C SER A 106 -6.84 -22.99 -6.37
N SER A 107 -5.88 -23.12 -7.27
CA SER A 107 -4.47 -23.24 -6.88
C SER A 107 -3.87 -21.87 -6.62
N ALA A 108 -4.12 -20.93 -7.53
CA ALA A 108 -3.60 -19.57 -7.39
C ALA A 108 -4.51 -18.72 -6.52
N VAL A 109 -5.74 -19.18 -6.34
CA VAL A 109 -6.71 -18.45 -5.51
C VAL A 109 -6.14 -18.10 -4.15
N PRO A 110 -5.69 -19.14 -3.41
CA PRO A 110 -5.11 -18.96 -2.08
C PRO A 110 -3.74 -18.29 -2.13
N LEU A 111 -3.17 -18.21 -3.33
CA LEU A 111 -1.86 -17.60 -3.51
C LEU A 111 -1.99 -16.09 -3.64
N ILE A 112 -2.75 -15.65 -4.64
CA ILE A 112 -2.96 -14.22 -4.87
C ILE A 112 -3.50 -13.53 -3.62
N GLY A 113 -4.16 -14.30 -2.76
CA GLY A 113 -4.73 -13.75 -1.55
C GLY A 113 -3.66 -13.36 -0.54
N LYS A 114 -2.47 -13.95 -0.69
CA LYS A 114 -1.36 -13.66 0.21
C LYS A 114 -0.57 -12.44 -0.27
N TYR A 115 -0.21 -12.45 -1.55
CA TYR A 115 0.54 -11.34 -2.12
C TYR A 115 -0.15 -10.01 -1.87
N MET A 116 -1.48 -10.03 -1.92
CA MET A 116 -2.27 -8.82 -1.69
C MET A 116 -2.00 -8.24 -0.31
N LEU A 117 -1.94 -9.12 0.68
CA LEU A 117 -1.69 -8.69 2.06
C LEU A 117 -0.29 -8.12 2.20
N PHE A 118 0.62 -8.57 1.34
CA PHE A 118 2.00 -8.11 1.38
C PHE A 118 2.06 -6.58 1.33
N THR A 119 1.16 -5.97 0.58
CA THR A 119 1.11 -4.53 0.46
C THR A 119 0.48 -3.89 1.70
N LYS A 120 -0.68 -4.41 2.11
CA LYS A 120 -1.37 -3.90 3.28
C LYS A 120 -0.49 -3.99 4.52
N GLU A 121 0.49 -4.88 4.48
CA GLU A 121 1.41 -5.07 5.60
C GLU A 121 2.56 -4.07 5.54
N PHE A 122 3.01 -3.77 4.31
CA PHE A 122 4.11 -2.84 4.11
C PHE A 122 3.71 -1.43 4.55
N VAL A 123 2.40 -1.15 4.54
CA VAL A 123 1.90 0.14 4.93
C VAL A 123 2.31 0.50 6.35
N GLU A 124 2.59 -0.52 7.15
CA GLU A 124 3.00 -0.33 8.53
C GLU A 124 4.32 0.45 8.60
N SER A 125 5.06 0.46 7.49
CA SER A 125 6.34 1.16 7.43
C SER A 125 6.16 2.63 7.74
N SER A 126 4.95 3.14 7.53
CA SER A 126 4.65 4.54 7.79
C SER A 126 4.70 4.85 9.28
N ILE A 127 3.91 4.12 10.05
CA ILE A 127 3.87 4.30 11.50
C ILE A 127 5.19 3.92 12.14
N LYS A 128 5.92 3.02 11.50
CA LYS A 128 7.20 2.57 12.01
C LYS A 128 8.30 3.58 11.70
N ILE A 129 8.13 4.32 10.60
CA ILE A 129 9.10 5.33 10.21
C ILE A 129 8.85 6.64 10.93
N THR A 130 7.60 7.07 10.95
CA THR A 130 7.22 8.32 11.62
C THR A 130 7.39 8.21 13.14
N GLU A 131 7.37 6.97 13.64
CA GLU A 131 7.53 6.73 15.07
C GLU A 131 8.85 7.27 15.57
N GLU A 132 9.78 7.49 14.65
CA GLU A 132 11.11 8.01 15.00
C GLU A 132 11.08 9.52 15.17
N VAL A 133 10.07 10.16 14.57
CA VAL A 133 9.93 11.61 14.65
C VAL A 133 9.53 12.04 16.06
N ILE A 134 8.98 11.11 16.83
CA ILE A 134 8.56 11.40 18.20
C ILE A 134 9.76 11.75 19.07
N ASN A 135 10.94 11.31 18.66
CA ASN A 135 12.17 11.58 19.40
C ASN A 135 12.32 13.08 19.69
N THR A 136 11.87 13.90 18.74
CA THR A 136 11.94 15.35 18.88
C THR A 136 10.63 15.91 19.41
N HIS A 137 9.54 15.18 19.21
CA HIS A 137 8.23 15.60 19.68
C HIS A 137 8.07 15.36 21.17
N HIS A 138 9.08 14.75 21.78
CA HIS A 138 9.06 14.47 23.21
C HIS A 138 10.15 15.24 23.94
N ARG A 139 11.13 15.71 23.19
CA ARG A 139 12.24 16.45 23.77
C ARG A 139 12.14 17.93 23.41
N SER A 140 11.71 18.22 22.19
CA SER A 140 11.56 19.60 21.73
C SER A 140 12.90 20.33 21.80
N MET A 1 4.65 12.50 26.91
CA MET A 1 3.59 13.37 26.42
C MET A 1 4.16 14.72 25.98
N ALA A 2 5.27 14.68 25.26
CA ALA A 2 5.92 15.90 24.78
C ALA A 2 4.99 16.69 23.86
N HIS A 3 5.23 17.99 23.73
CA HIS A 3 4.42 18.85 22.90
C HIS A 3 5.05 19.02 21.52
N HIS A 4 6.21 19.68 21.48
CA HIS A 4 6.92 19.91 20.22
C HIS A 4 8.27 20.56 20.48
N HIS A 5 9.08 20.67 19.43
CA HIS A 5 10.40 21.28 19.53
C HIS A 5 10.90 21.74 18.17
N HIS A 6 11.14 20.78 17.28
CA HIS A 6 11.62 21.10 15.94
C HIS A 6 10.50 20.94 14.91
N HIS A 7 10.54 21.77 13.87
CA HIS A 7 9.53 21.72 12.82
C HIS A 7 9.84 20.62 11.81
N HIS A 8 8.80 20.07 11.20
CA HIS A 8 8.97 19.01 10.21
C HIS A 8 8.22 19.35 8.93
N ALA A 9 8.98 19.62 7.87
CA ALA A 9 8.40 19.95 6.57
C ALA A 9 9.45 19.93 5.47
N MET A 10 10.58 20.57 5.73
CA MET A 10 11.67 20.63 4.75
C MET A 10 12.48 19.34 4.79
N VAL A 11 12.80 18.87 5.98
CA VAL A 11 13.57 17.64 6.14
C VAL A 11 12.67 16.42 6.22
N ILE A 12 11.40 16.66 6.52
CA ILE A 12 10.42 15.58 6.63
C ILE A 12 9.87 15.20 5.25
N ASP A 13 9.84 16.18 4.35
CA ASP A 13 9.34 15.94 3.00
C ASP A 13 10.35 15.16 2.17
N HIS A 14 11.60 15.18 2.61
CA HIS A 14 12.67 14.47 1.90
C HIS A 14 12.55 12.96 2.10
N ILE A 15 12.05 12.57 3.27
CA ILE A 15 11.88 11.16 3.60
C ILE A 15 10.71 10.56 2.84
N LEU A 16 9.75 11.40 2.47
CA LEU A 16 8.57 10.95 1.74
C LEU A 16 8.97 10.19 0.48
N LYS A 17 9.97 10.72 -0.23
CA LYS A 17 10.44 10.10 -1.46
C LYS A 17 11.11 8.75 -1.17
N CYS A 18 11.50 8.56 0.09
CA CYS A 18 12.15 7.32 0.51
C CYS A 18 11.13 6.19 0.65
N VAL A 19 9.98 6.53 1.21
CA VAL A 19 8.91 5.54 1.41
C VAL A 19 8.01 5.45 0.19
N PHE A 20 7.91 6.54 -0.56
CA PHE A 20 7.09 6.59 -1.75
C PHE A 20 7.82 5.96 -2.95
N ASP A 21 9.13 5.85 -2.84
CA ASP A 21 9.94 5.27 -3.90
C ASP A 21 9.65 3.79 -4.05
N LYS A 22 9.68 3.06 -2.94
CA LYS A 22 9.43 1.63 -2.94
C LYS A 22 7.96 1.34 -3.28
N ILE A 23 7.08 2.23 -2.86
CA ILE A 23 5.66 2.07 -3.11
C ILE A 23 5.38 1.88 -4.60
N CYS A 24 6.18 2.56 -5.44
CA CYS A 24 6.03 2.47 -6.88
C CYS A 24 6.70 1.21 -7.42
N LYS A 25 7.65 0.69 -6.66
CA LYS A 25 8.38 -0.52 -7.06
C LYS A 25 7.58 -1.78 -6.71
N ILE A 26 7.26 -1.93 -5.44
CA ILE A 26 6.50 -3.08 -4.98
C ILE A 26 5.17 -3.21 -5.73
N GLY A 27 4.68 -2.07 -6.23
CA GLY A 27 3.42 -2.08 -6.97
C GLY A 27 3.51 -2.86 -8.26
N THR A 28 4.68 -2.83 -8.90
CA THR A 28 4.89 -3.55 -10.15
C THR A 28 5.44 -4.94 -9.89
N GLU A 29 6.04 -5.14 -8.72
CA GLU A 29 6.61 -6.43 -8.36
C GLU A 29 5.52 -7.47 -8.16
N SER A 30 4.34 -7.01 -7.75
CA SER A 30 3.21 -7.90 -7.52
C SER A 30 2.51 -8.24 -8.83
N VAL A 31 2.76 -7.44 -9.85
CA VAL A 31 2.15 -7.66 -11.17
C VAL A 31 2.72 -8.91 -11.83
N GLU A 32 3.90 -9.34 -11.38
CA GLU A 32 4.54 -10.52 -11.93
C GLU A 32 4.05 -11.78 -11.24
N ALA A 33 4.24 -11.85 -9.92
CA ALA A 33 3.82 -13.00 -9.14
C ALA A 33 2.32 -13.26 -9.31
N GLY A 34 1.58 -12.22 -9.71
CA GLY A 34 0.16 -12.35 -9.89
C GLY A 34 -0.19 -13.06 -11.19
N ARG A 35 0.55 -12.75 -12.25
CA ARG A 35 0.32 -13.36 -13.55
C ARG A 35 1.09 -14.66 -13.70
N LEU A 36 2.17 -14.79 -12.92
CA LEU A 36 3.00 -15.99 -12.96
C LEU A 36 2.33 -17.14 -12.22
N ILE A 37 1.69 -16.82 -11.10
CA ILE A 37 1.01 -17.84 -10.30
C ILE A 37 -0.31 -18.24 -10.96
N GLU A 38 -1.03 -17.27 -11.50
CA GLU A 38 -2.31 -17.54 -12.15
C GLU A 38 -2.12 -18.43 -13.37
N LEU A 39 -1.31 -17.97 -14.32
CA LEU A 39 -1.05 -18.73 -15.54
C LEU A 39 -0.64 -20.15 -15.21
N SER A 40 0.11 -20.31 -14.12
CA SER A 40 0.57 -21.63 -13.70
C SER A 40 -0.60 -22.56 -13.45
N GLN A 41 -1.68 -22.02 -12.89
CA GLN A 41 -2.87 -22.81 -12.60
C GLN A 41 -3.77 -22.90 -13.83
N GLU A 42 -3.88 -21.79 -14.57
CA GLU A 42 -4.71 -21.75 -15.77
C GLU A 42 -4.64 -20.38 -16.43
N GLY A 43 -4.52 -19.34 -15.60
CA GLY A 43 -4.45 -17.99 -16.13
C GLY A 43 -5.79 -17.29 -16.12
N GLY A 44 -6.86 -18.06 -16.23
CA GLY A 44 -8.20 -17.51 -16.24
C GLY A 44 -8.60 -16.99 -17.62
N GLY A 45 -9.71 -16.27 -17.67
CA GLY A 45 -10.19 -15.73 -18.93
C GLY A 45 -10.68 -14.31 -18.81
N GLY A 46 -11.74 -13.98 -19.54
CA GLY A 46 -12.29 -12.63 -19.49
C GLY A 46 -11.25 -11.57 -19.79
N GLY A 47 -11.28 -10.49 -19.02
CA GLY A 47 -10.33 -9.42 -19.22
C GLY A 47 -8.89 -9.89 -19.18
N GLY A 48 -7.96 -8.97 -19.39
CA GLY A 48 -6.55 -9.33 -19.37
C GLY A 48 -5.87 -8.94 -18.07
N PRO A 49 -4.55 -9.20 -17.99
CA PRO A 49 -3.77 -8.89 -16.79
C PRO A 49 -3.57 -7.39 -16.60
N LEU A 50 -3.94 -6.62 -17.61
CA LEU A 50 -3.81 -5.17 -17.55
C LEU A 50 -4.98 -4.55 -16.79
N TYR A 51 -6.08 -5.29 -16.72
CA TYR A 51 -7.27 -4.80 -16.02
C TYR A 51 -7.13 -5.00 -14.51
N PHE A 52 -6.42 -6.05 -14.12
CA PHE A 52 -6.21 -6.36 -12.70
C PHE A 52 -5.43 -5.23 -12.02
N VAL A 53 -4.57 -4.58 -12.79
CA VAL A 53 -3.76 -3.48 -12.25
C VAL A 53 -4.49 -2.15 -12.37
N VAL A 54 -5.37 -2.05 -13.37
CA VAL A 54 -6.13 -0.83 -13.59
C VAL A 54 -7.33 -0.75 -12.66
N ASN A 55 -7.84 -1.92 -12.26
CA ASN A 55 -8.99 -1.98 -11.37
C ASN A 55 -8.55 -1.98 -9.92
N VAL A 56 -7.32 -2.42 -9.67
CA VAL A 56 -6.77 -2.47 -8.32
C VAL A 56 -6.08 -1.16 -7.96
N ILE A 57 -5.57 -0.47 -8.97
CA ILE A 57 -4.89 0.80 -8.76
C ILE A 57 -5.86 1.97 -8.86
N GLU A 58 -6.94 1.77 -9.61
CA GLU A 58 -7.95 2.81 -9.78
C GLU A 58 -8.40 3.37 -8.44
N PRO A 59 -8.96 2.49 -7.59
CA PRO A 59 -9.44 2.87 -6.26
C PRO A 59 -8.30 3.21 -5.30
N CYS A 60 -7.16 2.54 -5.47
CA CYS A 60 -6.01 2.78 -4.63
C CYS A 60 -5.48 4.20 -4.81
N LYS A 61 -5.65 4.73 -6.02
CA LYS A 61 -5.19 6.08 -6.33
C LYS A 61 -5.73 7.09 -5.31
N LYS A 62 -7.04 7.04 -5.08
CA LYS A 62 -7.68 7.94 -4.13
C LYS A 62 -7.05 7.83 -2.75
N PHE A 63 -6.46 6.67 -2.47
CA PHE A 63 -5.81 6.43 -1.19
C PHE A 63 -4.40 7.04 -1.17
N SER A 64 -3.82 7.20 -2.35
CA SER A 64 -2.48 7.76 -2.46
C SER A 64 -2.39 9.11 -1.74
N GLU A 65 -3.48 9.85 -1.77
CA GLU A 65 -3.52 11.16 -1.11
C GLU A 65 -3.15 11.04 0.36
N LEU A 66 -3.38 9.86 0.93
CA LEU A 66 -3.07 9.62 2.33
C LEU A 66 -1.56 9.57 2.56
N THR A 67 -0.84 9.04 1.58
CA THR A 67 0.62 8.94 1.67
C THR A 67 1.26 10.31 1.75
N GLY A 68 0.53 11.34 1.31
CA GLY A 68 1.04 12.70 1.34
C GLY A 68 0.54 13.46 2.55
N LEU A 69 -0.47 12.94 3.22
CA LEU A 69 -1.04 13.58 4.40
C LEU A 69 -0.34 13.11 5.67
N VAL A 70 0.48 12.08 5.54
CA VAL A 70 1.21 11.54 6.67
C VAL A 70 2.61 12.14 6.77
N PHE A 71 3.18 12.46 5.63
CA PHE A 71 4.52 13.04 5.58
C PHE A 71 4.45 14.56 5.48
N TYR A 72 3.23 15.09 5.47
CA TYR A 72 3.02 16.53 5.37
C TYR A 72 2.28 17.07 6.60
N LEU A 73 1.08 16.57 6.81
CA LEU A 73 0.27 16.99 7.95
C LEU A 73 -0.47 15.79 8.56
N PRO A 74 0.27 14.95 9.29
CA PRO A 74 -0.29 13.77 9.95
C PRO A 74 -1.20 14.13 11.11
N THR A 75 -2.40 13.55 11.12
CA THR A 75 -3.36 13.82 12.19
C THR A 75 -2.79 13.44 13.55
N ASP A 76 -1.80 12.57 13.55
CA ASP A 76 -1.16 12.14 14.79
C ASP A 76 0.01 11.20 14.49
N SER A 77 0.56 10.60 15.55
CA SER A 77 1.68 9.69 15.41
C SER A 77 1.30 8.46 14.58
N GLY A 78 -0.01 8.26 14.43
CA GLY A 78 -0.50 7.13 13.66
C GLY A 78 -1.98 7.20 13.38
N GLU A 79 -2.51 8.42 13.31
CA GLU A 79 -3.92 8.63 13.04
C GLU A 79 -4.22 8.56 11.55
N LYS A 80 -3.42 9.25 10.75
CA LYS A 80 -3.59 9.25 9.30
C LYS A 80 -3.06 7.97 8.69
N MET A 81 -2.00 7.42 9.27
CA MET A 81 -1.40 6.18 8.78
C MET A 81 -2.34 5.00 9.01
N THR A 82 -2.73 4.81 10.26
CA THR A 82 -3.63 3.71 10.62
C THR A 82 -4.89 3.73 9.77
N GLU A 83 -5.27 4.91 9.30
CA GLU A 83 -6.46 5.07 8.48
C GLU A 83 -6.16 4.69 7.02
N SER A 84 -4.92 4.92 6.61
CA SER A 84 -4.50 4.61 5.24
C SER A 84 -4.09 3.15 5.11
N LYS A 85 -3.76 2.54 6.24
CA LYS A 85 -3.35 1.14 6.25
C LYS A 85 -4.55 0.21 6.15
N SER A 86 -5.53 0.42 7.02
CA SER A 86 -6.74 -0.40 7.02
C SER A 86 -7.50 -0.24 5.72
N VAL A 87 -7.19 0.82 4.97
CA VAL A 87 -7.85 1.08 3.70
C VAL A 87 -7.35 0.13 2.62
N LEU A 88 -6.09 -0.27 2.73
CA LEU A 88 -5.49 -1.19 1.76
C LEU A 88 -6.08 -2.58 1.90
N LYS A 89 -6.42 -2.96 3.13
CA LYS A 89 -7.00 -4.27 3.40
C LYS A 89 -8.50 -4.26 3.15
N SER A 90 -9.12 -3.10 3.32
CA SER A 90 -10.56 -2.96 3.11
C SER A 90 -10.88 -2.66 1.65
N LEU A 91 -9.87 -2.18 0.92
CA LEU A 91 -10.04 -1.85 -0.49
C LEU A 91 -10.15 -3.12 -1.33
N THR A 92 -9.28 -4.09 -1.05
CA THR A 92 -9.29 -5.35 -1.79
C THR A 92 -10.66 -5.99 -1.76
N GLU A 93 -11.43 -5.70 -0.72
CA GLU A 93 -12.77 -6.26 -0.58
C GLU A 93 -13.61 -5.97 -1.82
N LYS A 94 -13.29 -4.89 -2.51
CA LYS A 94 -14.00 -4.50 -3.72
C LYS A 94 -13.58 -5.36 -4.91
N LEU A 95 -12.33 -5.82 -4.89
CA LEU A 95 -11.80 -6.66 -5.95
C LEU A 95 -12.18 -8.12 -5.75
N LYS A 96 -12.38 -8.50 -4.49
CA LYS A 96 -12.74 -9.87 -4.16
C LYS A 96 -14.12 -10.20 -4.71
N LYS A 97 -14.99 -9.19 -4.79
CA LYS A 97 -16.35 -9.37 -5.29
C LYS A 97 -16.33 -9.70 -6.78
N ILE A 98 -15.18 -9.50 -7.41
CA ILE A 98 -15.03 -9.77 -8.83
C ILE A 98 -15.50 -11.18 -9.18
N VAL A 99 -15.47 -12.06 -8.19
CA VAL A 99 -15.91 -13.45 -8.39
C VAL A 99 -17.35 -13.51 -8.87
N GLU A 100 -18.10 -12.44 -8.64
CA GLU A 100 -19.50 -12.37 -9.04
C GLU A 100 -19.61 -11.84 -10.47
N LEU A 101 -18.54 -11.23 -10.97
CA LEU A 101 -18.54 -10.68 -12.31
C LEU A 101 -17.83 -11.62 -13.28
N ILE A 102 -16.50 -11.72 -13.15
CA ILE A 102 -15.71 -12.60 -14.01
C ILE A 102 -14.81 -13.50 -13.17
N PRO A 103 -15.41 -14.52 -12.54
CA PRO A 103 -14.68 -15.48 -11.71
C PRO A 103 -13.79 -16.40 -12.54
N SER A 104 -12.48 -16.26 -12.37
CA SER A 104 -11.52 -17.09 -13.10
C SER A 104 -11.48 -18.50 -12.54
N THR A 105 -10.92 -18.65 -11.34
CA THR A 105 -10.81 -19.95 -10.69
C THR A 105 -11.13 -19.85 -9.21
N SER A 106 -11.07 -20.97 -8.52
CA SER A 106 -11.35 -21.02 -7.09
C SER A 106 -10.16 -21.56 -6.31
N SER A 107 -9.09 -21.89 -7.04
CA SER A 107 -7.88 -22.43 -6.42
C SER A 107 -6.80 -21.37 -6.31
N ALA A 108 -6.72 -20.51 -7.33
CA ALA A 108 -5.73 -19.45 -7.36
C ALA A 108 -6.18 -18.25 -6.51
N VAL A 109 -7.48 -18.21 -6.21
CA VAL A 109 -8.04 -17.13 -5.41
C VAL A 109 -7.26 -16.96 -4.11
N PRO A 110 -7.20 -18.03 -3.31
CA PRO A 110 -6.49 -18.02 -2.02
C PRO A 110 -4.98 -17.94 -2.19
N LEU A 111 -4.52 -18.16 -3.42
CA LEU A 111 -3.09 -18.10 -3.71
C LEU A 111 -2.62 -16.66 -3.86
N ILE A 112 -3.29 -15.91 -4.73
CA ILE A 112 -2.94 -14.52 -4.97
C ILE A 112 -3.35 -13.64 -3.78
N GLY A 113 -4.32 -14.11 -3.01
CA GLY A 113 -4.78 -13.36 -1.86
C GLY A 113 -3.66 -13.05 -0.89
N LYS A 114 -2.61 -13.85 -0.93
CA LYS A 114 -1.45 -13.66 -0.05
C LYS A 114 -0.48 -12.65 -0.64
N TYR A 115 -0.27 -12.73 -1.95
CA TYR A 115 0.64 -11.80 -2.63
C TYR A 115 0.15 -10.36 -2.50
N MET A 116 -1.15 -10.17 -2.60
CA MET A 116 -1.75 -8.84 -2.49
C MET A 116 -1.41 -8.21 -1.14
N LEU A 117 -1.36 -9.04 -0.10
CA LEU A 117 -1.05 -8.56 1.24
C LEU A 117 0.42 -8.17 1.35
N PHE A 118 1.25 -8.76 0.51
CA PHE A 118 2.68 -8.48 0.52
C PHE A 118 2.94 -6.98 0.43
N THR A 119 2.09 -6.28 -0.32
CA THR A 119 2.22 -4.84 -0.50
C THR A 119 1.75 -4.10 0.75
N LYS A 120 0.66 -4.58 1.34
CA LYS A 120 0.10 -3.96 2.54
C LYS A 120 1.05 -4.10 3.72
N GLU A 121 1.81 -5.20 3.74
CA GLU A 121 2.75 -5.46 4.82
C GLU A 121 3.93 -4.50 4.74
N PHE A 122 4.41 -4.25 3.53
CA PHE A 122 5.53 -3.34 3.31
C PHE A 122 5.20 -1.94 3.79
N VAL A 123 3.92 -1.63 3.86
CA VAL A 123 3.46 -0.32 4.31
C VAL A 123 3.98 -0.01 5.72
N GLU A 124 4.29 -1.05 6.47
CA GLU A 124 4.80 -0.89 7.83
C GLU A 124 6.10 -0.08 7.83
N SER A 125 6.77 -0.06 6.69
CA SER A 125 8.03 0.67 6.57
C SER A 125 7.84 2.14 6.89
N SER A 126 6.60 2.62 6.75
CA SER A 126 6.28 4.01 7.02
C SER A 126 6.55 4.35 8.49
N ILE A 127 5.95 3.57 9.39
CA ILE A 127 6.13 3.79 10.82
C ILE A 127 7.54 3.40 11.26
N LYS A 128 8.16 2.50 10.52
CA LYS A 128 9.51 2.05 10.83
C LYS A 128 10.53 3.13 10.51
N ILE A 129 10.20 3.98 9.55
CA ILE A 129 11.09 5.06 9.14
C ILE A 129 10.90 6.29 10.03
N THR A 130 9.66 6.50 10.48
CA THR A 130 9.35 7.65 11.33
C THR A 130 10.09 7.54 12.66
N GLU A 131 10.47 6.33 13.03
CA GLU A 131 11.19 6.11 14.28
C GLU A 131 12.50 6.89 14.31
N GLU A 132 12.96 7.30 13.14
CA GLU A 132 14.21 8.06 13.03
C GLU A 132 13.96 9.55 13.25
N VAL A 133 12.70 9.96 13.08
CA VAL A 133 12.33 11.36 13.26
C VAL A 133 12.01 11.66 14.72
N ILE A 134 11.57 10.64 15.45
CA ILE A 134 11.23 10.79 16.84
C ILE A 134 12.48 10.93 17.71
N ASN A 135 13.56 10.29 17.27
CA ASN A 135 14.82 10.33 18.01
C ASN A 135 15.48 11.70 17.87
N THR A 136 15.11 12.42 16.81
CA THR A 136 15.67 13.74 16.56
C THR A 136 14.76 14.84 17.11
N HIS A 137 13.46 14.70 16.88
CA HIS A 137 12.48 15.66 17.35
C HIS A 137 12.43 15.69 18.87
N HIS A 138 12.99 14.66 19.50
CA HIS A 138 13.01 14.55 20.95
C HIS A 138 14.28 15.17 21.52
N ARG A 139 15.42 14.79 20.96
CA ARG A 139 16.71 15.29 21.42
C ARG A 139 16.71 16.82 21.46
N SER A 140 16.79 17.43 20.28
CA SER A 140 16.80 18.89 20.18
C SER A 140 15.89 19.37 19.04
N MET A 1 22.58 7.81 12.92
CA MET A 1 22.72 9.24 12.67
C MET A 1 21.36 9.92 12.60
N ALA A 2 21.14 10.89 13.49
CA ALA A 2 19.88 11.61 13.51
C ALA A 2 20.09 13.07 13.92
N HIS A 3 19.53 13.99 13.15
CA HIS A 3 19.67 15.41 13.43
C HIS A 3 18.38 15.97 14.04
N HIS A 4 18.51 16.72 15.12
CA HIS A 4 17.36 17.32 15.79
C HIS A 4 16.93 18.59 15.08
N HIS A 5 15.73 19.08 15.43
CA HIS A 5 15.20 20.30 14.83
C HIS A 5 13.89 20.70 15.50
N HIS A 6 13.31 21.81 15.04
CA HIS A 6 12.06 22.30 15.58
C HIS A 6 11.01 22.47 14.49
N HIS A 7 9.75 22.19 14.83
CA HIS A 7 8.66 22.30 13.87
C HIS A 7 8.84 21.33 12.70
N HIS A 8 8.06 20.25 12.72
CA HIS A 8 8.15 19.24 11.67
C HIS A 8 7.53 19.76 10.37
N ALA A 9 8.38 20.03 9.39
CA ALA A 9 7.93 20.53 8.10
C ALA A 9 9.07 20.53 7.08
N MET A 10 10.21 21.05 7.48
CA MET A 10 11.38 21.11 6.61
C MET A 10 12.10 19.77 6.56
N VAL A 11 12.28 19.15 7.73
CA VAL A 11 12.94 17.86 7.81
C VAL A 11 11.94 16.72 7.70
N ILE A 12 10.67 17.02 7.94
CA ILE A 12 9.61 16.02 7.86
C ILE A 12 9.15 15.83 6.43
N ASP A 13 9.27 16.88 5.62
CA ASP A 13 8.85 16.82 4.22
C ASP A 13 9.85 16.00 3.40
N HIS A 14 11.06 15.84 3.92
CA HIS A 14 12.10 15.09 3.24
C HIS A 14 11.94 13.59 3.50
N ILE A 15 11.24 13.25 4.57
CA ILE A 15 11.02 11.86 4.93
C ILE A 15 10.00 11.20 4.00
N LEU A 16 9.14 12.03 3.41
CA LEU A 16 8.11 11.54 2.50
C LEU A 16 8.73 10.67 1.39
N LYS A 17 9.78 11.19 0.77
CA LYS A 17 10.46 10.48 -0.30
C LYS A 17 11.13 9.22 0.23
N CYS A 18 11.32 9.16 1.55
CA CYS A 18 11.94 8.00 2.18
C CYS A 18 10.96 6.84 2.30
N VAL A 19 9.71 7.16 2.62
CA VAL A 19 8.67 6.16 2.76
C VAL A 19 7.98 5.89 1.42
N PHE A 20 7.97 6.90 0.55
CA PHE A 20 7.35 6.77 -0.76
C PHE A 20 8.28 6.06 -1.73
N ASP A 21 9.57 6.04 -1.40
CA ASP A 21 10.56 5.38 -2.25
C ASP A 21 10.38 3.87 -2.24
N LYS A 22 9.98 3.33 -1.09
CA LYS A 22 9.77 1.90 -0.96
C LYS A 22 8.54 1.45 -1.73
N ILE A 23 7.51 2.30 -1.77
CA ILE A 23 6.29 1.99 -2.50
C ILE A 23 6.58 1.57 -3.93
N CYS A 24 7.56 2.23 -4.54
CA CYS A 24 7.94 1.92 -5.91
C CYS A 24 8.86 0.70 -5.97
N LYS A 25 9.54 0.44 -4.86
CA LYS A 25 10.45 -0.70 -4.78
C LYS A 25 9.67 -2.00 -4.60
N ILE A 26 8.88 -2.08 -3.54
CA ILE A 26 8.09 -3.26 -3.25
C ILE A 26 7.27 -3.69 -4.47
N GLY A 27 6.90 -2.71 -5.30
CA GLY A 27 6.12 -2.99 -6.49
C GLY A 27 6.85 -3.92 -7.44
N THR A 28 8.14 -3.70 -7.61
CA THR A 28 8.94 -4.52 -8.51
C THR A 28 8.81 -6.00 -8.17
N GLU A 29 8.53 -6.29 -6.91
CA GLU A 29 8.37 -7.67 -6.45
C GLU A 29 6.98 -8.20 -6.81
N SER A 30 6.00 -7.30 -6.82
CA SER A 30 4.62 -7.69 -7.14
C SER A 30 4.42 -7.76 -8.65
N VAL A 31 5.21 -6.99 -9.39
CA VAL A 31 5.11 -6.97 -10.84
C VAL A 31 5.38 -8.35 -11.43
N GLU A 32 6.03 -9.21 -10.65
CA GLU A 32 6.34 -10.56 -11.09
C GLU A 32 5.19 -11.51 -10.79
N ALA A 33 4.80 -11.57 -9.51
CA ALA A 33 3.71 -12.45 -9.10
C ALA A 33 2.44 -12.13 -9.87
N GLY A 34 2.35 -10.92 -10.40
CA GLY A 34 1.17 -10.53 -11.16
C GLY A 34 1.12 -11.17 -12.53
N ARG A 35 2.28 -11.24 -13.19
CA ARG A 35 2.36 -11.83 -14.52
C ARG A 35 2.62 -13.33 -14.42
N LEU A 36 3.16 -13.77 -13.29
CA LEU A 36 3.44 -15.18 -13.08
C LEU A 36 2.18 -15.96 -12.73
N ILE A 37 1.30 -15.31 -11.97
CA ILE A 37 0.05 -15.94 -11.55
C ILE A 37 -0.92 -16.04 -12.73
N GLU A 38 -0.97 -14.98 -13.54
CA GLU A 38 -1.86 -14.95 -14.70
C GLU A 38 -1.38 -15.91 -15.79
N LEU A 39 -0.08 -15.88 -16.06
CA LEU A 39 0.51 -16.74 -17.07
C LEU A 39 0.13 -18.20 -16.84
N SER A 40 -0.07 -18.56 -15.57
CA SER A 40 -0.44 -19.91 -15.21
C SER A 40 -1.93 -20.17 -15.48
N GLN A 41 -2.74 -19.14 -15.26
CA GLN A 41 -4.17 -19.24 -15.48
C GLN A 41 -4.48 -19.82 -16.86
N GLU A 42 -4.87 -21.09 -16.89
CA GLU A 42 -5.18 -21.76 -18.15
C GLU A 42 -6.52 -22.50 -18.04
N GLY A 43 -7.20 -22.33 -16.91
CA GLY A 43 -8.47 -22.99 -16.71
C GLY A 43 -9.57 -22.39 -17.57
N GLY A 44 -9.45 -21.10 -17.87
CA GLY A 44 -10.45 -20.43 -18.69
C GLY A 44 -10.91 -19.12 -18.09
N GLY A 45 -10.23 -18.04 -18.41
CA GLY A 45 -10.59 -16.74 -17.88
C GLY A 45 -11.18 -15.82 -18.94
N GLY A 46 -11.01 -14.52 -18.75
CA GLY A 46 -11.53 -13.56 -19.71
C GLY A 46 -10.64 -12.34 -19.84
N GLY A 47 -10.79 -11.39 -18.91
CA GLY A 47 -9.98 -10.18 -18.95
C GLY A 47 -8.50 -10.47 -19.06
N GLY A 48 -7.73 -9.45 -19.40
CA GLY A 48 -6.28 -9.62 -19.54
C GLY A 48 -5.53 -9.14 -18.31
N PRO A 49 -4.21 -8.97 -18.46
CA PRO A 49 -3.35 -8.51 -17.37
C PRO A 49 -3.60 -7.05 -17.01
N LEU A 50 -4.38 -6.37 -17.84
CA LEU A 50 -4.69 -4.96 -17.61
C LEU A 50 -5.67 -4.80 -16.46
N TYR A 51 -6.41 -5.86 -16.16
CA TYR A 51 -7.39 -5.85 -15.09
C TYR A 51 -6.71 -6.00 -13.73
N PHE A 52 -5.55 -6.66 -13.73
CA PHE A 52 -4.80 -6.87 -12.49
C PHE A 52 -4.26 -5.55 -11.96
N VAL A 53 -3.81 -4.69 -12.87
CA VAL A 53 -3.27 -3.39 -12.49
C VAL A 53 -4.37 -2.35 -12.35
N VAL A 54 -5.47 -2.57 -13.08
CA VAL A 54 -6.60 -1.64 -13.02
C VAL A 54 -7.40 -1.82 -11.75
N ASN A 55 -7.44 -3.04 -11.24
CA ASN A 55 -8.18 -3.34 -10.01
C ASN A 55 -7.29 -3.16 -8.79
N VAL A 56 -5.97 -3.27 -8.99
CA VAL A 56 -5.02 -3.10 -7.89
C VAL A 56 -4.66 -1.63 -7.70
N ILE A 57 -4.40 -0.94 -8.80
CA ILE A 57 -4.04 0.48 -8.74
C ILE A 57 -5.27 1.34 -8.46
N GLU A 58 -6.45 0.80 -8.77
CA GLU A 58 -7.70 1.52 -8.53
C GLU A 58 -7.77 2.05 -7.11
N PRO A 59 -7.74 1.11 -6.13
CA PRO A 59 -7.80 1.45 -4.71
C PRO A 59 -6.54 2.16 -4.23
N CYS A 60 -5.43 1.89 -4.89
CA CYS A 60 -4.15 2.49 -4.54
C CYS A 60 -4.17 4.00 -4.78
N LYS A 61 -4.86 4.40 -5.84
CA LYS A 61 -4.95 5.82 -6.20
C LYS A 61 -5.48 6.64 -5.02
N LYS A 62 -6.67 6.28 -4.55
CA LYS A 62 -7.28 6.97 -3.42
C LYS A 62 -6.35 6.99 -2.21
N PHE A 63 -5.46 6.01 -2.14
CA PHE A 63 -4.52 5.91 -1.04
C PHE A 63 -3.29 6.77 -1.29
N SER A 64 -3.01 7.03 -2.58
CA SER A 64 -1.86 7.85 -2.95
C SER A 64 -1.91 9.22 -2.29
N GLU A 65 -3.11 9.79 -2.24
CA GLU A 65 -3.30 11.10 -1.62
C GLU A 65 -3.10 11.03 -0.12
N LEU A 66 -3.33 9.86 0.45
CA LEU A 66 -3.18 9.66 1.89
C LEU A 66 -1.71 9.72 2.30
N THR A 67 -0.84 9.16 1.45
CA THR A 67 0.59 9.15 1.72
C THR A 67 1.14 10.57 1.77
N GLY A 68 0.38 11.52 1.23
CA GLY A 68 0.81 12.90 1.23
C GLY A 68 0.17 13.72 2.33
N LEU A 69 -0.86 13.15 2.95
CA LEU A 69 -1.57 13.83 4.04
C LEU A 69 -0.95 13.48 5.39
N VAL A 70 -0.05 12.50 5.39
CA VAL A 70 0.61 12.07 6.62
C VAL A 70 1.95 12.77 6.79
N PHE A 71 2.60 13.07 5.68
CA PHE A 71 3.89 13.74 5.71
C PHE A 71 3.74 15.25 5.50
N TYR A 72 2.50 15.68 5.34
CA TYR A 72 2.21 17.10 5.12
C TYR A 72 1.26 17.63 6.18
N LEU A 73 0.08 17.02 6.26
CA LEU A 73 -0.93 17.43 7.24
C LEU A 73 -1.16 16.33 8.28
N PRO A 74 -0.19 16.17 9.19
CA PRO A 74 -0.27 15.16 10.25
C PRO A 74 -1.32 15.51 11.30
N THR A 75 -2.20 14.54 11.59
CA THR A 75 -3.25 14.74 12.57
C THR A 75 -2.89 14.10 13.92
N ASP A 76 -1.91 13.21 13.89
CA ASP A 76 -1.45 12.54 15.10
C ASP A 76 -0.28 11.60 14.81
N SER A 77 0.07 10.79 15.80
CA SER A 77 1.17 9.85 15.64
C SER A 77 0.87 8.83 14.56
N GLY A 78 -0.41 8.72 14.19
CA GLY A 78 -0.81 7.78 13.18
C GLY A 78 -2.30 7.84 12.88
N GLU A 79 -2.85 9.05 12.89
CA GLU A 79 -4.27 9.24 12.62
C GLU A 79 -4.59 8.95 11.15
N LYS A 80 -4.12 9.81 10.27
CA LYS A 80 -4.35 9.65 8.84
C LYS A 80 -3.89 8.27 8.36
N MET A 81 -2.91 7.71 9.06
CA MET A 81 -2.37 6.40 8.72
C MET A 81 -3.31 5.29 9.18
N THR A 82 -3.52 5.21 10.50
CA THR A 82 -4.39 4.21 11.07
C THR A 82 -5.81 4.29 10.49
N GLU A 83 -6.18 5.48 10.04
CA GLU A 83 -7.50 5.70 9.47
C GLU A 83 -7.57 5.14 8.04
N SER A 84 -6.43 5.13 7.36
CA SER A 84 -6.36 4.62 5.99
C SER A 84 -6.18 3.11 5.99
N LYS A 85 -5.59 2.59 7.05
CA LYS A 85 -5.35 1.16 7.18
C LYS A 85 -6.67 0.39 7.24
N SER A 86 -7.72 1.07 7.68
CA SER A 86 -9.04 0.45 7.80
C SER A 86 -9.70 0.31 6.43
N VAL A 87 -9.19 1.07 5.46
CA VAL A 87 -9.73 1.03 4.11
C VAL A 87 -9.25 -0.21 3.36
N LEU A 88 -8.13 -0.77 3.80
CA LEU A 88 -7.57 -1.96 3.17
C LEU A 88 -8.45 -3.18 3.42
N LYS A 89 -9.04 -3.23 4.60
CA LYS A 89 -9.93 -4.35 4.97
C LYS A 89 -11.30 -4.17 4.33
N SER A 90 -11.75 -2.92 4.23
CA SER A 90 -13.06 -2.62 3.64
C SER A 90 -12.98 -2.63 2.12
N LEU A 91 -11.78 -2.47 1.59
CA LEU A 91 -11.56 -2.46 0.15
C LEU A 91 -11.77 -3.85 -0.45
N THR A 92 -11.17 -4.86 0.19
CA THR A 92 -11.29 -6.23 -0.27
C THR A 92 -12.75 -6.64 -0.44
N GLU A 93 -13.63 -6.00 0.34
CA GLU A 93 -15.05 -6.30 0.26
C GLU A 93 -15.56 -6.19 -1.17
N LYS A 94 -15.02 -5.23 -1.92
CA LYS A 94 -15.41 -5.02 -3.30
C LYS A 94 -14.66 -5.98 -4.24
N LEU A 95 -13.51 -6.46 -3.78
CA LEU A 95 -12.70 -7.38 -4.57
C LEU A 95 -13.21 -8.80 -4.43
N LYS A 96 -13.92 -9.08 -3.34
CA LYS A 96 -14.46 -10.40 -3.08
C LYS A 96 -15.56 -10.73 -4.09
N LYS A 97 -16.30 -9.71 -4.52
CA LYS A 97 -17.38 -9.91 -5.48
C LYS A 97 -16.83 -10.30 -6.85
N ILE A 98 -15.52 -10.16 -7.01
CA ILE A 98 -14.87 -10.51 -8.27
C ILE A 98 -15.25 -11.92 -8.72
N VAL A 99 -15.64 -12.75 -7.76
CA VAL A 99 -16.04 -14.13 -8.06
C VAL A 99 -17.18 -14.16 -9.05
N GLU A 100 -17.94 -13.07 -9.12
CA GLU A 100 -19.06 -12.97 -10.04
C GLU A 100 -18.63 -12.42 -11.39
N LEU A 101 -17.42 -11.87 -11.44
CA LEU A 101 -16.88 -11.30 -12.67
C LEU A 101 -15.83 -12.23 -13.27
N ILE A 102 -16.27 -13.37 -13.78
CA ILE A 102 -15.38 -14.35 -14.39
C ILE A 102 -14.18 -14.63 -13.48
N PRO A 103 -14.40 -15.49 -12.48
CA PRO A 103 -13.36 -15.88 -11.52
C PRO A 103 -12.27 -16.75 -12.17
N SER A 104 -11.07 -16.67 -11.62
CA SER A 104 -9.94 -17.44 -12.14
C SER A 104 -9.96 -18.87 -11.59
N THR A 105 -8.98 -19.66 -11.99
CA THR A 105 -8.88 -21.04 -11.54
C THR A 105 -8.76 -21.12 -10.03
N SER A 106 -8.64 -22.33 -9.51
CA SER A 106 -8.52 -22.55 -8.07
C SER A 106 -7.08 -22.36 -7.62
N SER A 107 -6.20 -22.03 -8.55
CA SER A 107 -4.79 -21.84 -8.26
C SER A 107 -4.49 -20.36 -7.98
N ALA A 108 -5.19 -19.48 -8.69
CA ALA A 108 -5.00 -18.05 -8.52
C ALA A 108 -5.78 -17.54 -7.32
N VAL A 109 -6.76 -18.30 -6.88
CA VAL A 109 -7.58 -17.93 -5.73
C VAL A 109 -6.73 -17.79 -4.47
N PRO A 110 -6.04 -18.88 -4.11
CA PRO A 110 -5.18 -18.91 -2.92
C PRO A 110 -3.93 -18.06 -3.10
N LEU A 111 -3.61 -17.72 -4.34
CA LEU A 111 -2.44 -16.90 -4.63
C LEU A 111 -2.77 -15.41 -4.47
N ILE A 112 -3.79 -14.97 -5.18
CA ILE A 112 -4.21 -13.57 -5.13
C ILE A 112 -4.60 -13.17 -3.71
N GLY A 113 -4.99 -14.16 -2.91
CA GLY A 113 -5.39 -13.90 -1.54
C GLY A 113 -4.21 -13.53 -0.66
N LYS A 114 -3.02 -13.95 -1.05
CA LYS A 114 -1.81 -13.67 -0.29
C LYS A 114 -1.34 -12.25 -0.53
N TYR A 115 -1.20 -11.87 -1.80
CA TYR A 115 -0.76 -10.53 -2.17
C TYR A 115 -1.77 -9.49 -1.70
N MET A 116 -3.00 -9.93 -1.44
CA MET A 116 -4.05 -9.03 -1.00
C MET A 116 -3.63 -8.27 0.26
N LEU A 117 -3.43 -9.00 1.36
CA LEU A 117 -3.01 -8.40 2.62
C LEU A 117 -1.57 -7.95 2.56
N PHE A 118 -0.79 -8.59 1.69
CA PHE A 118 0.62 -8.25 1.53
C PHE A 118 0.80 -6.74 1.30
N THR A 119 -0.15 -6.14 0.59
CA THR A 119 -0.10 -4.71 0.32
C THR A 119 -0.55 -3.89 1.52
N LYS A 120 -1.44 -4.46 2.31
CA LYS A 120 -1.95 -3.78 3.51
C LYS A 120 -0.88 -3.71 4.59
N GLU A 121 -0.10 -4.78 4.72
CA GLU A 121 0.96 -4.84 5.71
C GLU A 121 2.03 -3.79 5.42
N PHE A 122 2.43 -3.70 4.16
CA PHE A 122 3.46 -2.75 3.76
C PHE A 122 3.12 -1.35 4.23
N VAL A 123 1.82 -1.06 4.31
CA VAL A 123 1.36 0.25 4.75
C VAL A 123 1.94 0.61 6.11
N GLU A 124 2.27 -0.40 6.90
CA GLU A 124 2.84 -0.20 8.22
C GLU A 124 4.17 0.52 8.13
N SER A 125 4.80 0.48 6.95
CA SER A 125 6.08 1.12 6.73
C SER A 125 6.01 2.61 7.11
N SER A 126 4.83 3.18 7.00
CA SER A 126 4.63 4.60 7.32
C SER A 126 4.83 4.85 8.81
N ILE A 127 4.07 4.13 9.64
CA ILE A 127 4.16 4.27 11.09
C ILE A 127 5.52 3.79 11.60
N LYS A 128 6.15 2.90 10.83
CA LYS A 128 7.45 2.35 11.21
C LYS A 128 8.54 3.42 11.08
N ILE A 129 8.67 3.97 9.88
CA ILE A 129 9.68 5.00 9.62
C ILE A 129 9.43 6.23 10.49
N THR A 130 8.19 6.70 10.51
CA THR A 130 7.82 7.87 11.30
C THR A 130 8.14 7.65 12.78
N GLU A 131 8.22 6.39 13.19
CA GLU A 131 8.52 6.05 14.58
C GLU A 131 9.87 6.62 15.00
N GLU A 132 10.70 6.96 14.01
CA GLU A 132 12.02 7.51 14.29
C GLU A 132 11.94 9.01 14.53
N VAL A 133 10.91 9.65 13.98
CA VAL A 133 10.72 11.08 14.14
C VAL A 133 10.45 11.44 15.59
N ILE A 134 10.05 10.45 16.38
CA ILE A 134 9.76 10.66 17.79
C ILE A 134 11.00 11.10 18.54
N ASN A 135 12.17 10.76 18.00
CA ASN A 135 13.44 11.12 18.62
C ASN A 135 13.49 12.61 18.93
N THR A 136 12.83 13.40 18.09
CA THR A 136 12.80 14.85 18.27
C THR A 136 11.59 15.28 19.08
N HIS A 137 10.54 14.47 19.05
CA HIS A 137 9.31 14.76 19.78
C HIS A 137 9.52 14.55 21.28
N HIS A 138 10.35 13.59 21.63
CA HIS A 138 10.63 13.28 23.03
C HIS A 138 11.59 14.31 23.62
N ARG A 139 12.66 14.61 22.90
CA ARG A 139 13.65 15.58 23.35
C ARG A 139 13.00 16.92 23.64
N SER A 140 12.60 17.61 22.58
CA SER A 140 11.96 18.92 22.72
C SER A 140 10.44 18.78 22.84
N MET A 1 24.50 5.67 11.52
CA MET A 1 25.59 6.36 12.20
C MET A 1 25.27 7.85 12.38
N ALA A 2 23.98 8.17 12.39
CA ALA A 2 23.53 9.54 12.56
C ALA A 2 22.61 9.68 13.76
N HIS A 3 22.61 10.86 14.37
CA HIS A 3 21.77 11.13 15.53
C HIS A 3 21.55 12.62 15.72
N HIS A 4 20.48 13.14 15.14
CA HIS A 4 20.16 14.56 15.24
C HIS A 4 18.75 14.76 15.82
N HIS A 5 18.38 16.01 16.02
CA HIS A 5 17.07 16.34 16.56
C HIS A 5 16.67 17.77 16.21
N HIS A 6 15.46 17.94 15.66
CA HIS A 6 14.97 19.24 15.28
C HIS A 6 13.52 19.16 14.81
N HIS A 7 12.98 20.29 14.35
CA HIS A 7 11.61 20.34 13.87
C HIS A 7 11.42 19.39 12.68
N HIS A 8 10.16 19.24 12.25
CA HIS A 8 9.84 18.37 11.14
C HIS A 8 8.95 19.08 10.13
N ALA A 9 9.53 19.47 8.99
CA ALA A 9 8.78 20.16 7.95
C ALA A 9 9.62 20.29 6.68
N MET A 10 10.86 20.73 6.83
CA MET A 10 11.75 20.90 5.69
C MET A 10 12.36 19.56 5.27
N VAL A 11 12.80 18.78 6.25
CA VAL A 11 13.40 17.47 5.99
C VAL A 11 12.34 16.37 5.98
N ILE A 12 11.19 16.67 6.58
CA ILE A 12 10.10 15.71 6.65
C ILE A 12 9.26 15.73 5.37
N ASP A 13 9.23 16.88 4.73
CA ASP A 13 8.47 17.05 3.49
C ASP A 13 9.13 16.28 2.34
N HIS A 14 10.43 16.03 2.48
CA HIS A 14 11.17 15.31 1.45
C HIS A 14 11.01 13.81 1.63
N ILE A 15 10.86 13.38 2.87
CA ILE A 15 10.70 11.95 3.17
C ILE A 15 9.53 11.36 2.41
N LEU A 16 8.57 12.21 2.04
CA LEU A 16 7.40 11.76 1.30
C LEU A 16 7.80 10.96 0.06
N LYS A 17 8.68 11.54 -0.74
CA LYS A 17 9.16 10.88 -1.96
C LYS A 17 9.97 9.64 -1.61
N CYS A 18 10.44 9.56 -0.38
CA CYS A 18 11.23 8.42 0.08
C CYS A 18 10.34 7.21 0.36
N VAL A 19 9.18 7.47 0.96
CA VAL A 19 8.24 6.41 1.29
C VAL A 19 7.29 6.15 0.12
N PHE A 20 7.05 7.17 -0.68
CA PHE A 20 6.15 7.05 -1.84
C PHE A 20 6.89 6.41 -3.02
N ASP A 21 8.21 6.44 -2.97
CA ASP A 21 9.02 5.86 -4.04
C ASP A 21 8.89 4.34 -4.07
N LYS A 22 9.13 3.72 -2.92
CA LYS A 22 9.04 2.26 -2.80
C LYS A 22 7.67 1.77 -3.26
N ILE A 23 6.63 2.49 -2.87
CA ILE A 23 5.27 2.12 -3.23
C ILE A 23 5.14 1.92 -4.74
N CYS A 24 5.88 2.72 -5.51
CA CYS A 24 5.84 2.63 -6.96
C CYS A 24 6.74 1.49 -7.46
N LYS A 25 7.75 1.16 -6.66
CA LYS A 25 8.68 0.09 -7.00
C LYS A 25 8.06 -1.28 -6.77
N ILE A 26 7.57 -1.50 -5.54
CA ILE A 26 6.95 -2.77 -5.19
C ILE A 26 5.79 -3.09 -6.13
N GLY A 27 5.22 -2.05 -6.73
CA GLY A 27 4.10 -2.24 -7.64
C GLY A 27 4.56 -2.67 -9.03
N THR A 28 5.84 -2.49 -9.31
CA THR A 28 6.40 -2.86 -10.60
C THR A 28 6.95 -4.28 -10.58
N GLU A 29 7.29 -4.76 -9.39
CA GLU A 29 7.82 -6.11 -9.24
C GLU A 29 6.70 -7.14 -9.15
N SER A 30 5.64 -6.79 -8.43
CA SER A 30 4.49 -7.69 -8.27
C SER A 30 3.83 -7.97 -9.62
N VAL A 31 4.12 -7.12 -10.60
CA VAL A 31 3.56 -7.28 -11.93
C VAL A 31 3.96 -8.62 -12.55
N GLU A 32 5.03 -9.20 -12.03
CA GLU A 32 5.51 -10.48 -12.52
C GLU A 32 4.83 -11.64 -11.80
N ALA A 33 4.90 -11.64 -10.47
CA ALA A 33 4.29 -12.68 -9.67
C ALA A 33 2.81 -12.84 -10.01
N GLY A 34 2.20 -11.77 -10.51
CA GLY A 34 0.80 -11.82 -10.87
C GLY A 34 0.54 -12.72 -12.06
N ARG A 35 1.42 -12.66 -13.05
CA ARG A 35 1.27 -13.47 -14.25
C ARG A 35 1.96 -14.81 -14.08
N LEU A 36 2.91 -14.87 -13.15
CA LEU A 36 3.64 -16.11 -12.89
C LEU A 36 2.82 -17.07 -12.04
N ILE A 37 2.04 -16.51 -11.12
CA ILE A 37 1.20 -17.32 -10.24
C ILE A 37 -0.04 -17.82 -10.98
N GLU A 38 -0.73 -16.91 -11.65
CA GLU A 38 -1.94 -17.26 -12.39
C GLU A 38 -1.65 -18.35 -13.42
N LEU A 39 -0.68 -18.09 -14.30
CA LEU A 39 -0.30 -19.05 -15.33
C LEU A 39 -0.02 -20.42 -14.71
N SER A 40 0.57 -20.42 -13.52
CA SER A 40 0.89 -21.66 -12.83
C SER A 40 -0.35 -22.51 -12.63
N GLN A 41 -1.47 -21.86 -12.31
CA GLN A 41 -2.72 -22.56 -12.09
C GLN A 41 -3.46 -22.79 -13.41
N GLU A 42 -3.44 -21.77 -14.26
CA GLU A 42 -4.11 -21.86 -15.56
C GLU A 42 -3.90 -20.59 -16.37
N GLY A 43 -3.86 -19.45 -15.67
CA GLY A 43 -3.67 -18.18 -16.34
C GLY A 43 -4.98 -17.46 -16.62
N GLY A 44 -6.05 -18.23 -16.78
CA GLY A 44 -7.35 -17.65 -17.04
C GLY A 44 -7.32 -16.67 -18.22
N GLY A 45 -8.25 -15.72 -18.21
CA GLY A 45 -8.31 -14.74 -19.28
C GLY A 45 -9.18 -13.56 -18.94
N GLY A 46 -10.28 -13.41 -19.67
CA GLY A 46 -11.20 -12.31 -19.43
C GLY A 46 -10.49 -10.97 -19.42
N GLY A 47 -10.59 -10.26 -18.29
CA GLY A 47 -9.96 -8.96 -18.18
C GLY A 47 -8.49 -8.99 -18.54
N GLY A 48 -7.93 -7.84 -18.89
CA GLY A 48 -6.53 -7.77 -19.26
C GLY A 48 -5.66 -7.26 -18.13
N PRO A 49 -4.43 -6.86 -18.47
CA PRO A 49 -3.47 -6.34 -17.49
C PRO A 49 -3.86 -4.96 -16.96
N LEU A 50 -4.87 -4.37 -17.60
CA LEU A 50 -5.35 -3.05 -17.19
C LEU A 50 -6.14 -3.13 -15.89
N TYR A 51 -6.65 -4.32 -15.58
CA TYR A 51 -7.42 -4.53 -14.38
C TYR A 51 -6.50 -4.60 -13.15
N PHE A 52 -5.34 -5.21 -13.33
CA PHE A 52 -4.37 -5.35 -12.25
C PHE A 52 -3.90 -3.98 -11.76
N VAL A 53 -3.86 -3.02 -12.68
CA VAL A 53 -3.42 -1.68 -12.35
C VAL A 53 -4.59 -0.82 -11.86
N VAL A 54 -5.79 -1.15 -12.33
CA VAL A 54 -6.99 -0.41 -11.94
C VAL A 54 -7.50 -0.87 -10.58
N ASN A 55 -7.23 -2.13 -10.25
CA ASN A 55 -7.67 -2.68 -8.97
C ASN A 55 -6.62 -2.45 -7.89
N VAL A 56 -5.37 -2.28 -8.31
CA VAL A 56 -4.27 -2.04 -7.37
C VAL A 56 -4.10 -0.55 -7.10
N ILE A 57 -4.48 0.27 -8.07
CA ILE A 57 -4.37 1.72 -7.94
C ILE A 57 -5.65 2.32 -7.37
N GLU A 58 -6.76 1.63 -7.58
CA GLU A 58 -8.06 2.09 -7.08
C GLU A 58 -7.98 2.42 -5.61
N PRO A 59 -7.64 1.41 -4.78
CA PRO A 59 -7.52 1.58 -3.33
C PRO A 59 -6.32 2.45 -2.94
N CYS A 60 -5.25 2.34 -3.71
CA CYS A 60 -4.04 3.11 -3.44
C CYS A 60 -4.30 4.59 -3.58
N LYS A 61 -5.22 4.95 -4.47
CA LYS A 61 -5.57 6.35 -4.72
C LYS A 61 -6.02 7.02 -3.42
N LYS A 62 -7.05 6.47 -2.80
CA LYS A 62 -7.58 7.02 -1.55
C LYS A 62 -6.48 7.12 -0.49
N PHE A 63 -5.46 6.27 -0.63
CA PHE A 63 -4.34 6.27 0.32
C PHE A 63 -3.31 7.31 -0.07
N SER A 64 -3.26 7.65 -1.36
CA SER A 64 -2.31 8.63 -1.86
C SER A 64 -2.37 9.92 -1.05
N GLU A 65 -3.59 10.32 -0.69
CA GLU A 65 -3.79 11.54 0.09
C GLU A 65 -3.43 11.33 1.55
N LEU A 66 -3.48 10.07 1.99
CA LEU A 66 -3.16 9.72 3.37
C LEU A 66 -1.65 9.81 3.61
N THR A 67 -0.87 9.27 2.68
CA THR A 67 0.57 9.28 2.79
C THR A 67 1.13 10.67 2.50
N GLY A 68 0.26 11.58 2.07
CA GLY A 68 0.68 12.94 1.77
C GLY A 68 0.21 13.93 2.81
N LEU A 69 -0.78 13.54 3.59
CA LEU A 69 -1.32 14.41 4.63
C LEU A 69 -0.60 14.18 5.96
N VAL A 70 0.01 13.01 6.10
CA VAL A 70 0.74 12.67 7.32
C VAL A 70 2.19 13.11 7.23
N PHE A 71 2.73 13.12 6.02
CA PHE A 71 4.12 13.52 5.80
C PHE A 71 4.21 15.01 5.50
N TYR A 72 3.05 15.67 5.45
CA TYR A 72 3.00 17.10 5.16
C TYR A 72 2.75 17.90 6.43
N LEU A 73 1.58 17.70 7.03
CA LEU A 73 1.22 18.41 8.26
C LEU A 73 0.22 17.60 9.07
N PRO A 74 0.69 16.51 9.69
CA PRO A 74 -0.16 15.64 10.51
C PRO A 74 -0.60 16.30 11.80
N THR A 75 -1.90 16.26 12.07
CA THR A 75 -2.45 16.86 13.28
C THR A 75 -3.06 15.80 14.19
N ASP A 76 -2.35 14.70 14.36
CA ASP A 76 -2.82 13.61 15.21
C ASP A 76 -1.84 12.44 15.19
N SER A 77 -2.03 11.49 16.10
CA SER A 77 -1.17 10.33 16.18
C SER A 77 -1.35 9.42 14.97
N GLY A 78 -2.40 9.69 14.20
CA GLY A 78 -2.67 8.88 13.02
C GLY A 78 -4.03 9.17 12.43
N GLU A 79 -4.39 10.44 12.37
CA GLU A 79 -5.69 10.85 11.83
C GLU A 79 -5.90 10.24 10.44
N LYS A 80 -5.03 10.60 9.50
CA LYS A 80 -5.12 10.09 8.14
C LYS A 80 -4.52 8.69 8.04
N MET A 81 -3.64 8.36 8.97
CA MET A 81 -3.00 7.05 8.98
C MET A 81 -4.01 5.95 9.23
N THR A 82 -4.86 6.14 10.24
CA THR A 82 -5.89 5.16 10.58
C THR A 82 -6.74 4.82 9.37
N GLU A 83 -6.86 5.76 8.44
CA GLU A 83 -7.64 5.55 7.23
C GLU A 83 -6.97 4.54 6.31
N SER A 84 -5.64 4.54 6.31
CA SER A 84 -4.87 3.63 5.47
C SER A 84 -5.12 2.18 5.87
N LYS A 85 -5.48 1.98 7.14
CA LYS A 85 -5.75 0.64 7.65
C LYS A 85 -7.12 0.14 7.19
N SER A 86 -8.03 1.08 6.95
CA SER A 86 -9.38 0.74 6.52
C SER A 86 -9.45 0.61 4.99
N VAL A 87 -8.44 1.17 4.32
CA VAL A 87 -8.38 1.12 2.87
C VAL A 87 -7.93 -0.26 2.38
N LEU A 88 -7.19 -0.97 3.23
CA LEU A 88 -6.70 -2.30 2.89
C LEU A 88 -7.74 -3.37 3.23
N LYS A 89 -8.48 -3.14 4.31
CA LYS A 89 -9.51 -4.09 4.74
C LYS A 89 -10.78 -3.91 3.92
N SER A 90 -11.06 -2.67 3.53
CA SER A 90 -12.25 -2.37 2.74
C SER A 90 -12.01 -2.66 1.26
N LEU A 91 -10.74 -2.72 0.87
CA LEU A 91 -10.36 -2.99 -0.50
C LEU A 91 -10.64 -4.45 -0.87
N THR A 92 -10.24 -5.36 0.00
CA THR A 92 -10.44 -6.79 -0.22
C THR A 92 -11.91 -7.08 -0.51
N GLU A 93 -12.80 -6.24 0.01
CA GLU A 93 -14.23 -6.43 -0.19
C GLU A 93 -14.55 -6.58 -1.68
N LYS A 94 -13.92 -5.76 -2.50
CA LYS A 94 -14.13 -5.80 -3.94
C LYS A 94 -13.28 -6.88 -4.59
N LEU A 95 -12.19 -7.26 -3.91
CA LEU A 95 -11.28 -8.27 -4.42
C LEU A 95 -11.88 -9.67 -4.23
N LYS A 96 -12.79 -9.79 -3.28
CA LYS A 96 -13.44 -11.07 -2.99
C LYS A 96 -14.60 -11.31 -3.95
N LYS A 97 -15.35 -10.26 -4.25
CA LYS A 97 -16.49 -10.37 -5.15
C LYS A 97 -16.02 -10.52 -6.60
N ILE A 98 -14.73 -10.28 -6.83
CA ILE A 98 -14.16 -10.40 -8.17
C ILE A 98 -14.51 -11.75 -8.80
N VAL A 99 -14.79 -12.74 -7.96
CA VAL A 99 -15.13 -14.07 -8.42
C VAL A 99 -16.36 -14.03 -9.33
N GLU A 100 -17.14 -12.96 -9.21
CA GLU A 100 -18.34 -12.80 -10.02
C GLU A 100 -18.02 -12.15 -11.37
N LEU A 101 -16.84 -11.54 -11.44
CA LEU A 101 -16.40 -10.87 -12.67
C LEU A 101 -15.58 -11.82 -13.53
N ILE A 102 -14.40 -12.18 -13.05
CA ILE A 102 -13.51 -13.07 -13.77
C ILE A 102 -12.87 -14.09 -12.83
N PRO A 103 -13.67 -15.08 -12.40
CA PRO A 103 -13.20 -16.14 -11.50
C PRO A 103 -12.22 -17.09 -12.18
N SER A 104 -11.26 -17.60 -11.41
CA SER A 104 -10.26 -18.51 -11.94
C SER A 104 -10.19 -19.78 -11.09
N THR A 105 -9.17 -20.60 -11.35
CA THR A 105 -8.99 -21.85 -10.62
C THR A 105 -9.01 -21.60 -9.11
N SER A 106 -9.19 -22.67 -8.34
CA SER A 106 -9.23 -22.58 -6.89
C SER A 106 -7.83 -22.73 -6.30
N SER A 107 -6.83 -22.82 -7.16
CA SER A 107 -5.45 -22.96 -6.73
C SER A 107 -4.80 -21.60 -6.50
N ALA A 108 -5.22 -20.61 -7.27
CA ALA A 108 -4.69 -19.26 -7.16
C ALA A 108 -5.34 -18.51 -6.00
N VAL A 109 -6.47 -19.02 -5.54
CA VAL A 109 -7.19 -18.40 -4.44
C VAL A 109 -6.35 -18.39 -3.17
N PRO A 110 -5.93 -19.58 -2.73
CA PRO A 110 -5.12 -19.74 -1.52
C PRO A 110 -3.70 -19.19 -1.70
N LEU A 111 -3.29 -19.03 -2.96
CA LEU A 111 -1.96 -18.52 -3.27
C LEU A 111 -1.94 -16.99 -3.22
N ILE A 112 -2.90 -16.37 -3.90
CA ILE A 112 -3.00 -14.91 -3.94
C ILE A 112 -3.11 -14.33 -2.53
N GLY A 113 -3.59 -15.15 -1.59
CA GLY A 113 -3.73 -14.71 -0.22
C GLY A 113 -2.44 -14.13 0.33
N LYS A 114 -1.30 -14.58 -0.20
CA LYS A 114 -0.01 -14.10 0.25
C LYS A 114 0.27 -12.70 -0.30
N TYR A 115 0.14 -12.55 -1.61
CA TYR A 115 0.38 -11.27 -2.26
C TYR A 115 -0.70 -10.25 -1.89
N MET A 116 -1.83 -10.76 -1.39
CA MET A 116 -2.93 -9.89 -0.99
C MET A 116 -2.55 -9.05 0.22
N LEU A 117 -2.31 -9.70 1.34
CA LEU A 117 -1.93 -9.01 2.57
C LEU A 117 -0.52 -8.46 2.47
N PHE A 118 0.29 -9.09 1.62
CA PHE A 118 1.68 -8.66 1.44
C PHE A 118 1.75 -7.16 1.13
N THR A 119 1.04 -6.74 0.10
CA THR A 119 1.03 -5.34 -0.30
C THR A 119 0.42 -4.47 0.79
N LYS A 120 -0.40 -5.06 1.64
CA LYS A 120 -1.05 -4.34 2.73
C LYS A 120 -0.07 -4.09 3.86
N GLU A 121 0.75 -5.09 4.17
CA GLU A 121 1.74 -4.98 5.23
C GLU A 121 2.75 -3.88 4.92
N PHE A 122 3.20 -3.84 3.66
CA PHE A 122 4.17 -2.83 3.23
C PHE A 122 3.69 -1.42 3.59
N VAL A 123 2.38 -1.23 3.55
CA VAL A 123 1.79 0.07 3.86
C VAL A 123 2.23 0.55 5.24
N GLU A 124 2.56 -0.40 6.11
CA GLU A 124 2.99 -0.07 7.46
C GLU A 124 4.27 0.77 7.45
N SER A 125 4.98 0.72 6.33
CA SER A 125 6.21 1.47 6.18
C SER A 125 5.97 2.97 6.39
N SER A 126 4.85 3.45 5.87
CA SER A 126 4.50 4.86 6.00
C SER A 126 4.38 5.26 7.46
N ILE A 127 3.53 4.57 8.20
CA ILE A 127 3.31 4.84 9.61
C ILE A 127 4.57 4.53 10.43
N LYS A 128 5.40 3.64 9.90
CA LYS A 128 6.63 3.25 10.57
C LYS A 128 7.65 4.39 10.54
N ILE A 129 7.95 4.88 9.34
CA ILE A 129 8.91 5.96 9.18
C ILE A 129 8.48 7.19 9.98
N THR A 130 7.18 7.46 10.00
CA THR A 130 6.64 8.60 10.73
C THR A 130 6.57 8.31 12.22
N GLU A 131 6.53 7.03 12.57
CA GLU A 131 6.44 6.62 13.97
C GLU A 131 7.66 7.12 14.76
N GLU A 132 8.71 7.48 14.03
CA GLU A 132 9.93 7.97 14.66
C GLU A 132 9.84 9.47 14.93
N VAL A 133 8.92 10.13 14.23
CA VAL A 133 8.72 11.56 14.40
C VAL A 133 7.75 11.86 15.54
N ILE A 134 6.88 10.90 15.81
CA ILE A 134 5.89 11.06 16.88
C ILE A 134 6.52 10.84 18.25
N ASN A 135 7.64 10.11 18.28
CA ASN A 135 8.34 9.82 19.51
C ASN A 135 9.24 11.00 19.91
N THR A 136 9.66 11.78 18.92
CA THR A 136 10.52 12.92 19.16
C THR A 136 9.71 14.21 19.27
N HIS A 137 8.75 14.37 18.37
CA HIS A 137 7.90 15.56 18.38
C HIS A 137 7.12 15.68 19.69
N HIS A 138 6.65 14.54 20.19
CA HIS A 138 5.90 14.51 21.44
C HIS A 138 6.76 14.95 22.61
N ARG A 139 7.99 14.44 22.65
CA ARG A 139 8.92 14.79 23.72
C ARG A 139 9.03 16.30 23.89
N SER A 140 9.73 16.94 22.96
CA SER A 140 9.93 18.39 23.00
C SER A 140 8.77 19.11 22.30
N MET A 1 18.07 11.23 6.11
CA MET A 1 18.37 10.09 6.97
C MET A 1 18.90 10.57 8.32
N ALA A 2 19.20 11.86 8.42
CA ALA A 2 19.72 12.43 9.65
C ALA A 2 18.58 12.85 10.58
N HIS A 3 18.93 13.37 11.74
CA HIS A 3 17.94 13.81 12.72
C HIS A 3 18.29 15.19 13.27
N HIS A 4 17.27 15.99 13.57
CA HIS A 4 17.48 17.33 14.10
C HIS A 4 16.56 17.59 15.29
N HIS A 5 16.66 18.78 15.87
CA HIS A 5 15.84 19.15 17.01
C HIS A 5 15.04 20.42 16.73
N HIS A 6 14.20 20.36 15.70
CA HIS A 6 13.38 21.51 15.33
C HIS A 6 12.08 21.05 14.69
N HIS A 7 11.30 22.01 14.18
CA HIS A 7 10.02 21.70 13.55
C HIS A 7 10.20 20.66 12.45
N HIS A 8 9.08 20.16 11.93
CA HIS A 8 9.10 19.17 10.87
C HIS A 8 8.40 19.68 9.61
N ALA A 9 9.17 19.82 8.53
CA ALA A 9 8.63 20.30 7.27
C ALA A 9 9.64 20.17 6.14
N MET A 10 10.88 20.60 6.41
CA MET A 10 11.94 20.52 5.41
C MET A 10 12.53 19.11 5.36
N VAL A 11 12.77 18.53 6.53
CA VAL A 11 13.34 17.19 6.61
C VAL A 11 12.23 16.14 6.66
N ILE A 12 11.03 16.57 7.00
CA ILE A 12 9.88 15.66 7.08
C ILE A 12 9.26 15.45 5.71
N ASP A 13 9.38 16.45 4.85
CA ASP A 13 8.82 16.38 3.51
C ASP A 13 9.73 15.56 2.59
N HIS A 14 10.99 15.41 2.98
CA HIS A 14 11.95 14.66 2.20
C HIS A 14 11.80 13.16 2.45
N ILE A 15 11.64 12.79 3.72
CA ILE A 15 11.48 11.39 4.08
C ILE A 15 10.31 10.75 3.35
N LEU A 16 9.36 11.58 2.93
CA LEU A 16 8.19 11.09 2.21
C LEU A 16 8.60 10.31 0.97
N LYS A 17 9.64 10.79 0.31
CA LYS A 17 10.14 10.13 -0.90
C LYS A 17 10.72 8.75 -0.57
N CYS A 18 11.04 8.53 0.69
CA CYS A 18 11.60 7.26 1.13
C CYS A 18 10.51 6.20 1.23
N VAL A 19 9.35 6.59 1.74
CA VAL A 19 8.22 5.67 1.89
C VAL A 19 7.38 5.63 0.62
N PHE A 20 7.38 6.73 -0.12
CA PHE A 20 6.62 6.82 -1.36
C PHE A 20 7.36 6.15 -2.51
N ASP A 21 8.66 5.97 -2.35
CA ASP A 21 9.48 5.34 -3.37
C ASP A 21 9.12 3.87 -3.53
N LYS A 22 9.16 3.12 -2.43
CA LYS A 22 8.83 1.71 -2.46
C LYS A 22 7.42 1.48 -2.98
N ILE A 23 6.50 2.35 -2.57
CA ILE A 23 5.11 2.25 -3.01
C ILE A 23 5.01 2.14 -4.52
N CYS A 24 5.91 2.82 -5.22
CA CYS A 24 5.93 2.80 -6.68
C CYS A 24 6.62 1.53 -7.20
N LYS A 25 7.86 1.33 -6.76
CA LYS A 25 8.63 0.16 -7.17
C LYS A 25 7.84 -1.13 -6.96
N ILE A 26 7.40 -1.35 -5.72
CA ILE A 26 6.64 -2.53 -5.38
C ILE A 26 5.41 -2.67 -6.27
N GLY A 27 4.92 -1.54 -6.77
CA GLY A 27 3.76 -1.56 -7.64
C GLY A 27 4.03 -2.26 -8.96
N THR A 28 5.24 -2.11 -9.48
CA THR A 28 5.62 -2.73 -10.74
C THR A 28 6.26 -4.09 -10.51
N GLU A 29 6.76 -4.30 -9.29
CA GLU A 29 7.40 -5.57 -8.95
C GLU A 29 6.36 -6.68 -8.80
N SER A 30 5.22 -6.34 -8.20
CA SER A 30 4.15 -7.31 -8.00
C SER A 30 3.51 -7.71 -9.33
N VAL A 31 3.74 -6.88 -10.35
CA VAL A 31 3.18 -7.15 -11.68
C VAL A 31 3.70 -8.47 -12.23
N GLU A 32 4.82 -8.94 -11.69
CA GLU A 32 5.43 -10.19 -12.14
C GLU A 32 4.82 -11.37 -11.41
N ALA A 33 4.94 -11.37 -10.08
CA ALA A 33 4.41 -12.44 -9.25
C ALA A 33 2.92 -12.64 -9.50
N GLY A 34 2.27 -11.59 -10.01
CA GLY A 34 0.85 -11.67 -10.29
C GLY A 34 0.54 -12.44 -11.56
N ARG A 35 1.38 -12.24 -12.57
CA ARG A 35 1.19 -12.92 -13.85
C ARG A 35 1.90 -14.27 -13.86
N LEU A 36 2.91 -14.41 -13.00
CA LEU A 36 3.67 -15.65 -12.90
C LEU A 36 2.89 -16.71 -12.14
N ILE A 37 2.20 -16.28 -11.08
CA ILE A 37 1.41 -17.19 -10.26
C ILE A 37 0.14 -17.61 -10.97
N GLU A 38 -0.50 -16.65 -11.64
CA GLU A 38 -1.73 -16.92 -12.36
C GLU A 38 -1.49 -17.89 -13.52
N LEU A 39 -0.60 -17.50 -14.43
CA LEU A 39 -0.27 -18.32 -15.59
C LEU A 39 0.07 -19.75 -15.16
N SER A 40 0.72 -19.87 -14.00
CA SER A 40 1.10 -21.18 -13.47
C SER A 40 -0.12 -22.07 -13.28
N GLN A 41 -1.21 -21.47 -12.82
CA GLN A 41 -2.44 -22.21 -12.58
C GLN A 41 -3.26 -22.33 -13.87
N GLU A 42 -3.28 -21.26 -14.66
CA GLU A 42 -4.02 -21.25 -15.92
C GLU A 42 -3.88 -19.91 -16.63
N GLY A 43 -3.81 -18.84 -15.83
CA GLY A 43 -3.68 -17.50 -16.41
C GLY A 43 -5.02 -16.80 -16.54
N GLY A 44 -6.09 -17.57 -16.61
CA GLY A 44 -7.42 -17.00 -16.73
C GLY A 44 -7.57 -16.19 -18.01
N GLY A 45 -8.74 -15.57 -18.18
CA GLY A 45 -8.99 -14.77 -19.37
C GLY A 45 -9.75 -13.50 -19.06
N GLY A 46 -11.00 -13.43 -19.49
CA GLY A 46 -11.81 -12.26 -19.26
C GLY A 46 -11.12 -10.98 -19.71
N GLY A 47 -11.07 -9.99 -18.82
CA GLY A 47 -10.45 -8.73 -19.15
C GLY A 47 -9.01 -8.90 -19.61
N GLY A 48 -8.35 -7.79 -19.94
CA GLY A 48 -6.97 -7.84 -20.40
C GLY A 48 -5.99 -7.88 -19.25
N PRO A 49 -4.68 -7.94 -19.59
CA PRO A 49 -3.61 -7.97 -18.58
C PRO A 49 -3.47 -6.65 -17.83
N LEU A 50 -4.15 -5.62 -18.33
CA LEU A 50 -4.09 -4.30 -17.72
C LEU A 50 -5.00 -4.24 -16.49
N TYR A 51 -5.99 -5.13 -16.44
CA TYR A 51 -6.92 -5.17 -15.33
C TYR A 51 -6.19 -5.39 -14.01
N PHE A 52 -5.05 -6.07 -14.07
CA PHE A 52 -4.26 -6.35 -12.89
C PHE A 52 -3.79 -5.06 -12.23
N VAL A 53 -3.00 -4.29 -12.96
CA VAL A 53 -2.49 -3.02 -12.44
C VAL A 53 -3.61 -1.98 -12.31
N VAL A 54 -4.65 -2.13 -13.12
CA VAL A 54 -5.78 -1.22 -13.10
C VAL A 54 -6.63 -1.43 -11.85
N ASN A 55 -6.70 -2.68 -11.39
CA ASN A 55 -7.48 -3.01 -10.21
C ASN A 55 -6.63 -2.89 -8.95
N VAL A 56 -5.32 -3.01 -9.11
CA VAL A 56 -4.40 -2.90 -7.98
C VAL A 56 -4.03 -1.44 -7.71
N ILE A 57 -3.73 -0.71 -8.77
CA ILE A 57 -3.35 0.69 -8.65
C ILE A 57 -4.58 1.57 -8.38
N GLU A 58 -5.75 1.05 -8.73
CA GLU A 58 -7.00 1.79 -8.53
C GLU A 58 -7.12 2.24 -7.08
N PRO A 59 -7.13 1.27 -6.15
CA PRO A 59 -7.24 1.55 -4.71
C PRO A 59 -5.99 2.21 -4.16
N CYS A 60 -4.86 1.97 -4.80
CA CYS A 60 -3.59 2.55 -4.37
C CYS A 60 -3.59 4.06 -4.55
N LYS A 61 -4.23 4.52 -5.61
CA LYS A 61 -4.29 5.96 -5.90
C LYS A 61 -4.85 6.72 -4.69
N LYS A 62 -6.07 6.37 -4.30
CA LYS A 62 -6.72 7.02 -3.16
C LYS A 62 -5.84 6.94 -1.92
N PHE A 63 -4.98 5.92 -1.87
CA PHE A 63 -4.09 5.74 -0.73
C PHE A 63 -2.84 6.60 -0.86
N SER A 64 -2.50 6.94 -2.11
CA SER A 64 -1.32 7.76 -2.38
C SER A 64 -1.43 9.12 -1.69
N GLU A 65 -2.62 9.71 -1.75
CA GLU A 65 -2.85 11.01 -1.14
C GLU A 65 -2.72 10.93 0.38
N LEU A 66 -2.99 9.76 0.93
CA LEU A 66 -2.89 9.54 2.37
C LEU A 66 -1.44 9.64 2.83
N THR A 67 -0.53 9.13 2.02
CA THR A 67 0.89 9.16 2.35
C THR A 67 1.41 10.58 2.45
N GLY A 68 0.63 11.53 1.92
CA GLY A 68 1.02 12.92 1.95
C GLY A 68 0.31 13.69 3.05
N LEU A 69 -0.72 13.08 3.63
CA LEU A 69 -1.48 13.73 4.70
C LEU A 69 -0.91 13.35 6.06
N VAL A 70 -0.03 12.36 6.08
CA VAL A 70 0.59 11.92 7.32
C VAL A 70 1.94 12.59 7.53
N PHE A 71 2.63 12.90 6.44
CA PHE A 71 3.93 13.55 6.50
C PHE A 71 3.79 15.06 6.33
N TYR A 72 2.56 15.52 6.18
CA TYR A 72 2.30 16.95 5.99
C TYR A 72 1.26 17.43 7.00
N LEU A 73 0.16 16.69 7.13
CA LEU A 73 -0.91 17.05 8.05
C LEU A 73 -1.09 15.97 9.11
N PRO A 74 -0.08 15.83 9.99
CA PRO A 74 -0.11 14.85 11.08
C PRO A 74 -1.14 15.19 12.15
N THR A 75 -1.98 14.21 12.49
CA THR A 75 -3.01 14.41 13.49
C THR A 75 -2.69 13.63 14.77
N ASP A 76 -1.78 12.66 14.65
CA ASP A 76 -1.40 11.84 15.79
C ASP A 76 -0.31 10.85 15.39
N SER A 77 0.01 9.93 16.30
CA SER A 77 1.03 8.92 16.04
C SER A 77 0.64 8.03 14.86
N GLY A 78 -0.63 8.05 14.51
CA GLY A 78 -1.12 7.24 13.41
C GLY A 78 -2.60 7.44 13.15
N GLU A 79 -3.07 8.68 13.27
CA GLU A 79 -4.47 8.99 13.05
C GLU A 79 -4.85 8.77 11.58
N LYS A 80 -4.17 9.47 10.69
CA LYS A 80 -4.43 9.36 9.25
C LYS A 80 -4.00 7.99 8.73
N MET A 81 -2.98 7.42 9.36
CA MET A 81 -2.47 6.11 8.95
C MET A 81 -3.45 5.00 9.34
N THR A 82 -3.74 4.91 10.64
CA THR A 82 -4.67 3.90 11.13
C THR A 82 -6.02 3.99 10.45
N GLU A 83 -6.35 5.18 9.97
CA GLU A 83 -7.62 5.41 9.29
C GLU A 83 -7.56 4.90 7.85
N SER A 84 -6.35 4.79 7.32
CA SER A 84 -6.16 4.31 5.95
C SER A 84 -6.13 2.78 5.90
N LYS A 85 -5.74 2.17 7.02
CA LYS A 85 -5.68 0.71 7.11
C LYS A 85 -7.07 0.10 7.01
N SER A 86 -8.06 0.79 7.57
CA SER A 86 -9.43 0.30 7.55
C SER A 86 -9.95 0.20 6.12
N VAL A 87 -9.26 0.87 5.20
CA VAL A 87 -9.65 0.86 3.79
C VAL A 87 -9.07 -0.36 3.08
N LEU A 88 -8.00 -0.90 3.63
CA LEU A 88 -7.34 -2.07 3.05
C LEU A 88 -8.21 -3.32 3.20
N LYS A 89 -8.93 -3.40 4.31
CA LYS A 89 -9.80 -4.54 4.58
C LYS A 89 -11.11 -4.40 3.82
N SER A 90 -11.58 -3.16 3.68
CA SER A 90 -12.83 -2.88 2.98
C SER A 90 -12.61 -2.87 1.46
N LEU A 91 -11.36 -2.68 1.06
CA LEU A 91 -11.02 -2.64 -0.36
C LEU A 91 -11.11 -4.03 -0.98
N THR A 92 -10.55 -5.02 -0.29
CA THR A 92 -10.58 -6.40 -0.77
C THR A 92 -12.01 -6.85 -1.09
N GLU A 93 -12.97 -6.24 -0.40
CA GLU A 93 -14.38 -6.58 -0.61
C GLU A 93 -14.76 -6.44 -2.09
N LYS A 94 -14.10 -5.52 -2.78
CA LYS A 94 -14.37 -5.27 -4.19
C LYS A 94 -13.60 -6.26 -5.06
N LEU A 95 -12.50 -6.80 -4.51
CA LEU A 95 -11.68 -7.75 -5.24
C LEU A 95 -12.26 -9.16 -5.15
N LYS A 96 -12.74 -9.52 -3.96
CA LYS A 96 -13.32 -10.83 -3.74
C LYS A 96 -14.57 -11.04 -4.61
N LYS A 97 -15.19 -9.94 -5.00
CA LYS A 97 -16.38 -9.99 -5.83
C LYS A 97 -16.01 -10.21 -7.29
N ILE A 98 -14.72 -10.11 -7.60
CA ILE A 98 -14.24 -10.32 -8.96
C ILE A 98 -14.78 -11.62 -9.55
N VAL A 99 -15.12 -12.56 -8.68
CA VAL A 99 -15.66 -13.84 -9.12
C VAL A 99 -16.93 -13.66 -9.94
N GLU A 100 -17.56 -12.50 -9.80
CA GLU A 100 -18.78 -12.20 -10.53
C GLU A 100 -18.47 -11.59 -11.89
N LEU A 101 -17.22 -11.16 -12.08
CA LEU A 101 -16.79 -10.57 -13.33
C LEU A 101 -15.81 -11.48 -14.07
N ILE A 102 -14.62 -11.65 -13.50
CA ILE A 102 -13.60 -12.50 -14.10
C ILE A 102 -13.17 -13.59 -13.13
N PRO A 103 -14.04 -14.58 -12.91
CA PRO A 103 -13.77 -15.71 -12.01
C PRO A 103 -12.69 -16.64 -12.56
N SER A 104 -11.58 -16.72 -11.85
CA SER A 104 -10.47 -17.59 -12.27
C SER A 104 -10.40 -18.84 -11.40
N THR A 105 -9.31 -19.59 -11.55
CA THR A 105 -9.11 -20.82 -10.78
C THR A 105 -9.26 -20.55 -9.29
N SER A 106 -9.94 -21.47 -8.61
CA SER A 106 -10.16 -21.33 -7.17
C SER A 106 -8.88 -21.62 -6.39
N SER A 107 -7.86 -22.09 -7.10
CA SER A 107 -6.58 -22.40 -6.48
C SER A 107 -5.75 -21.13 -6.26
N ALA A 108 -5.93 -20.16 -7.15
CA ALA A 108 -5.21 -18.90 -7.07
C ALA A 108 -5.86 -17.97 -6.04
N VAL A 109 -7.10 -18.27 -5.68
CA VAL A 109 -7.83 -17.46 -4.71
C VAL A 109 -7.04 -17.32 -3.41
N PRO A 110 -6.71 -18.46 -2.79
CA PRO A 110 -5.95 -18.49 -1.54
C PRO A 110 -4.50 -18.05 -1.73
N LEU A 111 -3.95 -18.33 -2.90
CA LEU A 111 -2.57 -17.98 -3.21
C LEU A 111 -2.41 -16.46 -3.30
N ILE A 112 -3.16 -15.85 -4.21
CA ILE A 112 -3.11 -14.41 -4.40
C ILE A 112 -3.42 -13.67 -3.10
N GLY A 113 -4.14 -14.34 -2.22
CA GLY A 113 -4.50 -13.73 -0.94
C GLY A 113 -3.28 -13.32 -0.14
N LYS A 114 -2.14 -13.93 -0.45
CA LYS A 114 -0.89 -13.64 0.25
C LYS A 114 -0.28 -12.33 -0.26
N TYR A 115 -0.28 -12.16 -1.58
CA TYR A 115 0.27 -10.95 -2.18
C TYR A 115 -0.58 -9.73 -1.86
N MET A 116 -1.84 -9.97 -1.51
CA MET A 116 -2.76 -8.90 -1.16
C MET A 116 -2.35 -8.22 0.15
N LEU A 117 -2.18 -9.03 1.18
CA LEU A 117 -1.79 -8.50 2.50
C LEU A 117 -0.48 -7.72 2.40
N PHE A 118 0.32 -8.03 1.38
CA PHE A 118 1.60 -7.36 1.18
C PHE A 118 1.41 -5.84 1.16
N THR A 119 0.24 -5.40 0.72
CA THR A 119 -0.06 -3.98 0.65
C THR A 119 -0.48 -3.43 2.01
N LYS A 120 -1.16 -4.26 2.80
CA LYS A 120 -1.60 -3.87 4.12
C LYS A 120 -0.44 -3.87 5.12
N GLU A 121 0.55 -4.73 4.85
CA GLU A 121 1.72 -4.83 5.71
C GLU A 121 2.77 -3.79 5.34
N PHE A 122 2.64 -3.24 4.14
CA PHE A 122 3.58 -2.23 3.66
C PHE A 122 3.37 -0.90 4.39
N VAL A 123 2.10 -0.51 4.53
CA VAL A 123 1.76 0.74 5.21
C VAL A 123 2.34 0.77 6.63
N GLU A 124 2.59 -0.41 7.19
CA GLU A 124 3.13 -0.52 8.54
C GLU A 124 4.49 0.17 8.62
N SER A 125 5.13 0.35 7.47
CA SER A 125 6.44 0.98 7.43
C SER A 125 6.35 2.47 7.77
N SER A 126 5.14 3.03 7.62
CA SER A 126 4.91 4.44 7.91
C SER A 126 4.97 4.70 9.42
N ILE A 127 4.14 3.98 10.16
CA ILE A 127 4.09 4.14 11.61
C ILE A 127 5.46 3.88 12.24
N LYS A 128 6.29 3.10 11.54
CA LYS A 128 7.63 2.79 12.02
C LYS A 128 8.58 3.96 11.79
N ILE A 129 8.37 4.67 10.68
CA ILE A 129 9.21 5.82 10.34
C ILE A 129 8.87 7.03 11.19
N THR A 130 7.59 7.42 11.18
CA THR A 130 7.13 8.56 11.96
C THR A 130 7.40 8.36 13.44
N GLU A 131 7.54 7.10 13.85
CA GLU A 131 7.79 6.77 15.25
C GLU A 131 9.10 7.42 15.73
N GLU A 132 9.94 7.80 14.77
CA GLU A 132 11.22 8.42 15.10
C GLU A 132 11.05 9.92 15.32
N VAL A 133 9.96 10.48 14.80
CA VAL A 133 9.68 11.89 14.94
C VAL A 133 8.96 12.19 16.25
N ILE A 134 8.24 11.20 16.76
CA ILE A 134 7.50 11.35 18.01
C ILE A 134 8.42 11.25 19.22
N ASN A 135 9.58 10.62 19.02
CA ASN A 135 10.56 10.47 20.10
C ASN A 135 11.42 11.72 20.23
N THR A 136 11.53 12.46 19.14
CA THR A 136 12.33 13.68 19.13
C THR A 136 11.46 14.91 19.36
N HIS A 137 10.31 14.94 18.69
CA HIS A 137 9.39 16.07 18.82
C HIS A 137 8.90 16.21 20.26
N HIS A 138 8.63 15.08 20.90
CA HIS A 138 8.17 15.08 22.28
C HIS A 138 9.22 15.66 23.21
N ARG A 139 10.47 15.26 22.99
CA ARG A 139 11.58 15.74 23.81
C ARG A 139 11.58 17.27 23.89
N SER A 140 12.00 17.91 22.80
CA SER A 140 12.05 19.37 22.76
C SER A 140 12.37 19.84 21.34
N MET A 1 13.42 3.37 23.66
CA MET A 1 12.36 3.68 22.70
C MET A 1 11.43 4.76 23.24
N ALA A 2 11.43 5.91 22.59
CA ALA A 2 10.59 7.03 23.00
C ALA A 2 9.94 7.70 21.81
N HIS A 3 8.95 8.56 22.06
CA HIS A 3 8.25 9.27 21.00
C HIS A 3 8.08 10.74 21.36
N HIS A 4 8.68 11.62 20.58
CA HIS A 4 8.59 13.05 20.81
C HIS A 4 7.64 13.71 19.81
N HIS A 5 7.51 15.03 19.90
CA HIS A 5 6.63 15.77 19.01
C HIS A 5 7.18 17.17 18.74
N HIS A 6 7.02 17.64 17.51
CA HIS A 6 7.51 18.96 17.12
C HIS A 6 7.06 19.31 15.70
N HIS A 7 7.61 20.40 15.16
CA HIS A 7 7.26 20.84 13.82
C HIS A 7 7.85 19.91 12.77
N HIS A 8 7.38 20.04 11.54
CA HIS A 8 7.86 19.21 10.44
C HIS A 8 7.36 19.73 9.10
N ALA A 9 8.27 20.00 8.19
CA ALA A 9 7.92 20.51 6.87
C ALA A 9 9.13 20.55 5.95
N MET A 10 10.24 21.09 6.45
CA MET A 10 11.47 21.18 5.68
C MET A 10 12.22 19.85 5.68
N VAL A 11 12.31 19.23 6.85
CA VAL A 11 13.00 17.95 6.98
C VAL A 11 12.04 16.78 6.78
N ILE A 12 10.74 17.06 6.90
CA ILE A 12 9.72 16.04 6.74
C ILE A 12 9.38 15.85 5.26
N ASP A 13 9.54 16.91 4.48
CA ASP A 13 9.25 16.86 3.05
C ASP A 13 10.31 16.05 2.31
N HIS A 14 11.46 15.86 2.96
CA HIS A 14 12.55 15.11 2.35
C HIS A 14 12.36 13.61 2.57
N ILE A 15 12.05 13.23 3.80
CA ILE A 15 11.83 11.83 4.13
C ILE A 15 10.76 11.21 3.25
N LEU A 16 9.87 12.05 2.73
CA LEU A 16 8.78 11.58 1.88
C LEU A 16 9.33 10.73 0.73
N LYS A 17 10.32 11.26 0.02
CA LYS A 17 10.93 10.55 -1.09
C LYS A 17 11.65 9.30 -0.61
N CYS A 18 11.96 9.26 0.69
CA CYS A 18 12.64 8.12 1.27
C CYS A 18 11.68 6.94 1.46
N VAL A 19 10.46 7.24 1.89
CA VAL A 19 9.46 6.22 2.11
C VAL A 19 8.67 5.93 0.84
N PHE A 20 8.57 6.94 -0.03
CA PHE A 20 7.84 6.80 -1.28
C PHE A 20 8.70 6.11 -2.33
N ASP A 21 10.01 6.10 -2.11
CA ASP A 21 10.95 5.47 -3.04
C ASP A 21 10.77 3.96 -3.04
N LYS A 22 10.91 3.35 -1.86
CA LYS A 22 10.77 1.91 -1.71
C LYS A 22 9.47 1.43 -2.35
N ILE A 23 8.40 2.18 -2.15
CA ILE A 23 7.09 1.84 -2.70
C ILE A 23 7.18 1.61 -4.21
N CYS A 24 8.03 2.40 -4.86
CA CYS A 24 8.20 2.28 -6.30
C CYS A 24 8.96 1.01 -6.67
N LYS A 25 9.77 0.52 -5.74
CA LYS A 25 10.55 -0.69 -5.96
C LYS A 25 9.73 -1.93 -5.64
N ILE A 26 9.04 -1.91 -4.50
CA ILE A 26 8.21 -3.04 -4.10
C ILE A 26 7.17 -3.37 -5.16
N GLY A 27 6.83 -2.38 -5.98
CA GLY A 27 5.85 -2.59 -7.02
C GLY A 27 6.34 -3.55 -8.09
N THR A 28 7.60 -3.39 -8.48
CA THR A 28 8.20 -4.24 -9.51
C THR A 28 8.02 -5.72 -9.16
N GLU A 29 7.93 -6.02 -7.87
CA GLU A 29 7.77 -7.39 -7.41
C GLU A 29 6.37 -7.91 -7.75
N SER A 30 5.37 -7.04 -7.60
CA SER A 30 3.99 -7.41 -7.89
C SER A 30 3.70 -7.32 -9.38
N VAL A 31 4.56 -6.61 -10.11
CA VAL A 31 4.39 -6.45 -11.54
C VAL A 31 4.77 -7.73 -12.29
N GLU A 32 5.54 -8.58 -11.63
CA GLU A 32 5.97 -9.84 -12.23
C GLU A 32 4.94 -10.94 -11.97
N ALA A 33 4.63 -11.16 -10.69
CA ALA A 33 3.66 -12.18 -10.31
C ALA A 33 2.34 -11.99 -11.04
N GLY A 34 2.07 -10.76 -11.45
CA GLY A 34 0.83 -10.47 -12.16
C GLY A 34 0.79 -11.11 -13.54
N ARG A 35 1.92 -11.06 -14.24
CA ARG A 35 2.01 -11.63 -15.57
C ARG A 35 2.44 -13.10 -15.51
N LEU A 36 3.07 -13.48 -14.40
CA LEU A 36 3.53 -14.85 -14.22
C LEU A 36 2.37 -15.76 -13.84
N ILE A 37 1.42 -15.22 -13.06
CA ILE A 37 0.27 -15.99 -12.62
C ILE A 37 -0.76 -16.12 -13.74
N GLU A 38 -1.13 -14.99 -14.32
CA GLU A 38 -2.12 -14.97 -15.41
C GLU A 38 -1.68 -15.90 -16.54
N LEU A 39 -0.45 -15.72 -17.00
CA LEU A 39 0.10 -16.54 -18.07
C LEU A 39 -0.11 -18.03 -17.79
N SER A 40 -0.01 -18.39 -16.52
CA SER A 40 -0.18 -19.79 -16.11
C SER A 40 -1.66 -20.13 -15.95
N GLN A 41 -2.45 -19.13 -15.59
CA GLN A 41 -3.89 -19.32 -15.41
C GLN A 41 -4.54 -19.81 -16.69
N GLU A 42 -4.74 -21.12 -16.79
CA GLU A 42 -5.35 -21.71 -17.98
C GLU A 42 -6.29 -22.85 -17.60
N GLY A 43 -6.60 -22.95 -16.30
CA GLY A 43 -7.48 -23.99 -15.82
C GLY A 43 -8.95 -23.64 -16.03
N GLY A 44 -9.24 -22.34 -16.09
CA GLY A 44 -10.62 -21.91 -16.29
C GLY A 44 -10.75 -20.88 -17.39
N GLY A 45 -10.59 -19.60 -17.01
CA GLY A 45 -10.71 -18.53 -17.99
C GLY A 45 -11.15 -17.22 -17.36
N GLY A 46 -10.58 -16.13 -17.81
CA GLY A 46 -10.94 -14.82 -17.28
C GLY A 46 -10.19 -13.69 -17.98
N GLY A 47 -10.29 -12.50 -17.41
CA GLY A 47 -9.63 -11.34 -18.00
C GLY A 47 -8.14 -11.54 -18.12
N GLY A 48 -7.43 -10.48 -18.54
CA GLY A 48 -5.99 -10.57 -18.68
C GLY A 48 -5.25 -9.98 -17.50
N PRO A 49 -3.94 -9.74 -17.69
CA PRO A 49 -3.10 -9.17 -16.63
C PRO A 49 -3.43 -7.71 -16.33
N LEU A 50 -4.27 -7.12 -17.18
CA LEU A 50 -4.67 -5.73 -17.00
C LEU A 50 -5.65 -5.59 -15.84
N TYR A 51 -6.43 -6.63 -15.59
CA TYR A 51 -7.41 -6.63 -14.52
C TYR A 51 -6.71 -6.61 -13.16
N PHE A 52 -5.58 -7.30 -13.07
CA PHE A 52 -4.82 -7.36 -11.83
C PHE A 52 -4.29 -5.99 -11.44
N VAL A 53 -3.72 -5.29 -12.41
CA VAL A 53 -3.17 -3.96 -12.17
C VAL A 53 -4.28 -2.92 -12.08
N VAL A 54 -5.38 -3.17 -12.79
CA VAL A 54 -6.51 -2.26 -12.79
C VAL A 54 -7.31 -2.37 -11.50
N ASN A 55 -7.33 -3.57 -10.93
CA ASN A 55 -8.07 -3.81 -9.69
C ASN A 55 -7.19 -3.54 -8.47
N VAL A 56 -5.88 -3.64 -8.67
CA VAL A 56 -4.93 -3.40 -7.59
C VAL A 56 -4.58 -1.91 -7.48
N ILE A 57 -4.34 -1.28 -8.62
CA ILE A 57 -4.01 0.13 -8.65
C ILE A 57 -5.24 1.00 -8.42
N GLU A 58 -6.41 0.43 -8.69
CA GLU A 58 -7.66 1.15 -8.50
C GLU A 58 -7.76 1.75 -7.10
N PRO A 59 -7.70 0.88 -6.08
CA PRO A 59 -7.77 1.29 -4.67
C PRO A 59 -6.52 2.03 -4.23
N CYS A 60 -5.40 1.76 -4.90
CA CYS A 60 -4.14 2.39 -4.57
C CYS A 60 -4.18 3.89 -4.88
N LYS A 61 -4.92 4.25 -5.92
CA LYS A 61 -5.05 5.64 -6.33
C LYS A 61 -5.55 6.50 -5.17
N LYS A 62 -6.73 6.15 -4.65
CA LYS A 62 -7.32 6.89 -3.54
C LYS A 62 -6.35 6.95 -2.36
N PHE A 63 -5.46 5.97 -2.28
CA PHE A 63 -4.48 5.91 -1.19
C PHE A 63 -3.26 6.79 -1.51
N SER A 64 -3.03 7.01 -2.80
CA SER A 64 -1.90 7.81 -3.24
C SER A 64 -1.93 9.18 -2.58
N GLU A 65 -3.12 9.76 -2.48
CA GLU A 65 -3.29 11.07 -1.86
C GLU A 65 -3.01 11.02 -0.37
N LEU A 66 -3.20 9.85 0.22
CA LEU A 66 -2.98 9.67 1.65
C LEU A 66 -1.49 9.73 1.98
N THR A 67 -0.67 9.15 1.10
CA THR A 67 0.78 9.14 1.30
C THR A 67 1.34 10.55 1.29
N GLY A 68 0.56 11.49 0.77
CA GLY A 68 1.00 12.88 0.71
C GLY A 68 0.42 13.72 1.84
N LEU A 69 -0.58 13.17 2.52
CA LEU A 69 -1.22 13.87 3.63
C LEU A 69 -0.54 13.54 4.95
N VAL A 70 0.36 12.55 4.93
CA VAL A 70 1.07 12.15 6.13
C VAL A 70 2.43 12.85 6.22
N PHE A 71 3.02 13.13 5.06
CA PHE A 71 4.32 13.79 5.01
C PHE A 71 4.15 15.29 4.78
N TYR A 72 2.90 15.73 4.67
CA TYR A 72 2.61 17.15 4.44
C TYR A 72 1.72 17.70 5.55
N LEU A 73 0.54 17.10 5.71
CA LEU A 73 -0.41 17.53 6.72
C LEU A 73 -0.59 16.46 7.80
N PRO A 74 0.43 16.31 8.65
CA PRO A 74 0.40 15.33 9.74
C PRO A 74 -0.59 15.69 10.83
N THR A 75 -1.45 14.74 11.19
CA THR A 75 -2.46 14.96 12.22
C THR A 75 -2.02 14.35 13.55
N ASP A 76 -1.04 13.45 13.49
CA ASP A 76 -0.53 12.80 14.70
C ASP A 76 0.62 11.87 14.36
N SER A 77 1.03 11.08 15.34
CA SER A 77 2.13 10.13 15.15
C SER A 77 1.77 9.08 14.10
N GLY A 78 0.48 8.98 13.81
CA GLY A 78 0.02 8.00 12.81
C GLY A 78 -1.47 8.07 12.61
N GLU A 79 -2.03 9.27 12.60
CA GLU A 79 -3.46 9.46 12.42
C GLU A 79 -3.86 9.12 10.98
N LYS A 80 -3.45 9.97 10.04
CA LYS A 80 -3.76 9.77 8.63
C LYS A 80 -3.32 8.38 8.17
N MET A 81 -2.31 7.83 8.84
CA MET A 81 -1.80 6.51 8.49
C MET A 81 -2.71 5.41 9.05
N THR A 82 -2.85 5.39 10.36
CA THR A 82 -3.68 4.39 11.02
C THR A 82 -5.13 4.47 10.52
N GLU A 83 -5.52 5.65 10.05
CA GLU A 83 -6.87 5.85 9.55
C GLU A 83 -7.03 5.28 8.15
N SER A 84 -5.93 5.30 7.39
CA SER A 84 -5.94 4.78 6.03
C SER A 84 -5.70 3.27 6.02
N LYS A 85 -5.03 2.77 7.05
CA LYS A 85 -4.74 1.35 7.16
C LYS A 85 -6.03 0.54 7.32
N SER A 86 -7.04 1.17 7.91
CA SER A 86 -8.32 0.51 8.12
C SER A 86 -9.08 0.32 6.80
N VAL A 87 -8.66 1.08 5.79
CA VAL A 87 -9.29 0.99 4.48
C VAL A 87 -8.77 -0.21 3.70
N LEU A 88 -7.58 -0.68 4.06
CA LEU A 88 -6.97 -1.82 3.39
C LEU A 88 -7.74 -3.11 3.70
N LYS A 89 -8.24 -3.20 4.92
CA LYS A 89 -9.01 -4.37 5.34
C LYS A 89 -10.44 -4.31 4.82
N SER A 90 -10.98 -3.10 4.75
CA SER A 90 -12.35 -2.90 4.28
C SER A 90 -12.39 -2.90 2.76
N LEU A 91 -11.25 -2.67 2.13
CA LEU A 91 -11.15 -2.64 0.67
C LEU A 91 -11.31 -4.04 0.09
N THR A 92 -10.60 -5.00 0.68
CA THR A 92 -10.66 -6.39 0.23
C THR A 92 -12.10 -6.88 0.18
N GLU A 93 -12.96 -6.30 1.00
CA GLU A 93 -14.36 -6.70 1.05
C GLU A 93 -14.97 -6.65 -0.35
N LYS A 94 -14.61 -5.65 -1.13
CA LYS A 94 -15.12 -5.49 -2.49
C LYS A 94 -14.31 -6.34 -3.46
N LEU A 95 -13.09 -6.67 -3.09
CA LEU A 95 -12.22 -7.48 -3.94
C LEU A 95 -12.67 -8.94 -3.93
N LYS A 96 -13.04 -9.44 -2.76
CA LYS A 96 -13.49 -10.82 -2.61
C LYS A 96 -14.77 -11.06 -3.40
N LYS A 97 -15.57 -10.01 -3.54
CA LYS A 97 -16.83 -10.09 -4.26
C LYS A 97 -16.59 -10.24 -5.77
N ILE A 98 -15.35 -10.02 -6.18
CA ILE A 98 -14.99 -10.14 -7.58
C ILE A 98 -15.43 -11.48 -8.16
N VAL A 99 -15.58 -12.47 -7.28
CA VAL A 99 -15.99 -13.80 -7.70
C VAL A 99 -17.35 -13.77 -8.40
N GLU A 100 -18.09 -12.69 -8.18
CA GLU A 100 -19.41 -12.52 -8.80
C GLU A 100 -19.28 -11.86 -10.17
N LEU A 101 -18.12 -11.27 -10.43
CA LEU A 101 -17.88 -10.60 -11.71
C LEU A 101 -17.30 -11.58 -12.73
N ILE A 102 -16.08 -12.05 -12.47
CA ILE A 102 -15.43 -12.99 -13.37
C ILE A 102 -14.62 -14.02 -12.58
N PRO A 103 -15.32 -14.97 -11.95
CA PRO A 103 -14.69 -16.03 -11.16
C PRO A 103 -13.94 -17.03 -12.03
N SER A 104 -12.74 -16.65 -12.46
CA SER A 104 -11.92 -17.52 -13.30
C SER A 104 -11.77 -18.90 -12.68
N THR A 105 -10.96 -19.00 -11.63
CA THR A 105 -10.73 -20.26 -10.94
C THR A 105 -10.29 -20.04 -9.51
N SER A 106 -10.11 -21.13 -8.77
CA SER A 106 -9.70 -21.05 -7.37
C SER A 106 -8.17 -21.03 -7.26
N SER A 107 -7.51 -20.93 -8.41
CA SER A 107 -6.05 -20.91 -8.44
C SER A 107 -5.52 -19.51 -8.18
N ALA A 108 -6.12 -18.52 -8.84
CA ALA A 108 -5.71 -17.13 -8.68
C ALA A 108 -6.31 -16.53 -7.42
N VAL A 109 -7.34 -17.18 -6.88
CA VAL A 109 -8.00 -16.72 -5.67
C VAL A 109 -7.00 -16.49 -4.54
N PRO A 110 -6.25 -17.55 -4.20
CA PRO A 110 -5.24 -17.49 -3.13
C PRO A 110 -4.03 -16.65 -3.53
N LEU A 111 -3.69 -16.68 -4.81
CA LEU A 111 -2.56 -15.91 -5.32
C LEU A 111 -2.65 -14.45 -4.90
N ILE A 112 -3.73 -13.79 -5.30
CA ILE A 112 -3.94 -12.39 -4.96
C ILE A 112 -3.89 -12.18 -3.45
N GLY A 113 -4.20 -13.23 -2.71
CA GLY A 113 -4.20 -13.14 -1.26
C GLY A 113 -2.81 -12.95 -0.69
N LYS A 114 -1.82 -13.53 -1.36
CA LYS A 114 -0.43 -13.43 -0.92
C LYS A 114 0.11 -12.01 -1.16
N TYR A 115 -0.14 -11.48 -2.35
CA TYR A 115 0.32 -10.14 -2.70
C TYR A 115 -0.58 -9.08 -2.07
N MET A 116 -1.78 -9.49 -1.68
CA MET A 116 -2.73 -8.57 -1.06
C MET A 116 -2.15 -7.95 0.20
N LEU A 117 -1.91 -8.79 1.21
CA LEU A 117 -1.35 -8.32 2.48
C LEU A 117 0.02 -7.69 2.26
N PHE A 118 0.70 -8.09 1.20
CA PHE A 118 2.02 -7.56 0.88
C PHE A 118 2.00 -6.03 0.88
N THR A 119 0.86 -5.46 0.52
CA THR A 119 0.72 -4.01 0.48
C THR A 119 0.30 -3.45 1.84
N LYS A 120 -0.38 -4.28 2.63
CA LYS A 120 -0.83 -3.86 3.96
C LYS A 120 0.36 -3.75 4.92
N GLU A 121 1.25 -4.73 4.88
CA GLU A 121 2.42 -4.74 5.74
C GLU A 121 3.36 -3.58 5.40
N PHE A 122 3.39 -3.21 4.12
CA PHE A 122 4.23 -2.13 3.66
C PHE A 122 3.82 -0.80 4.29
N VAL A 123 2.55 -0.71 4.67
CA VAL A 123 2.02 0.50 5.28
C VAL A 123 2.62 0.71 6.67
N GLU A 124 3.09 -0.37 7.28
CA GLU A 124 3.69 -0.30 8.61
C GLU A 124 4.95 0.56 8.59
N SER A 125 5.53 0.74 7.40
CA SER A 125 6.74 1.52 7.25
C SER A 125 6.44 3.01 7.36
N SER A 126 5.18 3.37 7.15
CA SER A 126 4.75 4.77 7.22
C SER A 126 4.95 5.32 8.62
N ILE A 127 4.65 4.51 9.63
CA ILE A 127 4.79 4.93 11.02
C ILE A 127 6.22 4.72 11.51
N LYS A 128 6.93 3.79 10.87
CA LYS A 128 8.31 3.49 11.23
C LYS A 128 9.24 4.59 10.74
N ILE A 129 9.08 4.97 9.48
CA ILE A 129 9.91 6.02 8.88
C ILE A 129 9.83 7.32 9.69
N THR A 130 8.70 7.52 10.35
CA THR A 130 8.49 8.72 11.16
C THR A 130 9.25 8.63 12.47
N GLU A 131 9.56 7.42 12.89
CA GLU A 131 10.28 7.20 14.14
C GLU A 131 11.65 7.88 14.10
N GLU A 132 12.11 8.19 12.89
CA GLU A 132 13.40 8.85 12.72
C GLU A 132 13.28 10.36 12.89
N VAL A 133 12.11 10.90 12.52
CA VAL A 133 11.87 12.33 12.63
C VAL A 133 11.97 12.79 14.08
N ILE A 134 11.85 11.85 15.01
CA ILE A 134 11.93 12.15 16.43
C ILE A 134 13.30 12.75 16.79
N ASN A 135 14.30 12.46 15.96
CA ASN A 135 15.64 12.95 16.19
C ASN A 135 15.65 14.48 16.27
N THR A 136 14.77 15.11 15.50
CA THR A 136 14.67 16.56 15.48
C THR A 136 13.72 17.07 16.55
N HIS A 137 12.70 16.26 16.85
CA HIS A 137 11.71 16.63 17.86
C HIS A 137 12.35 16.67 19.25
N HIS A 138 13.33 15.81 19.48
CA HIS A 138 14.02 15.75 20.76
C HIS A 138 15.02 16.90 20.89
N ARG A 139 15.87 17.05 19.88
CA ARG A 139 16.87 18.11 19.89
C ARG A 139 16.23 19.47 20.13
N SER A 140 15.47 19.95 19.14
CA SER A 140 14.79 21.23 19.24
C SER A 140 13.30 21.05 19.50
N MET A 1 16.59 5.39 7.61
CA MET A 1 17.35 6.03 8.67
C MET A 1 16.48 7.01 9.46
N ALA A 2 15.79 7.89 8.75
CA ALA A 2 14.92 8.88 9.37
C ALA A 2 15.67 9.65 10.45
N HIS A 3 16.49 10.60 10.03
CA HIS A 3 17.27 11.42 10.96
C HIS A 3 16.34 12.14 11.94
N HIS A 4 16.94 12.89 12.86
CA HIS A 4 16.17 13.63 13.86
C HIS A 4 16.44 15.13 13.74
N HIS A 5 15.42 15.93 14.03
CA HIS A 5 15.55 17.38 13.97
C HIS A 5 14.28 18.07 14.44
N HIS A 6 14.31 19.39 14.54
CA HIS A 6 13.16 20.16 14.98
C HIS A 6 12.37 20.69 13.78
N HIS A 7 11.10 21.01 14.01
CA HIS A 7 10.24 21.53 12.95
C HIS A 7 10.17 20.56 11.78
N HIS A 8 9.48 19.44 11.98
CA HIS A 8 9.34 18.43 10.95
C HIS A 8 8.80 19.04 9.66
N ALA A 9 9.68 19.18 8.67
CA ALA A 9 9.30 19.75 7.39
C ALA A 9 10.41 19.61 6.36
N MET A 10 11.63 19.97 6.77
CA MET A 10 12.79 19.88 5.89
C MET A 10 13.31 18.45 5.83
N VAL A 11 13.41 17.79 6.98
CA VAL A 11 13.90 16.42 7.05
C VAL A 11 12.74 15.43 6.93
N ILE A 12 11.53 15.90 7.17
CA ILE A 12 10.34 15.05 7.08
C ILE A 12 9.85 14.95 5.64
N ASP A 13 10.11 15.98 4.85
CA ASP A 13 9.69 16.00 3.45
C ASP A 13 10.57 15.09 2.62
N HIS A 14 11.77 14.78 3.13
CA HIS A 14 12.70 13.91 2.43
C HIS A 14 12.36 12.44 2.67
N ILE A 15 12.12 12.09 3.92
CA ILE A 15 11.79 10.72 4.29
C ILE A 15 10.57 10.22 3.51
N LEU A 16 9.73 11.16 3.07
CA LEU A 16 8.55 10.80 2.31
C LEU A 16 8.89 9.90 1.13
N LYS A 17 9.84 10.35 0.30
CA LYS A 17 10.26 9.58 -0.86
C LYS A 17 10.86 8.24 -0.44
N CYS A 18 11.26 8.15 0.83
CA CYS A 18 11.85 6.93 1.36
C CYS A 18 10.77 5.89 1.65
N VAL A 19 9.63 6.35 2.15
CA VAL A 19 8.52 5.45 2.47
C VAL A 19 7.62 5.25 1.26
N PHE A 20 7.57 6.24 0.38
CA PHE A 20 6.74 6.17 -0.82
C PHE A 20 7.44 5.37 -1.91
N ASP A 21 8.75 5.22 -1.78
CA ASP A 21 9.54 4.47 -2.75
C ASP A 21 9.25 2.98 -2.65
N LYS A 22 9.48 2.42 -1.47
CA LYS A 22 9.25 1.00 -1.24
C LYS A 22 7.85 0.59 -1.68
N ILE A 23 6.87 1.44 -1.39
CA ILE A 23 5.49 1.18 -1.76
C ILE A 23 5.36 0.91 -3.26
N CYS A 24 6.18 1.58 -4.05
CA CYS A 24 6.16 1.41 -5.50
C CYS A 24 6.96 0.17 -5.91
N LYS A 25 7.84 -0.27 -5.02
CA LYS A 25 8.67 -1.44 -5.30
C LYS A 25 7.93 -2.73 -4.93
N ILE A 26 7.53 -2.84 -3.66
CA ILE A 26 6.80 -4.01 -3.20
C ILE A 26 5.38 -4.03 -3.73
N GLY A 27 4.90 -2.86 -4.16
CA GLY A 27 3.55 -2.77 -4.69
C GLY A 27 3.46 -3.26 -6.13
N THR A 28 4.54 -3.09 -6.87
CA THR A 28 4.58 -3.53 -8.27
C THR A 28 5.12 -4.94 -8.39
N GLU A 29 5.84 -5.39 -7.38
CA GLU A 29 6.41 -6.73 -7.37
C GLU A 29 5.31 -7.79 -7.26
N SER A 30 4.24 -7.45 -6.54
CA SER A 30 3.13 -8.37 -6.36
C SER A 30 2.19 -8.34 -7.56
N VAL A 31 2.19 -7.22 -8.28
CA VAL A 31 1.35 -7.06 -9.45
C VAL A 31 1.83 -7.93 -10.61
N GLU A 32 3.10 -8.32 -10.54
CA GLU A 32 3.69 -9.16 -11.58
C GLU A 32 3.46 -10.63 -11.30
N ALA A 33 3.88 -11.08 -10.11
CA ALA A 33 3.71 -12.47 -9.72
C ALA A 33 2.26 -12.91 -9.86
N GLY A 34 1.34 -11.95 -9.78
CA GLY A 34 -0.07 -12.26 -9.89
C GLY A 34 -0.45 -12.72 -11.29
N ARG A 35 0.13 -12.08 -12.30
CA ARG A 35 -0.14 -12.43 -13.68
C ARG A 35 0.81 -13.52 -14.17
N LEU A 36 1.96 -13.63 -13.53
CA LEU A 36 2.96 -14.64 -13.89
C LEU A 36 2.56 -16.02 -13.36
N ILE A 37 1.95 -16.03 -12.18
CA ILE A 37 1.52 -17.29 -11.57
C ILE A 37 0.25 -17.82 -12.25
N GLU A 38 -0.75 -16.96 -12.38
CA GLU A 38 -2.00 -17.35 -13.01
C GLU A 38 -1.77 -17.91 -14.41
N LEU A 39 -1.13 -17.10 -15.26
CA LEU A 39 -0.84 -17.51 -16.62
C LEU A 39 -0.14 -18.87 -16.65
N SER A 40 0.72 -19.10 -15.67
CA SER A 40 1.46 -20.37 -15.58
C SER A 40 0.49 -21.55 -15.55
N GLN A 41 -0.62 -21.38 -14.85
CA GLN A 41 -1.62 -22.44 -14.74
C GLN A 41 -2.58 -22.41 -15.93
N GLU A 42 -2.96 -21.21 -16.36
CA GLU A 42 -3.87 -21.04 -17.48
C GLU A 42 -4.12 -19.57 -17.76
N GLY A 43 -4.15 -18.76 -16.71
CA GLY A 43 -4.39 -17.34 -16.87
C GLY A 43 -5.85 -16.99 -16.73
N GLY A 44 -6.73 -17.93 -17.02
CA GLY A 44 -8.16 -17.69 -16.92
C GLY A 44 -8.69 -16.87 -18.08
N GLY A 45 -9.80 -16.18 -17.85
CA GLY A 45 -10.39 -15.36 -18.90
C GLY A 45 -11.24 -14.22 -18.34
N GLY A 46 -11.42 -13.18 -19.14
CA GLY A 46 -12.21 -12.05 -18.71
C GLY A 46 -11.37 -10.98 -18.03
N GLY A 47 -11.14 -9.87 -18.73
CA GLY A 47 -10.34 -8.79 -18.16
C GLY A 47 -8.89 -9.19 -17.99
N GLY A 48 -7.98 -8.26 -18.33
CA GLY A 48 -6.57 -8.53 -18.19
C GLY A 48 -5.96 -7.87 -16.97
N PRO A 49 -4.62 -7.81 -16.93
CA PRO A 49 -3.90 -7.20 -15.81
C PRO A 49 -4.07 -5.69 -15.75
N LEU A 50 -4.67 -5.13 -16.81
CA LEU A 50 -4.88 -3.69 -16.88
C LEU A 50 -6.05 -3.27 -15.98
N TYR A 51 -7.10 -4.08 -15.97
CA TYR A 51 -8.28 -3.80 -15.15
C TYR A 51 -7.94 -3.92 -13.67
N PHE A 52 -7.08 -4.87 -13.33
CA PHE A 52 -6.68 -5.08 -11.95
C PHE A 52 -5.93 -3.87 -11.40
N VAL A 53 -5.02 -3.34 -12.21
CA VAL A 53 -4.23 -2.18 -11.82
C VAL A 53 -5.04 -0.89 -11.95
N VAL A 54 -5.97 -0.89 -12.89
CA VAL A 54 -6.81 0.28 -13.13
C VAL A 54 -7.89 0.40 -12.06
N ASN A 55 -8.33 -0.74 -11.54
CA ASN A 55 -9.37 -0.76 -10.51
C ASN A 55 -8.76 -0.67 -9.12
N VAL A 56 -7.50 -1.09 -9.01
CA VAL A 56 -6.79 -1.05 -7.74
C VAL A 56 -6.13 0.30 -7.51
N ILE A 57 -5.49 0.82 -8.54
CA ILE A 57 -4.81 2.11 -8.47
C ILE A 57 -5.81 3.26 -8.49
N GLU A 58 -7.00 3.00 -9.04
CA GLU A 58 -8.05 4.01 -9.12
C GLU A 58 -8.30 4.63 -7.77
N PRO A 59 -8.71 3.80 -6.79
CA PRO A 59 -9.00 4.26 -5.42
C PRO A 59 -7.74 4.67 -4.67
N CYS A 60 -6.59 4.14 -5.10
CA CYS A 60 -5.32 4.46 -4.47
C CYS A 60 -4.95 5.92 -4.71
N LYS A 61 -5.31 6.44 -5.87
CA LYS A 61 -5.02 7.81 -6.21
C LYS A 61 -5.49 8.77 -5.12
N LYS A 62 -6.79 8.72 -4.81
CA LYS A 62 -7.36 9.57 -3.79
C LYS A 62 -6.63 9.39 -2.46
N PHE A 63 -6.03 8.22 -2.28
CA PHE A 63 -5.30 7.92 -1.04
C PHE A 63 -3.87 8.47 -1.11
N SER A 64 -3.37 8.63 -2.33
CA SER A 64 -2.01 9.14 -2.53
C SER A 64 -1.83 10.48 -1.82
N GLU A 65 -2.85 11.32 -1.86
CA GLU A 65 -2.80 12.62 -1.21
C GLU A 65 -2.70 12.47 0.31
N LEU A 66 -3.20 11.36 0.81
CA LEU A 66 -3.16 11.09 2.25
C LEU A 66 -1.73 10.89 2.73
N THR A 67 -0.91 10.28 1.88
CA THR A 67 0.49 10.02 2.22
C THR A 67 1.24 11.32 2.45
N GLY A 68 0.70 12.42 1.94
CA GLY A 68 1.34 13.71 2.11
C GLY A 68 0.73 14.52 3.24
N LEU A 69 -0.43 14.09 3.71
CA LEU A 69 -1.12 14.78 4.80
C LEU A 69 -0.71 14.22 6.15
N VAL A 70 0.02 13.11 6.13
CA VAL A 70 0.48 12.46 7.35
C VAL A 70 1.89 12.91 7.70
N PHE A 71 2.69 13.20 6.68
CA PHE A 71 4.06 13.63 6.89
C PHE A 71 4.18 15.16 6.81
N TYR A 72 3.04 15.81 6.60
CA TYR A 72 2.99 17.26 6.50
C TYR A 72 2.04 17.86 7.54
N LEU A 73 0.78 17.45 7.46
CA LEU A 73 -0.23 17.94 8.39
C LEU A 73 -0.74 16.82 9.28
N PRO A 74 0.10 16.40 10.25
CA PRO A 74 -0.23 15.34 11.20
C PRO A 74 -1.32 15.76 12.18
N THR A 75 -2.36 14.94 12.31
CA THR A 75 -3.46 15.21 13.22
C THR A 75 -3.36 14.37 14.48
N ASP A 76 -2.55 13.32 14.43
CA ASP A 76 -2.37 12.44 15.57
C ASP A 76 -1.34 11.36 15.27
N SER A 77 -1.22 10.38 16.16
CA SER A 77 -0.28 9.29 15.98
C SER A 77 -0.62 8.47 14.74
N GLY A 78 -1.83 8.64 14.24
CA GLY A 78 -2.27 7.91 13.06
C GLY A 78 -3.68 8.26 12.65
N GLU A 79 -4.04 9.53 12.77
CA GLU A 79 -5.37 9.99 12.41
C GLU A 79 -5.59 9.88 10.90
N LYS A 80 -4.70 10.50 10.14
CA LYS A 80 -4.79 10.46 8.67
C LYS A 80 -4.33 9.12 8.13
N MET A 81 -3.55 8.40 8.93
CA MET A 81 -3.04 7.09 8.53
C MET A 81 -4.10 6.01 8.71
N THR A 82 -4.69 5.95 9.89
CA THR A 82 -5.72 4.96 10.18
C THR A 82 -6.87 5.07 9.19
N GLU A 83 -7.08 6.25 8.64
CA GLU A 83 -8.14 6.48 7.68
C GLU A 83 -7.69 6.11 6.27
N SER A 84 -6.38 6.06 6.06
CA SER A 84 -5.82 5.72 4.76
C SER A 84 -5.77 4.21 4.57
N LYS A 85 -5.69 3.48 5.67
CA LYS A 85 -5.64 2.02 5.62
C LYS A 85 -7.04 1.44 5.39
N SER A 86 -8.04 2.05 6.01
CA SER A 86 -9.42 1.60 5.87
C SER A 86 -9.88 1.68 4.42
N VAL A 87 -9.16 2.46 3.62
CA VAL A 87 -9.50 2.64 2.22
C VAL A 87 -9.08 1.42 1.40
N LEU A 88 -7.96 0.81 1.79
CA LEU A 88 -7.44 -0.36 1.09
C LEU A 88 -8.08 -1.64 1.63
N LYS A 89 -8.37 -1.63 2.93
CA LYS A 89 -8.99 -2.79 3.57
C LYS A 89 -10.46 -2.91 3.18
N SER A 90 -11.13 -1.77 3.07
CA SER A 90 -12.54 -1.76 2.71
C SER A 90 -12.72 -1.89 1.20
N LEU A 91 -11.66 -1.60 0.45
CA LEU A 91 -11.70 -1.69 -1.00
C LEU A 91 -11.58 -3.14 -1.46
N THR A 92 -10.60 -3.86 -0.91
CA THR A 92 -10.38 -5.25 -1.25
C THR A 92 -11.66 -6.08 -1.07
N GLU A 93 -12.52 -5.63 -0.16
CA GLU A 93 -13.78 -6.31 0.11
C GLU A 93 -14.55 -6.56 -1.18
N LYS A 94 -14.51 -5.58 -2.08
CA LYS A 94 -15.21 -5.69 -3.35
C LYS A 94 -14.38 -6.45 -4.37
N LEU A 95 -13.06 -6.47 -4.16
CA LEU A 95 -12.15 -7.18 -5.06
C LEU A 95 -12.17 -8.68 -4.79
N LYS A 96 -12.59 -9.05 -3.58
CA LYS A 96 -12.66 -10.46 -3.21
C LYS A 96 -13.72 -11.18 -4.02
N LYS A 97 -14.78 -10.46 -4.38
CA LYS A 97 -15.87 -11.03 -5.16
C LYS A 97 -15.41 -11.37 -6.57
N ILE A 98 -14.23 -10.88 -6.95
CA ILE A 98 -13.68 -11.13 -8.27
C ILE A 98 -13.66 -12.62 -8.58
N VAL A 99 -13.64 -13.44 -7.53
CA VAL A 99 -13.63 -14.89 -7.70
C VAL A 99 -14.84 -15.37 -8.49
N GLU A 100 -15.88 -14.53 -8.53
CA GLU A 100 -17.10 -14.86 -9.25
C GLU A 100 -17.01 -14.44 -10.71
N LEU A 101 -16.02 -13.60 -11.01
CA LEU A 101 -15.83 -13.11 -12.38
C LEU A 101 -14.55 -13.69 -12.98
N ILE A 102 -13.40 -13.25 -12.47
CA ILE A 102 -12.12 -13.73 -12.95
C ILE A 102 -11.30 -14.37 -11.83
N PRO A 103 -11.73 -15.56 -11.40
CA PRO A 103 -11.06 -16.31 -10.33
C PRO A 103 -9.70 -16.84 -10.77
N SER A 104 -9.11 -17.68 -9.93
CA SER A 104 -7.79 -18.26 -10.22
C SER A 104 -7.84 -19.78 -10.08
N THR A 105 -6.66 -20.39 -10.13
CA THR A 105 -6.55 -21.84 -10.00
C THR A 105 -6.49 -22.27 -8.54
N SER A 106 -6.35 -23.57 -8.31
CA SER A 106 -6.28 -24.10 -6.95
C SER A 106 -4.86 -23.98 -6.40
N SER A 107 -3.93 -23.57 -7.26
CA SER A 107 -2.54 -23.40 -6.86
C SER A 107 -2.17 -21.93 -6.74
N ALA A 108 -2.80 -21.11 -7.57
CA ALA A 108 -2.54 -19.67 -7.56
C ALA A 108 -3.31 -18.98 -6.44
N VAL A 109 -4.31 -19.67 -5.91
CA VAL A 109 -5.13 -19.13 -4.83
C VAL A 109 -4.27 -18.73 -3.63
N PRO A 110 -3.51 -19.71 -3.10
CA PRO A 110 -2.63 -19.48 -1.95
C PRO A 110 -1.43 -18.61 -2.30
N LEU A 111 -1.08 -18.59 -3.58
CA LEU A 111 0.06 -17.80 -4.06
C LEU A 111 -0.28 -16.31 -4.04
N ILE A 112 -1.30 -15.94 -4.80
CA ILE A 112 -1.72 -14.54 -4.87
C ILE A 112 -2.29 -14.07 -3.54
N GLY A 113 -2.80 -15.01 -2.74
CA GLY A 113 -3.35 -14.66 -1.45
C GLY A 113 -2.31 -14.10 -0.50
N LYS A 114 -1.05 -14.47 -0.71
CA LYS A 114 0.04 -14.00 0.12
C LYS A 114 0.54 -12.64 -0.35
N TYR A 115 0.74 -12.50 -1.66
CA TYR A 115 1.22 -11.26 -2.23
C TYR A 115 0.28 -10.09 -1.87
N MET A 116 -1.02 -10.35 -1.95
CA MET A 116 -2.01 -9.33 -1.63
C MET A 116 -1.75 -8.72 -0.26
N LEU A 117 -1.83 -9.54 0.77
CA LEU A 117 -1.59 -9.08 2.15
C LEU A 117 -0.17 -8.56 2.30
N PHE A 118 0.74 -9.07 1.48
CA PHE A 118 2.14 -8.66 1.52
C PHE A 118 2.25 -7.14 1.46
N THR A 119 1.78 -6.56 0.37
CA THR A 119 1.83 -5.12 0.18
C THR A 119 1.09 -4.38 1.31
N LYS A 120 -0.10 -4.87 1.64
CA LYS A 120 -0.90 -4.27 2.69
C LYS A 120 -0.13 -4.24 4.00
N GLU A 121 0.72 -5.23 4.22
CA GLU A 121 1.52 -5.31 5.43
C GLU A 121 2.67 -4.31 5.40
N PHE A 122 3.08 -3.92 4.19
CA PHE A 122 4.17 -2.97 4.01
C PHE A 122 3.68 -1.54 4.22
N VAL A 123 2.38 -1.32 4.01
CA VAL A 123 1.79 0.00 4.16
C VAL A 123 2.01 0.53 5.58
N GLU A 124 2.22 -0.38 6.52
CA GLU A 124 2.43 0.00 7.91
C GLU A 124 3.78 0.70 8.08
N SER A 125 4.69 0.45 7.16
CA SER A 125 6.02 1.05 7.21
C SER A 125 5.91 2.58 7.29
N SER A 126 4.83 3.12 6.73
CA SER A 126 4.61 4.56 6.74
C SER A 126 4.58 5.10 8.17
N ILE A 127 3.95 4.37 9.06
CA ILE A 127 3.84 4.76 10.46
C ILE A 127 5.09 4.35 11.24
N LYS A 128 5.60 3.17 10.94
CA LYS A 128 6.80 2.66 11.60
C LYS A 128 7.93 3.67 11.53
N ILE A 129 8.21 4.16 10.34
CA ILE A 129 9.27 5.14 10.14
C ILE A 129 9.01 6.41 10.94
N THR A 130 7.84 7.01 10.72
CA THR A 130 7.46 8.23 11.42
C THR A 130 7.48 8.02 12.93
N GLU A 131 7.35 6.76 13.36
CA GLU A 131 7.36 6.44 14.77
C GLU A 131 8.66 6.88 15.43
N GLU A 132 9.68 7.10 14.62
CA GLU A 132 10.98 7.51 15.14
C GLU A 132 11.02 9.02 15.33
N VAL A 133 10.23 9.75 14.55
CA VAL A 133 10.18 11.20 14.65
C VAL A 133 9.64 11.64 16.02
N ILE A 134 8.95 10.73 16.69
CA ILE A 134 8.39 11.02 18.00
C ILE A 134 9.49 11.34 19.02
N ASN A 135 10.70 10.86 18.74
CA ASN A 135 11.83 11.10 19.62
C ASN A 135 11.98 12.58 19.94
N THR A 136 11.62 13.42 18.96
CA THR A 136 11.71 14.87 19.13
C THR A 136 10.38 15.45 19.62
N HIS A 137 9.28 14.89 19.13
CA HIS A 137 7.95 15.36 19.52
C HIS A 137 7.69 15.10 20.99
N HIS A 138 8.45 14.17 21.57
CA HIS A 138 8.30 13.82 22.98
C HIS A 138 9.15 14.74 23.86
N ARG A 139 10.40 14.94 23.46
CA ARG A 139 11.32 15.80 24.21
C ARG A 139 10.71 17.18 24.41
N SER A 140 10.68 17.98 23.35
CA SER A 140 10.14 19.33 23.42
C SER A 140 8.85 19.43 22.61
N MET A 1 25.63 17.79 8.40
CA MET A 1 25.41 16.35 8.54
C MET A 1 24.34 16.07 9.59
N ALA A 2 24.44 16.73 10.73
CA ALA A 2 23.47 16.56 11.81
C ALA A 2 22.42 17.65 11.78
N HIS A 3 21.19 17.30 12.15
CA HIS A 3 20.08 18.25 12.16
C HIS A 3 19.10 17.92 13.27
N HIS A 4 18.99 18.82 14.26
CA HIS A 4 18.08 18.63 15.38
C HIS A 4 17.35 19.91 15.70
N HIS A 5 16.54 20.39 14.76
CA HIS A 5 15.77 21.62 14.94
C HIS A 5 14.49 21.34 15.71
N HIS A 6 13.70 22.38 15.93
CA HIS A 6 12.44 22.25 16.66
C HIS A 6 11.25 22.42 15.72
N HIS A 7 11.29 21.71 14.60
CA HIS A 7 10.21 21.78 13.61
C HIS A 7 10.31 20.63 12.61
N HIS A 8 9.22 20.36 11.92
CA HIS A 8 9.18 19.28 10.93
C HIS A 8 8.58 19.78 9.61
N ALA A 9 9.42 19.90 8.60
CA ALA A 9 8.98 20.37 7.29
C ALA A 9 10.08 20.16 6.25
N MET A 10 11.29 20.58 6.57
CA MET A 10 12.42 20.45 5.66
C MET A 10 12.98 19.03 5.69
N VAL A 11 13.13 18.48 6.89
CA VAL A 11 13.66 17.13 7.05
C VAL A 11 12.54 16.10 7.06
N ILE A 12 11.31 16.56 7.30
CA ILE A 12 10.15 15.69 7.33
C ILE A 12 9.61 15.44 5.92
N ASP A 13 9.81 16.42 5.04
CA ASP A 13 9.35 16.32 3.67
C ASP A 13 10.22 15.35 2.87
N HIS A 14 11.42 15.08 3.39
CA HIS A 14 12.36 14.18 2.73
C HIS A 14 12.01 12.73 3.04
N ILE A 15 11.73 12.44 4.30
CA ILE A 15 11.38 11.09 4.72
C ILE A 15 10.24 10.53 3.87
N LEU A 16 9.39 11.40 3.37
CA LEU A 16 8.26 10.99 2.55
C LEU A 16 8.74 10.18 1.35
N LYS A 17 9.83 10.61 0.73
CA LYS A 17 10.40 9.92 -0.42
C LYS A 17 10.92 8.54 -0.02
N CYS A 18 11.16 8.35 1.27
CA CYS A 18 11.66 7.09 1.77
C CYS A 18 10.56 6.04 1.83
N VAL A 19 9.37 6.46 2.25
CA VAL A 19 8.23 5.56 2.35
C VAL A 19 7.46 5.50 1.03
N PHE A 20 7.52 6.58 0.27
CA PHE A 20 6.83 6.67 -1.02
C PHE A 20 7.64 5.95 -2.11
N ASP A 21 8.93 5.75 -1.85
CA ASP A 21 9.80 5.09 -2.81
C ASP A 21 9.41 3.62 -2.98
N LYS A 22 9.23 2.93 -1.86
CA LYS A 22 8.86 1.53 -1.87
C LYS A 22 7.56 1.32 -2.64
N ILE A 23 6.62 2.23 -2.47
CA ILE A 23 5.34 2.15 -3.15
C ILE A 23 5.52 2.01 -4.66
N CYS A 24 6.56 2.66 -5.19
CA CYS A 24 6.85 2.58 -6.61
C CYS A 24 7.59 1.30 -6.97
N LYS A 25 8.69 1.06 -6.26
CA LYS A 25 9.49 -0.14 -6.50
C LYS A 25 8.64 -1.40 -6.40
N ILE A 26 8.00 -1.59 -5.25
CA ILE A 26 7.15 -2.75 -5.03
C ILE A 26 6.03 -2.82 -6.07
N GLY A 27 5.71 -1.67 -6.66
CA GLY A 27 4.67 -1.62 -7.66
C GLY A 27 5.09 -2.26 -8.98
N THR A 28 6.39 -2.28 -9.23
CA THR A 28 6.92 -2.86 -10.45
C THR A 28 7.28 -4.33 -10.25
N GLU A 29 7.50 -4.72 -9.01
CA GLU A 29 7.84 -6.10 -8.69
C GLU A 29 6.63 -7.02 -8.84
N SER A 30 5.47 -6.50 -8.46
CA SER A 30 4.23 -7.26 -8.54
C SER A 30 3.84 -7.52 -10.00
N VAL A 31 4.42 -6.72 -10.90
CA VAL A 31 4.13 -6.85 -12.33
C VAL A 31 4.51 -8.24 -12.83
N GLU A 32 5.38 -8.92 -12.10
CA GLU A 32 5.82 -10.26 -12.47
C GLU A 32 4.88 -11.32 -11.91
N ALA A 33 4.68 -11.28 -10.60
CA ALA A 33 3.80 -12.24 -9.94
C ALA A 33 2.42 -12.27 -10.58
N GLY A 34 2.05 -11.15 -11.21
CA GLY A 34 0.75 -11.05 -11.86
C GLY A 34 0.65 -11.95 -13.08
N ARG A 35 1.73 -12.01 -13.86
CA ARG A 35 1.76 -12.83 -15.06
C ARG A 35 2.25 -14.24 -14.74
N LEU A 36 2.96 -14.38 -13.63
CA LEU A 36 3.50 -15.67 -13.22
C LEU A 36 2.41 -16.51 -12.56
N ILE A 37 1.52 -15.86 -11.82
CA ILE A 37 0.43 -16.56 -11.15
C ILE A 37 -0.66 -16.95 -12.13
N GLU A 38 -1.11 -15.98 -12.92
CA GLU A 38 -2.15 -16.23 -13.91
C GLU A 38 -1.77 -17.37 -14.84
N LEU A 39 -0.62 -17.23 -15.49
CA LEU A 39 -0.12 -18.25 -16.42
C LEU A 39 -0.13 -19.63 -15.76
N SER A 40 0.19 -19.66 -14.47
CA SER A 40 0.22 -20.92 -13.73
C SER A 40 -1.12 -21.63 -13.80
N GLN A 41 -2.20 -20.85 -13.72
CA GLN A 41 -3.55 -21.42 -13.78
C GLN A 41 -4.00 -21.60 -15.23
N GLU A 42 -3.67 -20.62 -16.08
CA GLU A 42 -4.06 -20.68 -17.48
C GLU A 42 -3.56 -19.45 -18.24
N GLY A 43 -3.55 -18.31 -17.55
CA GLY A 43 -3.10 -17.08 -18.16
C GLY A 43 -4.25 -16.24 -18.70
N GLY A 44 -5.34 -16.90 -19.07
CA GLY A 44 -6.48 -16.21 -19.60
C GLY A 44 -7.68 -16.27 -18.67
N GLY A 45 -7.52 -15.73 -17.47
CA GLY A 45 -8.61 -15.74 -16.50
C GLY A 45 -9.38 -14.43 -16.48
N GLY A 46 -9.32 -13.72 -15.36
CA GLY A 46 -10.02 -12.46 -15.25
C GLY A 46 -9.50 -11.42 -16.23
N GLY A 47 -10.17 -11.30 -17.37
CA GLY A 47 -9.76 -10.34 -18.37
C GLY A 47 -8.29 -10.46 -18.73
N GLY A 48 -7.64 -9.31 -18.91
CA GLY A 48 -6.23 -9.32 -19.27
C GLY A 48 -5.33 -9.08 -18.06
N PRO A 49 -4.01 -9.09 -18.29
CA PRO A 49 -3.03 -8.88 -17.22
C PRO A 49 -3.03 -7.45 -16.70
N LEU A 50 -3.73 -6.57 -17.41
CA LEU A 50 -3.81 -5.16 -17.03
C LEU A 50 -4.81 -4.97 -15.89
N TYR A 51 -5.73 -5.92 -15.75
CA TYR A 51 -6.76 -5.86 -14.70
C TYR A 51 -6.12 -5.99 -13.32
N PHE A 52 -5.05 -6.77 -13.25
CA PHE A 52 -4.35 -6.99 -11.99
C PHE A 52 -3.69 -5.70 -11.50
N VAL A 53 -3.20 -4.90 -12.44
CA VAL A 53 -2.55 -3.64 -12.11
C VAL A 53 -3.57 -2.52 -11.97
N VAL A 54 -4.70 -2.66 -12.65
CA VAL A 54 -5.76 -1.66 -12.60
C VAL A 54 -6.63 -1.84 -11.36
N ASN A 55 -6.72 -3.08 -10.89
CA ASN A 55 -7.54 -3.39 -9.72
C ASN A 55 -6.70 -3.26 -8.44
N VAL A 56 -5.39 -3.40 -8.58
CA VAL A 56 -4.50 -3.29 -7.43
C VAL A 56 -4.05 -1.85 -7.21
N ILE A 57 -4.02 -1.07 -8.30
CA ILE A 57 -3.62 0.33 -8.22
C ILE A 57 -4.83 1.23 -7.99
N GLU A 58 -5.99 0.77 -8.42
CA GLU A 58 -7.23 1.53 -8.28
C GLU A 58 -7.39 2.01 -6.84
N PRO A 59 -7.47 1.04 -5.90
CA PRO A 59 -7.63 1.35 -4.47
C PRO A 59 -6.39 1.98 -3.87
N CYS A 60 -5.22 1.57 -4.35
CA CYS A 60 -3.96 2.09 -3.86
C CYS A 60 -3.83 3.59 -4.16
N LYS A 61 -4.45 4.02 -5.25
CA LYS A 61 -4.42 5.42 -5.65
C LYS A 61 -4.95 6.31 -4.53
N LYS A 62 -6.19 6.07 -4.12
CA LYS A 62 -6.81 6.84 -3.06
C LYS A 62 -5.96 6.84 -1.79
N PHE A 63 -5.15 5.79 -1.64
CA PHE A 63 -4.28 5.66 -0.48
C PHE A 63 -2.97 6.41 -0.70
N SER A 64 -2.61 6.59 -1.96
CA SER A 64 -1.37 7.28 -2.30
C SER A 64 -1.39 8.71 -1.77
N GLU A 65 -2.52 9.39 -1.94
CA GLU A 65 -2.67 10.76 -1.48
C GLU A 65 -2.51 10.85 0.04
N LEU A 66 -2.89 9.77 0.71
CA LEU A 66 -2.80 9.72 2.17
C LEU A 66 -1.35 9.82 2.64
N THR A 67 -0.44 9.28 1.82
CA THR A 67 0.99 9.31 2.14
C THR A 67 1.50 10.74 2.23
N GLY A 68 0.78 11.66 1.61
CA GLY A 68 1.18 13.06 1.63
C GLY A 68 0.47 13.85 2.70
N LEU A 69 -0.58 13.27 3.27
CA LEU A 69 -1.35 13.93 4.31
C LEU A 69 -0.78 13.63 5.69
N VAL A 70 0.03 12.59 5.77
CA VAL A 70 0.65 12.19 7.03
C VAL A 70 1.95 12.95 7.27
N PHE A 71 2.64 13.28 6.19
CA PHE A 71 3.90 14.00 6.27
C PHE A 71 3.68 15.51 6.22
N TYR A 72 2.43 15.90 5.96
CA TYR A 72 2.08 17.31 5.88
C TYR A 72 1.57 17.82 7.22
N LEU A 73 0.40 17.35 7.62
CA LEU A 73 -0.19 17.76 8.90
C LEU A 73 -0.88 16.58 9.58
N PRO A 74 -0.08 15.66 10.14
CA PRO A 74 -0.61 14.48 10.84
C PRO A 74 -1.29 14.84 12.15
N THR A 75 -2.51 14.33 12.32
CA THR A 75 -3.28 14.60 13.54
C THR A 75 -2.70 13.85 14.73
N ASP A 76 -1.75 12.95 14.46
CA ASP A 76 -1.11 12.17 15.51
C ASP A 76 -0.03 11.26 14.93
N SER A 77 0.48 10.35 15.76
CA SER A 77 1.52 9.42 15.33
C SER A 77 1.03 8.55 14.18
N GLY A 78 -0.28 8.49 14.00
CA GLY A 78 -0.86 7.68 12.94
C GLY A 78 -2.37 7.77 12.90
N GLU A 79 -2.89 8.98 13.14
CA GLU A 79 -4.34 9.19 13.11
C GLU A 79 -4.88 9.09 11.70
N LYS A 80 -4.09 9.56 10.73
CA LYS A 80 -4.50 9.52 9.33
C LYS A 80 -4.27 8.13 8.73
N MET A 81 -3.21 7.46 9.19
CA MET A 81 -2.89 6.13 8.69
C MET A 81 -3.81 5.08 9.31
N THR A 82 -3.98 5.15 10.63
CA THR A 82 -4.83 4.21 11.35
C THR A 82 -6.22 4.16 10.73
N GLU A 83 -6.65 5.27 10.15
CA GLU A 83 -7.97 5.35 9.53
C GLU A 83 -7.94 4.76 8.12
N SER A 84 -6.79 4.84 7.48
CA SER A 84 -6.63 4.31 6.12
C SER A 84 -6.47 2.80 6.14
N LYS A 85 -5.97 2.28 7.25
CA LYS A 85 -5.77 0.84 7.41
C LYS A 85 -7.10 0.10 7.35
N SER A 86 -8.18 0.82 7.60
CA SER A 86 -9.52 0.23 7.57
C SER A 86 -10.04 0.11 6.15
N VAL A 87 -9.42 0.86 5.24
CA VAL A 87 -9.81 0.83 3.82
C VAL A 87 -9.35 -0.46 3.15
N LEU A 88 -8.30 -1.06 3.69
CA LEU A 88 -7.75 -2.29 3.14
C LEU A 88 -8.72 -3.45 3.36
N LYS A 89 -9.41 -3.44 4.49
CA LYS A 89 -10.37 -4.49 4.82
C LYS A 89 -11.68 -4.29 4.07
N SER A 90 -12.05 -3.03 3.88
CA SER A 90 -13.29 -2.69 3.18
C SER A 90 -13.09 -2.76 1.67
N LEU A 91 -11.83 -2.68 1.24
CA LEU A 91 -11.49 -2.73 -0.18
C LEU A 91 -11.66 -4.13 -0.73
N THR A 92 -11.14 -5.11 -0.01
CA THR A 92 -11.23 -6.51 -0.43
C THR A 92 -12.68 -6.91 -0.69
N GLU A 93 -13.60 -6.24 -0.02
CA GLU A 93 -15.02 -6.53 -0.19
C GLU A 93 -15.43 -6.47 -1.66
N LYS A 94 -14.81 -5.54 -2.39
CA LYS A 94 -15.10 -5.39 -3.81
C LYS A 94 -14.29 -6.38 -4.65
N LEU A 95 -13.19 -6.85 -4.09
CA LEU A 95 -12.32 -7.80 -4.78
C LEU A 95 -12.91 -9.21 -4.70
N LYS A 96 -13.48 -9.55 -3.55
CA LYS A 96 -14.07 -10.86 -3.35
C LYS A 96 -15.28 -11.06 -4.26
N LYS A 97 -15.96 -9.97 -4.58
CA LYS A 97 -17.14 -10.02 -5.44
C LYS A 97 -16.74 -10.32 -6.87
N ILE A 98 -15.44 -10.24 -7.17
CA ILE A 98 -14.94 -10.51 -8.50
C ILE A 98 -15.44 -11.86 -9.01
N VAL A 99 -15.77 -12.76 -8.09
CA VAL A 99 -16.27 -14.07 -8.44
C VAL A 99 -17.52 -13.97 -9.31
N GLU A 100 -18.19 -12.82 -9.26
CA GLU A 100 -19.40 -12.61 -10.04
C GLU A 100 -19.06 -12.06 -11.43
N LEU A 101 -17.83 -11.58 -11.58
CA LEU A 101 -17.38 -11.02 -12.85
C LEU A 101 -16.82 -12.12 -13.76
N ILE A 102 -15.70 -12.70 -13.36
CA ILE A 102 -15.07 -13.76 -14.13
C ILE A 102 -14.43 -14.80 -13.22
N PRO A 103 -15.26 -15.63 -12.58
CA PRO A 103 -14.80 -16.68 -11.67
C PRO A 103 -14.08 -17.81 -12.40
N SER A 104 -12.83 -17.57 -12.76
CA SER A 104 -12.04 -18.56 -13.48
C SER A 104 -10.93 -19.12 -12.58
N THR A 105 -9.89 -18.33 -12.35
CA THR A 105 -8.77 -18.74 -11.52
C THR A 105 -9.25 -19.16 -10.14
N SER A 106 -9.34 -20.47 -9.93
CA SER A 106 -9.79 -21.01 -8.65
C SER A 106 -8.59 -21.42 -7.79
N SER A 107 -7.54 -21.90 -8.44
CA SER A 107 -6.34 -22.34 -7.73
C SER A 107 -5.51 -21.13 -7.30
N ALA A 108 -5.55 -20.06 -8.09
CA ALA A 108 -4.80 -18.85 -7.78
C ALA A 108 -5.53 -18.01 -6.73
N VAL A 109 -6.81 -18.29 -6.54
CA VAL A 109 -7.62 -17.57 -5.55
C VAL A 109 -6.93 -17.54 -4.19
N PRO A 110 -6.65 -18.73 -3.65
CA PRO A 110 -5.99 -18.87 -2.35
C PRO A 110 -4.54 -18.43 -2.38
N LEU A 111 -3.99 -18.29 -3.59
CA LEU A 111 -2.61 -17.88 -3.75
C LEU A 111 -2.48 -16.35 -3.69
N ILE A 112 -3.41 -15.66 -4.34
CA ILE A 112 -3.40 -14.21 -4.35
C ILE A 112 -3.43 -13.64 -2.93
N GLY A 113 -3.93 -14.43 -2.00
CA GLY A 113 -4.01 -14.00 -0.61
C GLY A 113 -2.67 -13.52 -0.10
N LYS A 114 -1.58 -14.04 -0.66
CA LYS A 114 -0.24 -13.66 -0.25
C LYS A 114 0.10 -12.25 -0.75
N TYR A 115 -0.35 -11.94 -1.95
CA TYR A 115 -0.10 -10.63 -2.54
C TYR A 115 -1.10 -9.59 -2.05
N MET A 116 -2.28 -10.07 -1.66
CA MET A 116 -3.33 -9.19 -1.16
C MET A 116 -2.94 -8.57 0.18
N LEU A 117 -2.80 -9.42 1.20
CA LEU A 117 -2.43 -8.96 2.53
C LEU A 117 -1.11 -8.20 2.48
N PHE A 118 -0.28 -8.49 1.49
CA PHE A 118 1.01 -7.83 1.33
C PHE A 118 0.84 -6.32 1.30
N THR A 119 -0.30 -5.86 0.78
CA THR A 119 -0.58 -4.44 0.68
C THR A 119 -0.99 -3.86 2.03
N LYS A 120 -1.52 -4.72 2.91
CA LYS A 120 -1.94 -4.30 4.24
C LYS A 120 -0.76 -4.23 5.19
N GLU A 121 0.04 -5.30 5.22
CA GLU A 121 1.20 -5.36 6.09
C GLU A 121 2.17 -4.22 5.79
N PHE A 122 2.35 -3.92 4.51
CA PHE A 122 3.25 -2.85 4.08
C PHE A 122 2.84 -1.52 4.71
N VAL A 123 1.53 -1.35 4.92
CA VAL A 123 1.00 -0.13 5.51
C VAL A 123 1.65 0.16 6.85
N GLU A 124 2.14 -0.90 7.50
CA GLU A 124 2.79 -0.75 8.80
C GLU A 124 4.10 0.02 8.68
N SER A 125 4.64 0.07 7.47
CA SER A 125 5.89 0.78 7.22
C SER A 125 5.74 2.27 7.48
N SER A 126 4.56 2.80 7.17
CA SER A 126 4.29 4.22 7.38
C SER A 126 4.27 4.56 8.86
N ILE A 127 3.44 3.85 9.62
CA ILE A 127 3.32 4.08 11.05
C ILE A 127 4.62 3.73 11.77
N LYS A 128 5.41 2.85 11.16
CA LYS A 128 6.68 2.43 11.73
C LYS A 128 7.73 3.53 11.60
N ILE A 129 7.93 4.00 10.38
CA ILE A 129 8.91 5.06 10.12
C ILE A 129 8.58 6.31 10.92
N THR A 130 7.31 6.74 10.87
CA THR A 130 6.87 7.92 11.59
C THR A 130 7.07 7.75 13.09
N GLU A 131 7.13 6.50 13.54
CA GLU A 131 7.31 6.21 14.96
C GLU A 131 8.62 6.80 15.47
N GLU A 132 9.52 7.12 14.55
CA GLU A 132 10.82 7.70 14.91
C GLU A 132 10.71 9.21 15.09
N VAL A 133 9.67 9.80 14.52
CA VAL A 133 9.44 11.24 14.61
C VAL A 133 8.67 11.59 15.87
N ILE A 134 7.89 10.64 16.38
CA ILE A 134 7.11 10.86 17.58
C ILE A 134 7.98 10.76 18.83
N ASN A 135 9.10 10.07 18.71
CA ASN A 135 10.02 9.90 19.83
C ASN A 135 10.94 11.10 19.96
N THR A 136 11.14 11.82 18.86
CA THR A 136 12.00 13.00 18.85
C THR A 136 11.18 14.28 19.03
N HIS A 137 10.05 14.35 18.31
CA HIS A 137 9.19 15.52 18.39
C HIS A 137 8.66 15.71 19.80
N HIS A 138 8.50 14.61 20.52
CA HIS A 138 8.00 14.65 21.89
C HIS A 138 9.09 15.12 22.86
N ARG A 139 10.25 14.48 22.79
CA ARG A 139 11.36 14.84 23.65
C ARG A 139 11.67 16.34 23.57
N SER A 140 12.27 16.75 22.47
CA SER A 140 12.62 18.16 22.26
C SER A 140 11.55 18.85 21.41
N MET A 1 19.56 20.19 24.67
CA MET A 1 18.60 21.24 24.28
C MET A 1 19.14 22.05 23.11
N ALA A 2 18.24 22.70 22.39
CA ALA A 2 18.61 23.53 21.25
C ALA A 2 19.39 22.70 20.22
N HIS A 3 18.78 21.63 19.75
CA HIS A 3 19.41 20.76 18.75
C HIS A 3 18.88 21.06 17.35
N HIS A 4 19.39 20.32 16.37
CA HIS A 4 18.98 20.51 14.98
C HIS A 4 17.63 19.83 14.73
N HIS A 5 17.19 19.87 13.48
CA HIS A 5 15.91 19.26 13.09
C HIS A 5 14.77 19.83 13.92
N HIS A 6 14.44 21.10 13.68
CA HIS A 6 13.37 21.77 14.40
C HIS A 6 12.13 21.89 13.53
N HIS A 7 10.96 21.70 14.13
CA HIS A 7 9.70 21.79 13.41
C HIS A 7 9.66 20.81 12.24
N HIS A 8 9.10 19.63 12.48
CA HIS A 8 9.01 18.61 11.44
C HIS A 8 8.34 19.16 10.18
N ALA A 9 9.13 19.35 9.13
CA ALA A 9 8.61 19.88 7.87
C ALA A 9 9.64 19.74 6.76
N MET A 10 10.86 20.18 7.02
CA MET A 10 11.94 20.10 6.04
C MET A 10 12.52 18.70 5.97
N VAL A 11 12.73 18.10 7.15
CA VAL A 11 13.28 16.75 7.21
C VAL A 11 12.17 15.70 7.22
N ILE A 12 10.95 16.14 7.55
CA ILE A 12 9.81 15.24 7.59
C ILE A 12 9.20 15.06 6.21
N ASP A 13 9.36 16.08 5.36
CA ASP A 13 8.83 16.03 4.01
C ASP A 13 9.73 15.20 3.09
N HIS A 14 10.98 15.02 3.51
CA HIS A 14 11.95 14.25 2.74
C HIS A 14 11.70 12.76 2.90
N ILE A 15 11.25 12.37 4.08
CA ILE A 15 10.97 10.96 4.37
C ILE A 15 9.82 10.44 3.51
N LEU A 16 8.95 11.35 3.08
CA LEU A 16 7.81 10.98 2.24
C LEU A 16 8.26 10.23 1.00
N LYS A 17 9.32 10.73 0.36
CA LYS A 17 9.85 10.10 -0.84
C LYS A 17 10.45 8.73 -0.51
N CYS A 18 10.75 8.52 0.76
CA CYS A 18 11.34 7.25 1.20
C CYS A 18 10.27 6.16 1.27
N VAL A 19 9.09 6.52 1.75
CA VAL A 19 7.99 5.56 1.87
C VAL A 19 7.17 5.52 0.60
N PHE A 20 7.15 6.62 -0.14
CA PHE A 20 6.40 6.71 -1.38
C PHE A 20 7.18 6.07 -2.52
N ASP A 21 8.49 5.91 -2.34
CA ASP A 21 9.34 5.32 -3.36
C ASP A 21 9.02 3.84 -3.55
N LYS A 22 9.01 3.09 -2.46
CA LYS A 22 8.71 1.66 -2.51
C LYS A 22 7.28 1.44 -2.97
N ILE A 23 6.37 2.33 -2.58
CA ILE A 23 4.97 2.21 -2.95
C ILE A 23 4.82 2.10 -4.47
N CYS A 24 5.71 2.76 -5.20
CA CYS A 24 5.67 2.73 -6.66
C CYS A 24 6.33 1.46 -7.18
N LYS A 25 7.22 0.88 -6.39
CA LYS A 25 7.91 -0.35 -6.78
C LYS A 25 7.02 -1.57 -6.56
N ILE A 26 6.42 -1.66 -5.38
CA ILE A 26 5.54 -2.77 -5.04
C ILE A 26 4.41 -2.89 -6.05
N GLY A 27 4.09 -1.78 -6.72
CA GLY A 27 3.01 -1.79 -7.69
C GLY A 27 3.46 -2.32 -9.04
N THR A 28 4.75 -2.17 -9.34
CA THR A 28 5.31 -2.64 -10.60
C THR A 28 5.82 -4.08 -10.48
N GLU A 29 6.10 -4.50 -9.26
CA GLU A 29 6.60 -5.84 -9.00
C GLU A 29 5.46 -6.84 -8.90
N SER A 30 4.32 -6.37 -8.41
CA SER A 30 3.14 -7.22 -8.25
C SER A 30 2.56 -7.59 -9.61
N VAL A 31 2.93 -6.83 -10.64
CA VAL A 31 2.45 -7.08 -11.98
C VAL A 31 3.04 -8.37 -12.55
N GLU A 32 4.15 -8.82 -11.97
CA GLU A 32 4.81 -10.03 -12.42
C GLU A 32 4.21 -11.26 -11.73
N ALA A 33 4.28 -11.28 -10.40
CA ALA A 33 3.74 -12.39 -9.62
C ALA A 33 2.26 -12.62 -9.94
N GLY A 34 1.60 -11.59 -10.47
CA GLY A 34 0.20 -11.70 -10.81
C GLY A 34 -0.02 -12.40 -12.12
N ARG A 35 0.85 -12.15 -13.10
CA ARG A 35 0.74 -12.76 -14.40
C ARG A 35 1.47 -14.11 -14.44
N LEU A 36 2.45 -14.27 -13.56
CA LEU A 36 3.22 -15.50 -13.49
C LEU A 36 2.44 -16.59 -12.75
N ILE A 37 1.75 -16.19 -11.69
CA ILE A 37 0.96 -17.13 -10.90
C ILE A 37 -0.33 -17.51 -11.63
N GLU A 38 -1.09 -16.49 -12.01
CA GLU A 38 -2.36 -16.72 -12.72
C GLU A 38 -2.16 -17.65 -13.90
N LEU A 39 -1.23 -17.29 -14.79
CA LEU A 39 -0.94 -18.10 -15.97
C LEU A 39 -0.72 -19.55 -15.59
N SER A 40 -0.08 -19.78 -14.45
CA SER A 40 0.19 -21.13 -13.98
C SER A 40 -1.10 -21.89 -13.74
N GLN A 41 -2.09 -21.22 -13.15
CA GLN A 41 -3.38 -21.84 -12.87
C GLN A 41 -4.22 -21.95 -14.13
N GLU A 42 -4.18 -20.91 -14.95
CA GLU A 42 -4.95 -20.89 -16.20
C GLU A 42 -4.70 -19.60 -16.97
N GLY A 43 -4.53 -18.50 -16.24
CA GLY A 43 -4.29 -17.22 -16.88
C GLY A 43 -5.56 -16.56 -17.36
N GLY A 44 -6.70 -17.20 -17.09
CA GLY A 44 -7.98 -16.66 -17.50
C GLY A 44 -8.18 -15.23 -17.04
N GLY A 45 -9.00 -14.48 -17.77
CA GLY A 45 -9.25 -13.10 -17.41
C GLY A 45 -10.04 -12.36 -18.48
N GLY A 46 -10.99 -11.55 -18.05
CA GLY A 46 -11.81 -10.79 -18.99
C GLY A 46 -10.97 -10.00 -19.97
N GLY A 47 -10.61 -8.78 -19.59
CA GLY A 47 -9.80 -7.93 -20.44
C GLY A 47 -8.38 -8.43 -20.57
N GLY A 48 -7.43 -7.51 -20.45
CA GLY A 48 -6.02 -7.87 -20.56
C GLY A 48 -5.37 -8.06 -19.21
N PRO A 49 -4.07 -8.38 -19.22
CA PRO A 49 -3.29 -8.60 -17.99
C PRO A 49 -3.09 -7.31 -17.20
N LEU A 50 -3.41 -6.17 -17.82
CA LEU A 50 -3.25 -4.87 -17.18
C LEU A 50 -4.42 -4.59 -16.23
N TYR A 51 -5.54 -5.27 -16.46
CA TYR A 51 -6.72 -5.10 -15.64
C TYR A 51 -6.39 -5.26 -14.16
N PHE A 52 -5.39 -6.09 -13.87
CA PHE A 52 -4.96 -6.34 -12.50
C PHE A 52 -4.38 -5.07 -11.88
N VAL A 53 -3.50 -4.41 -12.64
CA VAL A 53 -2.87 -3.18 -12.16
C VAL A 53 -3.81 -2.00 -12.26
N VAL A 54 -4.76 -2.08 -13.19
CA VAL A 54 -5.73 -1.01 -13.39
C VAL A 54 -6.83 -1.07 -12.35
N ASN A 55 -7.15 -2.27 -11.89
CA ASN A 55 -8.19 -2.47 -10.89
C ASN A 55 -7.61 -2.38 -9.48
N VAL A 56 -6.33 -2.67 -9.36
CA VAL A 56 -5.65 -2.62 -8.07
C VAL A 56 -5.17 -1.21 -7.75
N ILE A 57 -4.56 -0.56 -8.73
CA ILE A 57 -4.05 0.79 -8.56
C ILE A 57 -5.19 1.80 -8.56
N GLU A 58 -6.31 1.43 -9.16
CA GLU A 58 -7.48 2.31 -9.22
C GLU A 58 -7.84 2.84 -7.84
N PRO A 59 -8.15 1.92 -6.91
CA PRO A 59 -8.53 2.27 -5.55
C PRO A 59 -7.35 2.82 -4.74
N CYS A 60 -6.15 2.30 -5.05
CA CYS A 60 -4.94 2.73 -4.36
C CYS A 60 -4.65 4.21 -4.63
N LYS A 61 -5.06 4.68 -5.81
CA LYS A 61 -4.85 6.06 -6.19
C LYS A 61 -5.47 7.02 -5.16
N LYS A 62 -6.77 6.88 -4.96
CA LYS A 62 -7.48 7.72 -4.00
C LYS A 62 -6.86 7.64 -2.62
N PHE A 63 -6.19 6.52 -2.35
CA PHE A 63 -5.54 6.31 -1.06
C PHE A 63 -4.15 6.95 -1.05
N SER A 64 -3.57 7.11 -2.23
CA SER A 64 -2.23 7.69 -2.36
C SER A 64 -2.17 9.04 -1.65
N GLU A 65 -3.25 9.81 -1.76
CA GLU A 65 -3.33 11.13 -1.13
C GLU A 65 -3.07 11.03 0.37
N LEU A 66 -3.39 9.87 0.94
CA LEU A 66 -3.20 9.64 2.37
C LEU A 66 -1.72 9.63 2.73
N THR A 67 -0.90 9.12 1.82
CA THR A 67 0.54 9.05 2.04
C THR A 67 1.14 10.44 2.19
N GLY A 68 0.41 11.45 1.71
CA GLY A 68 0.89 12.82 1.79
C GLY A 68 0.25 13.58 2.93
N LEU A 69 -0.83 13.04 3.49
CA LEU A 69 -1.52 13.67 4.60
C LEU A 69 -0.97 13.19 5.94
N VAL A 70 -0.11 12.19 5.89
CA VAL A 70 0.49 11.64 7.10
C VAL A 70 1.85 12.26 7.37
N PHE A 71 2.55 12.62 6.30
CA PHE A 71 3.87 13.23 6.41
C PHE A 71 3.79 14.75 6.29
N TYR A 72 2.56 15.25 6.13
CA TYR A 72 2.34 16.69 6.00
C TYR A 72 1.37 17.19 7.06
N LEU A 73 0.17 16.63 7.07
CA LEU A 73 -0.85 17.01 8.04
C LEU A 73 -1.16 15.86 9.00
N PRO A 74 -0.21 15.60 9.92
CA PRO A 74 -0.37 14.52 10.91
C PRO A 74 -1.43 14.84 11.95
N THR A 75 -2.35 13.90 12.16
CA THR A 75 -3.42 14.08 13.12
C THR A 75 -3.14 13.30 14.41
N ASP A 76 -2.19 12.38 14.34
CA ASP A 76 -1.82 11.57 15.50
C ASP A 76 -0.67 10.64 15.16
N SER A 77 -0.37 9.72 16.07
CA SER A 77 0.72 8.77 15.88
C SER A 77 0.44 7.87 14.69
N GLY A 78 -0.81 7.84 14.24
CA GLY A 78 -1.18 7.02 13.11
C GLY A 78 -2.66 7.14 12.77
N GLU A 79 -3.18 8.35 12.85
CA GLU A 79 -4.58 8.60 12.55
C GLU A 79 -4.87 8.38 11.07
N LYS A 80 -4.26 9.21 10.23
CA LYS A 80 -4.45 9.11 8.78
C LYS A 80 -3.88 7.79 8.25
N MET A 81 -2.99 7.19 9.02
CA MET A 81 -2.37 5.93 8.64
C MET A 81 -3.31 4.76 8.92
N THR A 82 -3.68 4.59 10.19
CA THR A 82 -4.56 3.51 10.58
C THR A 82 -5.88 3.58 9.83
N GLU A 83 -6.27 4.78 9.41
CA GLU A 83 -7.50 4.97 8.68
C GLU A 83 -7.36 4.51 7.24
N SER A 84 -6.12 4.42 6.77
CA SER A 84 -5.85 3.99 5.40
C SER A 84 -5.82 2.47 5.30
N LYS A 85 -5.50 1.82 6.42
CA LYS A 85 -5.44 0.37 6.46
C LYS A 85 -6.82 -0.24 6.21
N SER A 86 -7.83 0.32 6.86
CA SER A 86 -9.20 -0.17 6.73
C SER A 86 -9.69 -0.02 5.29
N VAL A 87 -9.00 0.82 4.51
CA VAL A 87 -9.34 1.03 3.12
C VAL A 87 -8.87 -0.11 2.24
N LEU A 88 -7.86 -0.83 2.72
CA LEU A 88 -7.31 -1.96 1.98
C LEU A 88 -8.12 -3.24 2.24
N LYS A 89 -8.62 -3.37 3.47
CA LYS A 89 -9.40 -4.53 3.85
C LYS A 89 -10.83 -4.43 3.32
N SER A 90 -11.34 -3.20 3.26
CA SER A 90 -12.70 -2.97 2.77
C SER A 90 -12.72 -2.91 1.25
N LEU A 91 -11.56 -2.66 0.66
CA LEU A 91 -11.45 -2.58 -0.79
C LEU A 91 -11.52 -3.96 -1.42
N THR A 92 -10.73 -4.90 -0.88
CA THR A 92 -10.70 -6.26 -1.39
C THR A 92 -12.12 -6.85 -1.46
N GLU A 93 -13.00 -6.36 -0.59
CA GLU A 93 -14.37 -6.84 -0.57
C GLU A 93 -15.02 -6.76 -1.95
N LYS A 94 -14.65 -5.73 -2.70
CA LYS A 94 -15.18 -5.53 -4.05
C LYS A 94 -14.40 -6.35 -5.07
N LEU A 95 -13.17 -6.70 -4.73
CA LEU A 95 -12.32 -7.49 -5.61
C LEU A 95 -12.65 -8.98 -5.49
N LYS A 96 -13.17 -9.37 -4.34
CA LYS A 96 -13.53 -10.76 -4.10
C LYS A 96 -14.71 -11.19 -4.98
N LYS A 97 -15.59 -10.23 -5.27
CA LYS A 97 -16.75 -10.50 -6.11
C LYS A 97 -16.34 -10.79 -7.54
N ILE A 98 -15.07 -10.51 -7.86
CA ILE A 98 -14.55 -10.74 -9.20
C ILE A 98 -14.82 -12.17 -9.66
N VAL A 99 -14.98 -13.07 -8.69
CA VAL A 99 -15.26 -14.47 -9.00
C VAL A 99 -16.51 -14.61 -9.85
N GLU A 100 -17.37 -13.59 -9.81
CA GLU A 100 -18.61 -13.62 -10.58
C GLU A 100 -18.38 -13.08 -11.99
N LEU A 101 -17.29 -12.35 -12.16
CA LEU A 101 -16.95 -11.77 -13.47
C LEU A 101 -16.13 -12.75 -14.30
N ILE A 102 -14.90 -12.98 -13.89
CA ILE A 102 -14.01 -13.90 -14.59
C ILE A 102 -13.22 -14.77 -13.61
N PRO A 103 -13.91 -15.75 -13.01
CA PRO A 103 -13.29 -16.67 -12.04
C PRO A 103 -12.32 -17.63 -12.70
N SER A 104 -11.06 -17.21 -12.82
CA SER A 104 -10.03 -18.03 -13.44
C SER A 104 -9.99 -19.41 -12.80
N THR A 105 -9.45 -19.47 -11.57
CA THR A 105 -9.35 -20.73 -10.85
C THR A 105 -9.60 -20.54 -9.36
N SER A 106 -10.05 -21.60 -8.70
CA SER A 106 -10.33 -21.53 -7.26
C SER A 106 -9.08 -21.85 -6.46
N SER A 107 -8.05 -22.37 -7.11
CA SER A 107 -6.80 -22.72 -6.45
C SER A 107 -5.98 -21.47 -6.16
N ALA A 108 -6.08 -20.48 -7.05
CA ALA A 108 -5.35 -19.23 -6.88
C ALA A 108 -6.06 -18.29 -5.91
N VAL A 109 -7.35 -18.57 -5.68
CA VAL A 109 -8.14 -17.76 -4.76
C VAL A 109 -7.46 -17.61 -3.41
N PRO A 110 -7.17 -18.75 -2.76
CA PRO A 110 -6.52 -18.78 -1.46
C PRO A 110 -5.06 -18.35 -1.54
N LEU A 111 -4.52 -18.29 -2.75
CA LEU A 111 -3.13 -17.89 -2.96
C LEU A 111 -3.00 -16.37 -2.99
N ILE A 112 -3.93 -15.72 -3.68
CA ILE A 112 -3.91 -14.26 -3.78
C ILE A 112 -3.96 -13.61 -2.40
N GLY A 113 -4.49 -14.34 -1.42
CA GLY A 113 -4.58 -13.83 -0.08
C GLY A 113 -3.22 -13.47 0.50
N LYS A 114 -2.17 -14.05 -0.07
CA LYS A 114 -0.82 -13.79 0.39
C LYS A 114 -0.26 -12.52 -0.23
N TYR A 115 -0.42 -12.38 -1.54
CA TYR A 115 0.05 -11.21 -2.25
C TYR A 115 -0.75 -9.97 -1.88
N MET A 116 -2.06 -10.13 -1.78
CA MET A 116 -2.95 -9.03 -1.42
C MET A 116 -2.57 -8.45 -0.06
N LEU A 117 -2.42 -9.32 0.92
CA LEU A 117 -2.05 -8.89 2.27
C LEU A 117 -0.65 -8.29 2.30
N PHE A 118 0.17 -8.71 1.34
CA PHE A 118 1.55 -8.22 1.26
C PHE A 118 1.58 -6.69 1.25
N THR A 119 0.73 -6.09 0.44
CA THR A 119 0.65 -4.64 0.34
C THR A 119 0.05 -4.04 1.61
N LYS A 120 -0.78 -4.81 2.30
CA LYS A 120 -1.42 -4.36 3.52
C LYS A 120 -0.42 -4.31 4.67
N GLU A 121 0.49 -5.28 4.71
CA GLU A 121 1.50 -5.35 5.75
C GLU A 121 2.55 -4.27 5.56
N PHE A 122 2.83 -3.93 4.31
CA PHE A 122 3.82 -2.91 3.99
C PHE A 122 3.37 -1.53 4.48
N VAL A 123 2.04 -1.35 4.55
CA VAL A 123 1.48 -0.08 5.00
C VAL A 123 1.95 0.25 6.41
N GLU A 124 2.28 -0.77 7.19
CA GLU A 124 2.74 -0.58 8.56
C GLU A 124 4.05 0.19 8.58
N SER A 125 4.76 0.19 7.46
CA SER A 125 6.03 0.89 7.36
C SER A 125 5.87 2.38 7.69
N SER A 126 4.65 2.88 7.52
CA SER A 126 4.36 4.28 7.78
C SER A 126 4.63 4.62 9.25
N ILE A 127 4.11 3.79 10.14
CA ILE A 127 4.30 4.00 11.57
C ILE A 127 5.68 3.53 12.02
N LYS A 128 6.22 2.55 11.30
CA LYS A 128 7.54 2.01 11.62
C LYS A 128 8.64 3.02 11.29
N ILE A 129 8.50 3.70 10.17
CA ILE A 129 9.47 4.70 9.75
C ILE A 129 9.39 5.96 10.61
N THR A 130 8.18 6.49 10.75
CA THR A 130 7.95 7.69 11.54
C THR A 130 8.37 7.46 13.00
N GLU A 131 8.39 6.20 13.41
CA GLU A 131 8.75 5.85 14.78
C GLU A 131 10.17 6.32 15.09
N GLU A 132 10.95 6.60 14.04
CA GLU A 132 12.32 7.05 14.21
C GLU A 132 12.37 8.56 14.43
N VAL A 133 11.40 9.26 13.88
CA VAL A 133 11.33 10.71 14.02
C VAL A 133 11.20 11.12 15.49
N ILE A 134 10.79 10.18 16.33
CA ILE A 134 10.63 10.44 17.75
C ILE A 134 11.97 10.79 18.39
N ASN A 135 13.06 10.37 17.75
CA ASN A 135 14.39 10.64 18.27
C ASN A 135 14.58 12.12 18.53
N THR A 136 13.90 12.95 17.75
CA THR A 136 13.99 14.40 17.90
C THR A 136 12.93 14.92 18.86
N HIS A 137 11.74 14.31 18.81
CA HIS A 137 10.64 14.71 19.67
C HIS A 137 10.97 14.43 21.13
N HIS A 138 12.00 13.62 21.36
CA HIS A 138 12.41 13.28 22.72
C HIS A 138 13.48 14.24 23.22
N ARG A 139 14.46 14.53 22.36
CA ARG A 139 15.54 15.43 22.72
C ARG A 139 15.00 16.82 23.08
N SER A 140 14.60 17.56 22.06
CA SER A 140 14.07 18.90 22.27
C SER A 140 12.88 19.17 21.34
#